data_7QQS
#
_entry.id   7QQS
#
_cell.length_a   177.906
_cell.length_b   67.055
_cell.length_c   187.397
_cell.angle_alpha   90.000
_cell.angle_beta   111.107
_cell.angle_gamma   90.000
#
_symmetry.space_group_name_H-M   'C 1 2 1'
#
loop_
_entity.id
_entity.type
_entity.pdbx_description
1 polymer 'FANCF sgRNA'
2 polymer 'CRISPR-associated endonuclease Cas9/Csn1'
3 polymer 'FANCF on-target target strand'
4 polymer 'FANCF on-target non-target strand'
5 non-polymer 'MAGNESIUM ION'
6 non-polymer 'POTASSIUM ION'
7 water water
#
loop_
_entity_poly.entity_id
_entity_poly.type
_entity_poly.pdbx_seq_one_letter_code
_entity_poly.pdbx_strand_id
1 'polyribonucleotide'
;GGGGAAUCCCUUCUGCAGCACCGUUUUAGAGCUAGAAAUAGCAAGUUAAAAUAAGGCUAGUCCGUUAUCAACUUGAAAAA
GUGA
;
A
2 'polypeptide(L)'
;MDKKYSIGLAIGTNSVGWAVITDEYKVPSKKFKVLGNTDRHSIKKNLIGALLFDSGETAEATRLKRTARRRYTRRKNRIC
YLQEIFSNEMAKVDDSFFHRLEESFLVEEDKKHERHPIFGNIVDEVAYHEKYPTIYHLRKKLVDSTDKADLRLIYLALAH
MIKFRGHFLIEGDLNPDNSDVDKLFIQLVQTYNQLFEENPINASGVDAKAILSARLSKSRRLENLIAQLPGEKKNGLFGN
LIALSLGLTPNFKSNFDLAEDAKLQLSKDTYDDDLDNLLAQIGDQYADLFLAAKNLSDAILLSDILRVNTEITKAPLSAS
MIKRYDEHHQDLTLLKALVRQQLPEKYKEIFFDQSKNGYAGYIDGGASQEEFYKFIKPILEKMDGTEELLVKLNREDLLR
KQRTFDNGSIPHQIHLGELHAILRRQEDFYPFLKDNREKIEKILTFRIPYYVGPLARGNSRFAWMTRKSEETITPWNFEE
VVDKGASAQSFIERMTNFDKNLPNEKVLPKHSLLYEYFTVYNELTKVKYVTEGMRKPAFLSGEQKKAIVDLLFKTNRKVT
VKQLKEDYFKKIECFDSVEISGVEDRFNASLGTYHDLLKIIKDKDFLDNEENEDILEDIVLTLTLFEDREMIEERLKTYA
HLFDDKVMKQLKRRRYTGWGRLSRKLINGIRDKQSGKTILDFLKSDGFANRNFMQLIHDDSLTFKEDIQKAQVSGQGDSL
HEHIANLAGSPAIKKGILQTVKVVDELVKVMGRHKPENIVIEMARENQTTQKGQKNSRERMKRIEEGIKELGSQILKEHP
VENTQLQNEKLYLYYLQNGRDMYVDQELDINRLSDYDVDAIVPQSFLKDDSIDNKVLTRSDKNRGKSDNVPSEEVVKKMK
NYWRQLLNAKLITQRKFDNLTKAERGGLSELDKAGFIKRQLVETRQITKHVAQILDSRMNTKYDENDKLIREVKVITLKS
KLVSDFRKDFQFYKVREINNYHHAHDAYLNAVVGTALIKKYPKLESEFVYGDYKVYDVRKMIAKSEQEIGKATAKYFFYS
NIMNFFKTEITLANGEIRKRPLIETNGETGEIVWDKGRDFATVRKVLSMPQVNIVKKTEVQTGGFSKESILPKRNSDKLI
ARKKDWDPKKYGGFDSPTVAYSVLVVAKVEKGKSKKLKSVKELLGITIMERSSFEKNPIDFLEAKGYKEVKKDLIIKLPK
YSLFELENGRKRMLASAGELQKGNELALPSKYVNFLYLASHYEKLKGSPEDNEQKQLFVEQHKHYLDEIIEQISEFSKRV
ILADANLDKVLSAYNKHRDKPIREQAENIIHLFTLTNLGAPAAFKYFDTTIDRKRYTSTKEVLDATLIHQSITGLYETRI
DLSQLGGD
;
B
3 'polydeoxyribonucleotide'
;(DC)(DA)(DA)(DT)(DA)(DC)(DC)(DA)(DG)(DG)(DT)(DG)(DC)(DT)(DG)(DC)(DA)(DG)(DA)(DA)
(DG)(DG)(DG)(DA)(DT)(DT)(DC)(DC)
;
C
4 'polydeoxyribonucleotide' (DC)(DA)(DC)(DC)(DT)(DG)(DG)(DT)(DA)(DT)(DT)(DG) D
#
loop_
_chem_comp.id
_chem_comp.type
_chem_comp.name
_chem_comp.formula
A RNA linking ADENOSINE-5'-MONOPHOSPHATE 'C10 H14 N5 O7 P'
C RNA linking CYTIDINE-5'-MONOPHOSPHATE 'C9 H14 N3 O8 P'
DA DNA linking 2'-DEOXYADENOSINE-5'-MONOPHOSPHATE 'C10 H14 N5 O6 P'
DC DNA linking 2'-DEOXYCYTIDINE-5'-MONOPHOSPHATE 'C9 H14 N3 O7 P'
DG DNA linking 2'-DEOXYGUANOSINE-5'-MONOPHOSPHATE 'C10 H14 N5 O7 P'
DT DNA linking THYMIDINE-5'-MONOPHOSPHATE 'C10 H15 N2 O8 P'
G RNA linking GUANOSINE-5'-MONOPHOSPHATE 'C10 H14 N5 O8 P'
K non-polymer 'POTASSIUM ION' 'K 1'
MG non-polymer 'MAGNESIUM ION' 'Mg 2'
U RNA linking URIDINE-5'-MONOPHOSPHATE 'C9 H13 N2 O9 P'
#
# COMPACT_ATOMS: atom_id res chain seq x y z
N LYS B 3 15.64 36.20 -29.14
CA LYS B 3 14.42 36.00 -28.37
C LYS B 3 14.66 34.99 -27.24
N LYS B 4 14.65 35.49 -26.01
CA LYS B 4 14.94 34.68 -24.84
C LYS B 4 13.70 34.54 -23.97
N TYR B 5 13.58 33.37 -23.34
CA TYR B 5 12.40 33.02 -22.56
C TYR B 5 12.76 31.89 -21.61
N SER B 6 11.94 31.73 -20.58
CA SER B 6 12.06 30.64 -19.63
C SER B 6 10.73 29.91 -19.50
N ILE B 7 10.77 28.71 -18.93
CA ILE B 7 9.62 27.84 -18.77
C ILE B 7 9.44 27.52 -17.30
N GLY B 8 8.23 27.72 -16.81
CA GLY B 8 7.85 27.29 -15.47
C GLY B 8 6.91 26.09 -15.54
N LEU B 9 7.14 25.12 -14.67
CA LEU B 9 6.41 23.86 -14.66
C LEU B 9 5.94 23.53 -13.25
N ALA B 10 4.69 23.07 -13.15
CA ALA B 10 4.07 22.64 -11.90
C ALA B 10 3.61 21.20 -12.10
N ILE B 11 4.35 20.26 -11.53
CA ILE B 11 4.18 18.83 -11.78
C ILE B 11 3.32 18.23 -10.67
N GLY B 12 2.14 17.74 -11.03
CA GLY B 12 1.23 17.12 -10.08
C GLY B 12 0.81 15.73 -10.51
N THR B 13 0.01 15.10 -9.64
CA THR B 13 -0.51 13.77 -9.93
C THR B 13 -1.69 13.79 -10.90
N ASN B 14 -2.33 14.93 -11.07
CA ASN B 14 -3.47 15.06 -11.98
C ASN B 14 -3.34 16.27 -12.89
N SER B 15 -2.17 16.90 -12.95
CA SER B 15 -2.03 18.14 -13.69
C SER B 15 -0.55 18.44 -13.92
N VAL B 16 -0.26 19.04 -15.07
CA VAL B 16 1.01 19.70 -15.33
C VAL B 16 0.70 21.12 -15.75
N GLY B 17 0.96 22.08 -14.88
CA GLY B 17 0.89 23.48 -15.27
C GLY B 17 2.17 23.91 -15.96
N TRP B 18 2.03 24.81 -16.93
CA TRP B 18 3.16 25.25 -17.73
C TRP B 18 2.99 26.71 -18.11
N ALA B 19 4.10 27.43 -18.18
CA ALA B 19 4.06 28.82 -18.59
C ALA B 19 5.39 29.22 -19.23
N VAL B 20 5.30 30.15 -20.17
CA VAL B 20 6.47 30.72 -20.84
C VAL B 20 6.57 32.18 -20.44
N ILE B 21 7.74 32.59 -19.95
CA ILE B 21 7.98 33.98 -19.57
C ILE B 21 9.12 34.55 -20.41
N THR B 22 9.12 35.87 -20.58
CA THR B 22 10.18 36.56 -21.31
C THR B 22 11.13 37.24 -20.32
N ASP B 23 11.88 38.23 -20.82
CA ASP B 23 12.86 38.93 -19.99
C ASP B 23 12.20 39.73 -18.88
N GLU B 24 11.01 40.28 -19.13
CA GLU B 24 10.31 41.12 -18.17
C GLU B 24 9.27 40.35 -17.38
N TYR B 25 9.46 39.04 -17.23
CA TYR B 25 8.51 38.18 -16.51
C TYR B 25 7.13 38.24 -17.14
N LYS B 26 7.06 38.56 -18.43
CA LYS B 26 5.82 38.59 -19.20
C LYS B 26 5.58 37.27 -19.89
N VAL B 27 4.32 37.01 -20.21
CA VAL B 27 3.91 35.79 -20.89
C VAL B 27 3.58 36.15 -22.34
N PRO B 28 4.29 35.61 -23.32
CA PRO B 28 4.01 35.96 -24.72
C PRO B 28 2.64 35.48 -25.14
N SER B 29 2.19 36.01 -26.28
CA SER B 29 1.02 35.51 -26.97
C SER B 29 1.33 35.44 -28.45
N LYS B 30 0.83 34.40 -29.10
CA LYS B 30 1.12 34.16 -30.52
C LYS B 30 -0.16 33.86 -31.27
N LYS B 31 -0.16 34.17 -32.56
CA LYS B 31 -1.15 33.61 -33.46
C LYS B 31 -0.71 32.19 -33.84
N PHE B 32 -1.60 31.23 -33.63
CA PHE B 32 -1.36 29.84 -33.98
C PHE B 32 -2.31 29.43 -35.10
N LYS B 33 -1.77 28.69 -36.06
CA LYS B 33 -2.60 28.18 -37.15
C LYS B 33 -3.64 27.22 -36.63
N VAL B 34 -4.83 27.29 -37.21
CA VAL B 34 -5.93 26.38 -36.90
C VAL B 34 -6.25 25.56 -38.14
N LEU B 35 -6.31 24.24 -37.98
CA LEU B 35 -6.61 23.34 -39.07
C LEU B 35 -8.07 22.87 -38.99
N GLY B 36 -8.50 22.19 -40.05
CA GLY B 36 -9.84 21.63 -40.10
C GLY B 36 -10.65 22.20 -41.25
N ASN B 37 -11.96 22.31 -41.03
CA ASN B 37 -12.90 22.67 -42.09
C ASN B 37 -13.80 23.83 -41.68
N THR B 38 -13.33 24.71 -40.80
CA THR B 38 -14.16 25.79 -40.28
C THR B 38 -13.74 27.14 -40.87
N ASP B 39 -14.47 28.19 -40.49
CA ASP B 39 -14.11 29.55 -40.85
C ASP B 39 -12.70 29.89 -40.42
N ARG B 40 -12.34 29.47 -39.22
CA ARG B 40 -11.17 30.02 -38.53
C ARG B 40 -9.89 29.39 -39.06
N HIS B 41 -8.93 30.24 -39.41
CA HIS B 41 -7.63 29.79 -39.87
C HIS B 41 -6.54 29.93 -38.83
N SER B 42 -6.78 30.69 -37.76
CA SER B 42 -5.76 30.97 -36.76
C SER B 42 -6.46 31.50 -35.51
N ILE B 43 -5.70 31.55 -34.42
CA ILE B 43 -6.25 31.95 -33.13
C ILE B 43 -5.14 32.51 -32.26
N LYS B 44 -5.46 33.49 -31.44
CA LYS B 44 -4.50 34.09 -30.52
C LYS B 44 -4.46 33.30 -29.22
N LYS B 45 -3.26 32.88 -28.82
CA LYS B 45 -3.08 32.07 -27.63
C LYS B 45 -2.04 32.73 -26.73
N ASN B 46 -2.39 32.87 -25.45
CA ASN B 46 -1.38 33.15 -24.43
C ASN B 46 -0.58 31.89 -24.16
N LEU B 47 0.72 32.06 -23.93
CA LEU B 47 1.61 30.92 -23.71
C LEU B 47 1.62 30.48 -22.25
N ILE B 48 0.45 30.18 -21.71
CA ILE B 48 0.29 29.70 -20.35
C ILE B 48 -0.89 28.74 -20.31
N GLY B 49 -0.76 27.66 -19.56
CA GLY B 49 -1.84 26.70 -19.52
C GLY B 49 -1.57 25.57 -18.55
N ALA B 50 -2.45 24.57 -18.60
CA ALA B 50 -2.32 23.42 -17.71
C ALA B 50 -2.97 22.21 -18.36
N LEU B 51 -2.24 21.10 -18.38
CA LEU B 51 -2.76 19.82 -18.83
C LEU B 51 -3.36 19.07 -17.64
N LEU B 52 -4.56 18.55 -17.81
CA LEU B 52 -5.24 17.78 -16.79
C LEU B 52 -5.41 16.33 -17.25
N PHE B 53 -5.33 15.40 -16.31
CA PHE B 53 -5.42 13.98 -16.66
C PHE B 53 -5.86 13.18 -15.44
N ASP B 54 -6.60 12.10 -15.70
CA ASP B 54 -6.97 11.16 -14.65
C ASP B 54 -5.71 10.50 -14.08
N SER B 55 -5.80 10.08 -12.82
CA SER B 55 -4.64 9.57 -12.11
C SER B 55 -4.10 8.30 -12.78
N GLY B 56 -2.78 8.17 -12.78
CA GLY B 56 -2.17 6.90 -13.14
C GLY B 56 -2.38 5.88 -12.03
N GLU B 57 -2.64 4.64 -12.42
CA GLU B 57 -2.99 3.59 -11.48
C GLU B 57 -1.83 2.64 -11.27
N THR B 58 -1.73 2.12 -10.03
CA THR B 58 -0.77 1.08 -9.74
C THR B 58 -1.15 -0.21 -10.44
N ALA B 59 -0.22 -1.16 -10.44
CA ALA B 59 -0.44 -2.46 -11.06
C ALA B 59 -1.11 -3.46 -10.13
N GLU B 60 -1.51 -3.04 -8.92
CA GLU B 60 -1.92 -3.98 -7.88
C GLU B 60 -3.23 -4.70 -8.23
N ALA B 61 -4.27 -3.94 -8.57
CA ALA B 61 -5.56 -4.54 -8.88
C ALA B 61 -5.44 -5.53 -10.02
N THR B 62 -4.71 -5.14 -11.07
CA THR B 62 -4.43 -6.05 -12.18
C THR B 62 -3.78 -7.34 -11.69
N ARG B 63 -2.84 -7.24 -10.76
CA ARG B 63 -2.14 -8.42 -10.28
C ARG B 63 -3.05 -9.33 -9.47
N LEU B 64 -3.85 -8.75 -8.57
CA LEU B 64 -4.76 -9.55 -7.78
C LEU B 64 -5.74 -10.30 -8.67
N LYS B 65 -6.26 -9.63 -9.71
CA LYS B 65 -7.15 -10.31 -10.63
C LYS B 65 -6.42 -11.40 -11.41
N ARG B 66 -5.16 -11.15 -11.80
CA ARG B 66 -4.38 -12.14 -12.55
C ARG B 66 -4.17 -13.41 -11.74
N THR B 67 -3.75 -13.25 -10.48
CA THR B 67 -3.49 -14.42 -9.65
C THR B 67 -4.78 -15.15 -9.30
N ALA B 68 -5.87 -14.42 -9.05
CA ALA B 68 -7.16 -15.08 -8.84
C ALA B 68 -7.57 -15.88 -10.06
N ARG B 69 -7.33 -15.33 -11.26
CA ARG B 69 -7.60 -16.07 -12.50
C ARG B 69 -6.85 -17.39 -12.52
N ARG B 70 -5.55 -17.34 -12.24
CA ARG B 70 -4.76 -18.56 -12.23
C ARG B 70 -5.29 -19.55 -11.20
N ARG B 71 -5.75 -19.05 -10.05
CA ARG B 71 -6.26 -19.94 -9.02
C ARG B 71 -7.56 -20.62 -9.44
N TYR B 72 -8.44 -19.90 -10.12
CA TYR B 72 -9.65 -20.53 -10.66
C TYR B 72 -9.31 -21.59 -11.69
N THR B 73 -8.37 -21.29 -12.59
CA THR B 73 -7.93 -22.27 -13.58
C THR B 73 -7.42 -23.54 -12.89
N ARG B 74 -6.61 -23.37 -11.84
CA ARG B 74 -5.99 -24.53 -11.20
C ARG B 74 -6.98 -25.31 -10.35
N ARG B 75 -7.94 -24.62 -9.73
CA ARG B 75 -9.01 -25.32 -9.02
C ARG B 75 -9.82 -26.21 -9.97
N LYS B 76 -10.19 -25.65 -11.13
CA LYS B 76 -10.80 -26.45 -12.17
C LYS B 76 -9.93 -27.64 -12.53
N ASN B 77 -8.62 -27.43 -12.65
CA ASN B 77 -7.72 -28.51 -13.05
C ASN B 77 -7.67 -29.61 -11.99
N ARG B 78 -7.72 -29.24 -10.71
CA ARG B 78 -7.78 -30.25 -9.65
C ARG B 78 -9.00 -31.14 -9.83
N ILE B 79 -10.17 -30.51 -10.04
CA ILE B 79 -11.39 -31.30 -10.24
C ILE B 79 -11.25 -32.19 -11.48
N CYS B 80 -10.61 -31.67 -12.53
CA CYS B 80 -10.44 -32.45 -13.75
C CYS B 80 -9.54 -33.66 -13.52
N TYR B 81 -8.46 -33.49 -12.75
CA TYR B 81 -7.60 -34.63 -12.40
C TYR B 81 -8.40 -35.70 -11.69
N LEU B 82 -9.20 -35.30 -10.69
CA LEU B 82 -9.99 -36.27 -9.94
C LEU B 82 -10.96 -37.02 -10.86
N GLN B 83 -11.65 -36.28 -11.75
CA GLN B 83 -12.60 -36.93 -12.65
C GLN B 83 -11.89 -37.85 -13.62
N GLU B 84 -10.72 -37.47 -14.12
CA GLU B 84 -9.94 -38.35 -14.98
C GLU B 84 -9.62 -39.65 -14.26
N ILE B 85 -9.29 -39.56 -12.97
CA ILE B 85 -9.04 -40.78 -12.21
C ILE B 85 -10.30 -41.62 -12.10
N PHE B 86 -11.47 -40.96 -11.98
CA PHE B 86 -12.72 -41.70 -11.79
C PHE B 86 -13.37 -42.20 -13.08
N SER B 87 -12.84 -41.80 -14.25
CA SER B 87 -13.56 -41.89 -15.52
C SER B 87 -14.10 -43.30 -15.82
N ASN B 88 -13.22 -44.29 -15.92
CA ASN B 88 -13.64 -45.61 -16.42
C ASN B 88 -14.66 -46.26 -15.49
N GLU B 89 -14.35 -46.31 -14.20
CA GLU B 89 -15.24 -46.97 -13.24
C GLU B 89 -16.57 -46.24 -13.14
N MET B 90 -16.55 -44.90 -13.22
CA MET B 90 -17.81 -44.18 -13.19
C MET B 90 -18.63 -44.46 -14.45
N ALA B 91 -17.95 -44.56 -15.61
CA ALA B 91 -18.64 -44.95 -16.84
C ALA B 91 -19.35 -46.29 -16.65
N LYS B 92 -18.74 -47.19 -15.89
CA LYS B 92 -19.43 -48.42 -15.55
C LYS B 92 -20.65 -48.17 -14.66
N VAL B 93 -20.52 -47.29 -13.67
CA VAL B 93 -21.62 -47.11 -12.71
C VAL B 93 -22.72 -46.23 -13.30
N ASP B 94 -22.35 -45.07 -13.87
CA ASP B 94 -23.34 -44.13 -14.40
C ASP B 94 -22.65 -43.33 -15.49
N ASP B 95 -23.00 -43.60 -16.74
CA ASP B 95 -22.22 -43.10 -17.87
C ASP B 95 -22.49 -41.64 -18.20
N SER B 96 -23.29 -40.93 -17.40
CA SER B 96 -23.56 -39.51 -17.65
C SER B 96 -23.47 -38.65 -16.39
N PHE B 97 -23.02 -39.24 -15.27
CA PHE B 97 -22.92 -38.51 -14.00
C PHE B 97 -22.13 -37.21 -14.15
N PHE B 98 -20.92 -37.31 -14.71
CA PHE B 98 -20.10 -36.11 -14.88
C PHE B 98 -20.72 -35.16 -15.89
N HIS B 99 -21.45 -35.69 -16.89
CA HIS B 99 -22.16 -34.82 -17.81
C HIS B 99 -23.24 -34.01 -17.10
N ARG B 100 -23.96 -34.66 -16.19
CA ARG B 100 -24.98 -33.95 -15.43
C ARG B 100 -24.37 -32.91 -14.51
N LEU B 101 -23.25 -33.23 -13.87
CA LEU B 101 -22.55 -32.23 -13.07
C LEU B 101 -22.13 -31.05 -13.93
N GLU B 102 -21.64 -31.32 -15.14
CA GLU B 102 -21.14 -30.26 -16.00
C GLU B 102 -22.25 -29.29 -16.39
N GLU B 103 -23.44 -29.80 -16.68
CA GLU B 103 -24.55 -28.96 -17.13
C GLU B 103 -25.53 -28.61 -16.02
N SER B 104 -25.10 -28.73 -14.76
CA SER B 104 -25.98 -28.43 -13.63
C SER B 104 -26.56 -27.02 -13.72
N PHE B 105 -25.79 -26.07 -14.23
CA PHE B 105 -26.20 -24.68 -14.32
C PHE B 105 -27.28 -24.44 -15.37
N LEU B 106 -27.41 -25.35 -16.34
CA LEU B 106 -28.30 -25.13 -17.48
C LEU B 106 -29.76 -25.29 -17.09
N VAL B 107 -30.62 -24.46 -17.70
CA VAL B 107 -32.06 -24.62 -17.53
C VAL B 107 -32.46 -25.97 -18.13
N GLU B 108 -33.54 -26.56 -17.59
CA GLU B 108 -33.98 -27.88 -18.05
C GLU B 108 -34.19 -27.90 -19.56
N GLU B 109 -34.68 -26.79 -20.13
CA GLU B 109 -34.85 -26.69 -21.56
C GLU B 109 -33.54 -26.97 -22.31
N ASP B 110 -32.43 -26.44 -21.79
CA ASP B 110 -31.13 -26.60 -22.43
C ASP B 110 -30.37 -27.83 -21.96
N LYS B 111 -30.83 -28.50 -20.90
CA LYS B 111 -30.13 -29.69 -20.41
C LYS B 111 -30.30 -30.84 -21.39
N LYS B 112 -29.19 -31.50 -21.71
CA LYS B 112 -29.23 -32.67 -22.58
C LYS B 112 -29.39 -33.97 -21.81
N HIS B 113 -29.40 -33.93 -20.48
CA HIS B 113 -29.60 -35.10 -19.64
C HIS B 113 -30.64 -34.78 -18.58
N GLU B 114 -30.98 -35.78 -17.75
CA GLU B 114 -32.00 -35.61 -16.73
C GLU B 114 -31.57 -34.55 -15.72
N ARG B 115 -32.54 -33.82 -15.19
CA ARG B 115 -32.29 -32.61 -14.42
C ARG B 115 -31.79 -32.88 -13.00
N HIS B 116 -31.86 -34.12 -12.52
CA HIS B 116 -31.41 -34.42 -11.16
C HIS B 116 -29.97 -34.89 -11.20
N PRO B 117 -29.02 -34.14 -10.63
CA PRO B 117 -27.60 -34.34 -10.92
C PRO B 117 -27.04 -35.68 -10.47
N ILE B 118 -27.24 -36.01 -9.19
CA ILE B 118 -26.52 -37.13 -8.59
C ILE B 118 -26.98 -38.45 -9.17
N PHE B 119 -28.30 -38.67 -9.24
CA PHE B 119 -28.84 -39.99 -9.55
C PHE B 119 -29.70 -40.05 -10.81
N GLY B 120 -30.12 -38.92 -11.37
CA GLY B 120 -30.86 -38.95 -12.61
C GLY B 120 -32.32 -39.34 -12.50
N ASN B 121 -32.88 -39.38 -11.29
CA ASN B 121 -34.31 -39.58 -11.12
C ASN B 121 -34.73 -38.93 -9.81
N ILE B 122 -36.00 -38.52 -9.73
CA ILE B 122 -36.44 -37.65 -8.65
C ILE B 122 -36.49 -38.40 -7.32
N VAL B 123 -36.90 -39.67 -7.35
CA VAL B 123 -37.05 -40.43 -6.10
C VAL B 123 -35.70 -40.59 -5.41
N ASP B 124 -34.68 -41.03 -6.16
CA ASP B 124 -33.35 -41.23 -5.57
C ASP B 124 -32.76 -39.93 -5.08
N GLU B 125 -32.96 -38.84 -5.82
CA GLU B 125 -32.41 -37.55 -5.43
C GLU B 125 -33.05 -37.06 -4.12
N VAL B 126 -34.38 -37.13 -4.04
CA VAL B 126 -35.07 -36.73 -2.82
C VAL B 126 -34.63 -37.58 -1.65
N ALA B 127 -34.44 -38.88 -1.88
CA ALA B 127 -33.96 -39.76 -0.82
C ALA B 127 -32.58 -39.32 -0.34
N TYR B 128 -31.65 -39.08 -1.28
CA TYR B 128 -30.32 -38.62 -0.91
C TYR B 128 -30.39 -37.40 -0.02
N HIS B 129 -31.16 -36.39 -0.44
CA HIS B 129 -31.21 -35.16 0.33
C HIS B 129 -31.86 -35.36 1.69
N GLU B 130 -32.83 -36.26 1.79
CA GLU B 130 -33.41 -36.55 3.10
C GLU B 130 -32.40 -37.23 4.02
N LYS B 131 -31.54 -38.08 3.46
CA LYS B 131 -30.56 -38.77 4.29
C LYS B 131 -29.35 -37.90 4.58
N TYR B 132 -28.95 -37.05 3.64
CA TYR B 132 -27.77 -36.19 3.78
C TYR B 132 -28.16 -34.75 3.46
N PRO B 133 -28.75 -34.03 4.42
CA PRO B 133 -29.14 -32.64 4.15
C PRO B 133 -27.97 -31.71 3.84
N THR B 134 -26.79 -31.95 4.41
CA THR B 134 -25.59 -31.23 4.04
C THR B 134 -24.55 -32.21 3.51
N ILE B 135 -23.60 -31.68 2.74
CA ILE B 135 -22.51 -32.50 2.23
C ILE B 135 -21.71 -33.09 3.39
N TYR B 136 -21.70 -32.40 4.53
CA TYR B 136 -20.90 -32.86 5.67
C TYR B 136 -21.50 -34.12 6.30
N HIS B 137 -22.82 -34.31 6.21
CA HIS B 137 -23.41 -35.59 6.59
C HIS B 137 -22.81 -36.73 5.78
N LEU B 138 -22.76 -36.56 4.45
CA LEU B 138 -22.20 -37.59 3.60
C LEU B 138 -20.72 -37.80 3.87
N ARG B 139 -19.97 -36.71 4.09
CA ARG B 139 -18.55 -36.83 4.39
C ARG B 139 -18.33 -37.63 5.66
N LYS B 140 -19.09 -37.33 6.71
CA LYS B 140 -18.95 -38.07 7.96
C LYS B 140 -19.31 -39.54 7.77
N LYS B 141 -20.40 -39.81 7.05
CA LYS B 141 -20.79 -41.20 6.82
C LYS B 141 -19.69 -41.96 6.09
N LEU B 142 -19.16 -41.38 5.02
CA LEU B 142 -18.12 -42.05 4.25
C LEU B 142 -16.82 -42.20 5.02
N VAL B 143 -16.58 -41.33 6.02
CA VAL B 143 -15.42 -41.52 6.88
C VAL B 143 -15.65 -42.66 7.87
N ASP B 144 -16.85 -42.73 8.46
CA ASP B 144 -17.10 -43.63 9.58
C ASP B 144 -17.56 -45.03 9.16
N SER B 145 -18.35 -45.13 8.09
CA SER B 145 -19.01 -46.39 7.77
C SER B 145 -18.03 -47.38 7.14
N THR B 146 -18.37 -48.67 7.28
CA THR B 146 -17.61 -49.76 6.70
C THR B 146 -18.26 -50.34 5.45
N ASP B 147 -19.45 -49.86 5.08
CA ASP B 147 -20.16 -50.39 3.93
C ASP B 147 -19.58 -49.85 2.63
N LYS B 148 -19.60 -50.69 1.61
CA LYS B 148 -19.36 -50.23 0.24
C LYS B 148 -20.34 -49.12 -0.10
N ALA B 149 -19.86 -48.09 -0.76
CA ALA B 149 -20.66 -46.90 -1.03
C ALA B 149 -20.80 -46.67 -2.53
N ASP B 150 -21.88 -46.00 -2.90
CA ASP B 150 -22.08 -45.59 -4.29
C ASP B 150 -20.93 -44.70 -4.74
N LEU B 151 -20.36 -45.03 -5.91
CA LEU B 151 -19.16 -44.35 -6.38
C LEU B 151 -19.40 -42.86 -6.60
N ARG B 152 -20.64 -42.49 -6.94
CA ARG B 152 -20.95 -41.08 -7.17
C ARG B 152 -20.88 -40.27 -5.88
N LEU B 153 -21.35 -40.84 -4.76
CA LEU B 153 -21.27 -40.14 -3.49
C LEU B 153 -19.83 -40.05 -3.01
N ILE B 154 -19.03 -41.10 -3.24
CA ILE B 154 -17.60 -41.05 -2.94
C ILE B 154 -16.95 -39.91 -3.72
N TYR B 155 -17.26 -39.81 -5.01
CA TYR B 155 -16.72 -38.72 -5.81
C TYR B 155 -17.14 -37.37 -5.25
N LEU B 156 -18.41 -37.22 -4.91
CA LEU B 156 -18.88 -35.92 -4.43
C LEU B 156 -18.17 -35.52 -3.15
N ALA B 157 -17.95 -36.46 -2.23
CA ALA B 157 -17.23 -36.16 -1.00
C ALA B 157 -15.79 -35.75 -1.28
N LEU B 158 -15.08 -36.54 -2.10
CA LEU B 158 -13.68 -36.22 -2.38
C LEU B 158 -13.55 -34.91 -3.13
N ALA B 159 -14.45 -34.67 -4.08
CA ALA B 159 -14.41 -33.44 -4.86
C ALA B 159 -14.72 -32.24 -3.99
N HIS B 160 -15.65 -32.38 -3.04
CA HIS B 160 -15.91 -31.28 -2.13
C HIS B 160 -14.68 -30.96 -1.30
N MET B 161 -13.97 -31.99 -0.85
CA MET B 161 -12.75 -31.74 -0.08
C MET B 161 -11.67 -31.08 -0.94
N ILE B 162 -11.54 -31.49 -2.19
CA ILE B 162 -10.46 -31.00 -3.04
C ILE B 162 -10.74 -29.58 -3.55
N LYS B 163 -12.02 -29.28 -3.85
CA LYS B 163 -12.37 -27.98 -4.39
C LYS B 163 -12.25 -26.89 -3.33
N PHE B 164 -12.51 -27.22 -2.08
CA PHE B 164 -12.44 -26.27 -0.96
C PHE B 164 -11.54 -26.94 0.09
N ARG B 165 -10.22 -26.84 -0.13
CA ARG B 165 -9.26 -27.67 0.56
C ARG B 165 -8.72 -27.06 1.84
N GLY B 166 -8.90 -25.77 2.07
CA GLY B 166 -8.40 -25.15 3.28
C GLY B 166 -6.98 -24.61 3.12
N HIS B 167 -6.54 -23.87 4.13
CA HIS B 167 -5.31 -23.11 4.01
C HIS B 167 -4.08 -23.99 4.25
N PHE B 168 -2.91 -23.39 4.03
CA PHE B 168 -1.62 -24.05 4.13
C PHE B 168 -0.68 -23.26 5.03
N LEU B 169 -1.20 -22.72 6.13
CA LEU B 169 -0.37 -21.93 7.03
C LEU B 169 0.52 -22.80 7.91
N ILE B 170 0.12 -24.04 8.15
CA ILE B 170 0.81 -24.94 9.07
C ILE B 170 1.61 -25.95 8.25
N GLU B 171 2.91 -26.02 8.51
CA GLU B 171 3.76 -27.02 7.88
C GLU B 171 3.61 -28.35 8.60
N GLY B 172 3.85 -29.43 7.86
CA GLY B 172 3.83 -30.75 8.44
C GLY B 172 2.44 -31.33 8.61
N ASP B 173 2.39 -32.46 9.32
CA ASP B 173 1.16 -33.20 9.55
C ASP B 173 0.48 -32.72 10.82
N LEU B 174 -0.77 -33.13 10.99
CA LEU B 174 -1.61 -32.58 12.06
C LEU B 174 -2.30 -33.72 12.81
N ASN B 175 -3.08 -33.30 13.81
CA ASN B 175 -3.65 -34.18 14.83
C ASN B 175 -2.58 -35.08 15.48
N PRO B 176 -1.48 -34.49 16.02
CA PRO B 176 -0.43 -35.33 16.62
C PRO B 176 -0.60 -35.45 18.14
N ASP B 177 -1.76 -35.97 18.56
CA ASP B 177 -2.11 -36.12 19.98
C ASP B 177 -2.20 -34.78 20.69
N ASN B 178 -1.75 -33.71 20.03
CA ASN B 178 -1.99 -32.35 20.50
C ASN B 178 -3.44 -31.92 20.28
N SER B 179 -4.36 -32.87 20.07
CA SER B 179 -5.77 -32.52 19.88
C SER B 179 -6.42 -32.15 21.21
N ASP B 180 -6.11 -32.92 22.27
CA ASP B 180 -6.80 -32.75 23.54
C ASP B 180 -6.19 -31.58 24.31
N VAL B 181 -7.05 -30.63 24.69
CA VAL B 181 -6.63 -29.51 25.54
C VAL B 181 -6.41 -29.98 26.97
N ASP B 182 -7.23 -30.93 27.44
CA ASP B 182 -7.10 -31.42 28.81
C ASP B 182 -5.73 -32.07 29.02
N LYS B 183 -5.32 -32.94 28.11
CA LYS B 183 -4.08 -33.68 28.29
C LYS B 183 -2.86 -32.78 28.14
N LEU B 184 -2.92 -31.80 27.23
CA LEU B 184 -1.81 -30.86 27.10
C LEU B 184 -1.73 -29.91 28.28
N PHE B 185 -2.88 -29.50 28.84
CA PHE B 185 -2.86 -28.72 30.07
C PHE B 185 -2.28 -29.52 31.22
N ILE B 186 -2.69 -30.79 31.34
CA ILE B 186 -2.15 -31.65 32.39
C ILE B 186 -0.65 -31.80 32.24
N GLN B 187 -0.15 -31.94 31.01
CA GLN B 187 1.28 -32.11 30.82
C GLN B 187 2.04 -30.80 31.06
N LEU B 188 1.44 -29.65 30.75
CA LEU B 188 2.04 -28.38 31.12
C LEU B 188 2.18 -28.29 32.64
N VAL B 189 1.14 -28.70 33.37
CA VAL B 189 1.23 -28.74 34.83
C VAL B 189 2.33 -29.70 35.28
N GLN B 190 2.42 -30.87 34.63
CA GLN B 190 3.48 -31.83 34.96
C GLN B 190 4.86 -31.19 34.84
N THR B 191 5.13 -30.54 33.71
CA THR B 191 6.44 -29.93 33.47
C THR B 191 6.71 -28.81 34.48
N TYR B 192 5.72 -27.93 34.68
CA TYR B 192 5.89 -26.83 35.63
C TYR B 192 6.18 -27.34 37.03
N ASN B 193 5.48 -28.40 37.47
CA ASN B 193 5.73 -28.93 38.80
C ASN B 193 7.05 -29.67 38.88
N GLN B 194 7.50 -30.26 37.77
CA GLN B 194 8.85 -30.81 37.72
C GLN B 194 9.89 -29.73 37.98
N LEU B 195 9.71 -28.55 37.37
CA LEU B 195 10.71 -27.50 37.53
C LEU B 195 10.60 -26.81 38.90
N PHE B 196 9.40 -26.66 39.44
CA PHE B 196 9.16 -25.93 40.68
C PHE B 196 8.52 -26.87 41.70
N GLU B 197 9.35 -27.72 42.32
CA GLU B 197 8.84 -28.70 43.27
C GLU B 197 8.36 -28.04 44.56
N GLU B 198 9.02 -26.96 44.99
CA GLU B 198 8.60 -26.30 46.23
C GLU B 198 7.29 -25.55 46.04
N ASN B 199 7.01 -25.06 44.84
CA ASN B 199 5.80 -24.27 44.56
C ASN B 199 4.98 -24.98 43.50
N PRO B 200 4.13 -25.94 43.87
CA PRO B 200 3.32 -26.66 42.87
C PRO B 200 1.88 -26.14 42.78
N ILE B 201 1.20 -26.48 41.69
CA ILE B 201 -0.16 -26.06 41.42
C ILE B 201 -1.10 -27.25 41.55
N ASN B 202 -2.20 -27.06 42.28
CA ASN B 202 -3.24 -28.08 42.40
C ASN B 202 -4.25 -27.83 41.28
N ALA B 203 -4.17 -28.65 40.23
CA ALA B 203 -5.05 -28.51 39.07
C ALA B 203 -6.25 -29.45 39.13
N SER B 204 -6.46 -30.14 40.25
CA SER B 204 -7.59 -31.04 40.37
C SER B 204 -8.90 -30.26 40.39
N GLY B 205 -9.91 -30.82 39.73
CA GLY B 205 -11.20 -30.17 39.61
C GLY B 205 -11.25 -29.04 38.60
N VAL B 206 -10.16 -28.75 37.92
CA VAL B 206 -10.12 -27.68 36.93
C VAL B 206 -10.52 -28.26 35.58
N ASP B 207 -11.64 -27.79 35.04
CA ASP B 207 -12.10 -28.21 33.72
C ASP B 207 -11.37 -27.38 32.66
N ALA B 208 -10.16 -27.83 32.34
CA ALA B 208 -9.34 -27.09 31.37
C ALA B 208 -9.98 -27.10 29.99
N LYS B 209 -10.63 -28.20 29.61
CA LYS B 209 -11.24 -28.33 28.30
C LYS B 209 -12.24 -27.20 28.04
N ALA B 210 -13.25 -27.09 28.90
CA ALA B 210 -14.30 -26.10 28.69
C ALA B 210 -13.75 -24.68 28.77
N ILE B 211 -12.81 -24.44 29.68
CA ILE B 211 -12.36 -23.07 29.93
C ILE B 211 -11.48 -22.57 28.79
N LEU B 212 -10.52 -23.38 28.34
CA LEU B 212 -9.58 -22.91 27.34
C LEU B 212 -10.17 -22.92 25.93
N SER B 213 -11.08 -23.85 25.64
CA SER B 213 -11.71 -23.93 24.33
C SER B 213 -13.00 -23.10 24.24
N ALA B 214 -13.38 -22.42 25.31
CA ALA B 214 -14.60 -21.62 25.31
C ALA B 214 -14.52 -20.52 24.26
N ARG B 215 -15.67 -20.20 23.67
CA ARG B 215 -15.75 -19.12 22.69
C ARG B 215 -15.72 -17.79 23.44
N LEU B 216 -14.52 -17.39 23.83
CA LEU B 216 -14.31 -16.15 24.56
C LEU B 216 -12.95 -15.57 24.19
N SER B 217 -12.76 -14.30 24.53
CA SER B 217 -11.50 -13.63 24.24
C SER B 217 -10.36 -14.30 25.00
N LYS B 218 -9.15 -14.11 24.47
CA LYS B 218 -7.97 -14.74 25.07
C LYS B 218 -7.81 -14.36 26.53
N SER B 219 -7.87 -13.06 26.83
CA SER B 219 -7.66 -12.59 28.19
C SER B 219 -8.75 -13.09 29.12
N ARG B 220 -9.99 -13.20 28.64
CA ARG B 220 -11.07 -13.66 29.51
C ARG B 220 -10.89 -15.14 29.88
N ARG B 221 -10.49 -15.97 28.92
CA ARG B 221 -10.24 -17.37 29.22
C ARG B 221 -9.04 -17.52 30.15
N LEU B 222 -8.00 -16.71 29.94
CA LEU B 222 -6.87 -16.68 30.86
C LEU B 222 -7.36 -16.37 32.28
N GLU B 223 -8.22 -15.36 32.40
CA GLU B 223 -8.71 -14.95 33.72
C GLU B 223 -9.57 -16.04 34.36
N ASN B 224 -10.40 -16.72 33.56
CA ASN B 224 -11.19 -17.83 34.09
C ASN B 224 -10.29 -18.92 34.64
N LEU B 225 -9.35 -19.40 33.84
CA LEU B 225 -8.47 -20.47 34.29
C LEU B 225 -7.69 -20.05 35.53
N ILE B 226 -7.18 -18.81 35.55
CA ILE B 226 -6.43 -18.35 36.71
C ILE B 226 -7.33 -18.25 37.94
N ALA B 227 -8.59 -17.87 37.74
CA ALA B 227 -9.54 -17.84 38.86
C ALA B 227 -9.75 -19.23 39.44
N GLN B 228 -9.66 -20.26 38.60
CA GLN B 228 -9.76 -21.61 39.16
C GLN B 228 -8.50 -22.04 39.94
N LEU B 229 -7.50 -21.19 40.08
CA LEU B 229 -6.25 -21.54 40.77
C LEU B 229 -5.96 -20.55 41.89
N PRO B 230 -6.24 -20.91 43.15
CA PRO B 230 -6.23 -19.91 44.24
C PRO B 230 -4.93 -19.13 44.41
N GLY B 231 -3.81 -19.81 44.59
CA GLY B 231 -2.56 -19.12 44.91
C GLY B 231 -1.80 -18.59 43.72
N GLU B 232 -2.45 -18.44 42.57
CA GLU B 232 -1.80 -18.10 41.32
C GLU B 232 -2.44 -16.85 40.73
N LYS B 233 -1.60 -15.96 40.20
CA LYS B 233 -2.07 -14.75 39.54
C LYS B 233 -1.74 -14.81 38.05
N LYS B 234 -2.52 -14.09 37.26
CA LYS B 234 -2.46 -14.22 35.81
C LYS B 234 -1.09 -13.83 35.25
N ASN B 235 -0.36 -12.95 35.95
CA ASN B 235 0.95 -12.52 35.48
C ASN B 235 2.10 -13.31 36.09
N GLY B 236 1.80 -14.34 36.88
CA GLY B 236 2.82 -15.26 37.35
C GLY B 236 3.30 -16.14 36.22
N LEU B 237 4.23 -17.05 36.56
CA LEU B 237 4.87 -17.87 35.53
C LEU B 237 3.87 -18.78 34.84
N PHE B 238 3.09 -19.54 35.61
CA PHE B 238 2.10 -20.43 35.00
C PHE B 238 1.04 -19.64 34.25
N GLY B 239 0.60 -18.51 34.83
CA GLY B 239 -0.32 -17.66 34.12
C GLY B 239 0.25 -17.13 32.81
N ASN B 240 1.53 -16.77 32.83
CA ASN B 240 2.18 -16.30 31.59
C ASN B 240 2.26 -17.42 30.56
N LEU B 241 2.54 -18.65 31.00
CA LEU B 241 2.56 -19.77 30.07
C LEU B 241 1.19 -20.01 29.45
N ILE B 242 0.13 -19.92 30.28
CA ILE B 242 -1.22 -20.09 29.75
C ILE B 242 -1.55 -18.97 28.77
N ALA B 243 -1.12 -17.74 29.07
CA ALA B 243 -1.34 -16.63 28.15
C ALA B 243 -0.61 -16.86 26.84
N LEU B 244 0.61 -17.40 26.89
CA LEU B 244 1.33 -17.75 25.69
C LEU B 244 0.60 -18.80 24.89
N SER B 245 0.01 -19.80 25.57
CA SER B 245 -0.78 -20.82 24.89
C SER B 245 -2.05 -20.24 24.28
N LEU B 246 -2.61 -19.21 24.90
CA LEU B 246 -3.82 -18.58 24.39
C LEU B 246 -3.56 -17.57 23.28
N GLY B 247 -2.30 -17.26 23.00
CA GLY B 247 -1.95 -16.38 21.91
C GLY B 247 -1.65 -14.94 22.30
N LEU B 248 -1.50 -14.64 23.58
CA LEU B 248 -1.20 -13.28 24.02
C LEU B 248 0.31 -13.04 23.90
N THR B 249 0.78 -11.90 24.43
CA THR B 249 2.18 -11.52 24.39
C THR B 249 2.67 -11.33 25.82
N PRO B 250 2.92 -12.42 26.54
CA PRO B 250 3.39 -12.30 27.93
C PRO B 250 4.85 -11.90 28.01
N ASN B 251 5.18 -11.18 29.08
CA ASN B 251 6.55 -10.77 29.36
C ASN B 251 7.09 -11.66 30.48
N PHE B 252 8.03 -12.54 30.12
CA PHE B 252 8.62 -13.46 31.09
C PHE B 252 9.75 -12.83 31.88
N LYS B 253 10.02 -11.54 31.69
CA LYS B 253 11.09 -10.88 32.43
C LYS B 253 10.89 -11.01 33.93
N SER B 254 9.74 -10.54 34.42
CA SER B 254 9.51 -10.50 35.86
C SER B 254 9.48 -11.91 36.46
N ASN B 255 9.06 -12.91 35.67
CA ASN B 255 9.02 -14.28 36.18
C ASN B 255 10.41 -14.78 36.55
N PHE B 256 11.43 -14.42 35.74
CA PHE B 256 12.76 -14.97 35.91
C PHE B 256 13.80 -13.91 36.29
N ASP B 257 13.37 -12.71 36.69
CA ASP B 257 14.28 -11.65 37.12
C ASP B 257 15.25 -11.27 36.01
N LEU B 258 14.76 -11.30 34.77
CA LEU B 258 15.61 -11.02 33.62
C LEU B 258 15.79 -9.53 33.42
N ALA B 259 16.99 -9.14 32.97
CA ALA B 259 17.20 -7.77 32.52
C ALA B 259 16.68 -7.60 31.10
N GLU B 260 16.95 -8.56 30.22
CA GLU B 260 16.38 -8.56 28.89
C GLU B 260 14.86 -8.75 28.96
N ASP B 261 14.12 -7.90 28.26
CA ASP B 261 12.67 -7.99 28.25
C ASP B 261 12.26 -9.19 27.41
N ALA B 262 11.91 -10.29 28.08
CA ALA B 262 11.53 -11.53 27.42
C ALA B 262 10.04 -11.50 27.13
N LYS B 263 9.69 -10.82 26.04
CA LYS B 263 8.33 -10.80 25.52
C LYS B 263 8.23 -11.87 24.43
N LEU B 264 7.27 -12.78 24.58
CA LEU B 264 7.12 -13.92 23.68
C LEU B 264 5.69 -13.97 23.16
N GLN B 265 5.54 -13.95 21.84
CA GLN B 265 4.29 -14.28 21.19
C GLN B 265 4.55 -15.43 20.23
N LEU B 266 3.72 -16.47 20.31
CA LEU B 266 3.94 -17.66 19.48
C LEU B 266 3.72 -17.40 18.00
N SER B 267 3.06 -16.29 17.64
CA SER B 267 2.78 -16.01 16.24
C SER B 267 3.93 -15.29 15.55
N LYS B 268 4.71 -14.49 16.28
CA LYS B 268 5.76 -13.69 15.66
C LYS B 268 6.83 -14.58 15.04
N ASP B 269 7.41 -14.11 13.94
CA ASP B 269 8.49 -14.84 13.28
C ASP B 269 9.73 -14.91 14.17
N THR B 270 9.94 -13.91 15.02
CA THR B 270 11.13 -13.86 15.85
C THR B 270 11.10 -14.87 16.99
N TYR B 271 9.94 -15.48 17.28
CA TYR B 271 9.79 -16.32 18.46
C TYR B 271 10.87 -17.41 18.52
N ASP B 272 11.16 -18.06 17.39
CA ASP B 272 12.17 -19.11 17.37
C ASP B 272 13.47 -18.63 17.98
N ASP B 273 13.92 -17.43 17.60
CA ASP B 273 15.06 -16.83 18.28
C ASP B 273 14.66 -16.31 19.65
N ASP B 274 13.50 -15.63 19.73
CA ASP B 274 13.06 -15.03 20.99
C ASP B 274 13.04 -16.05 22.13
N LEU B 275 12.67 -17.29 21.82
CA LEU B 275 12.73 -18.34 22.84
C LEU B 275 14.18 -18.69 23.17
N ASP B 276 14.96 -19.05 22.15
CA ASP B 276 16.34 -19.45 22.37
C ASP B 276 17.09 -18.40 23.19
N ASN B 277 16.97 -17.14 22.80
CA ASN B 277 17.56 -16.05 23.55
C ASN B 277 17.19 -16.12 25.03
N LEU B 278 15.88 -16.18 25.32
CA LEU B 278 15.44 -16.34 26.70
C LEU B 278 16.07 -17.58 27.33
N LEU B 279 16.04 -18.70 26.60
CA LEU B 279 16.59 -19.94 27.13
C LEU B 279 18.08 -19.82 27.40
N ALA B 280 18.76 -18.88 26.74
CA ALA B 280 20.18 -18.67 27.02
C ALA B 280 20.41 -18.15 28.42
N GLN B 281 19.47 -17.37 28.96
CA GLN B 281 19.66 -16.73 30.25
C GLN B 281 19.27 -17.63 31.43
N ILE B 282 18.10 -18.26 31.35
CA ILE B 282 17.58 -19.06 32.45
C ILE B 282 17.90 -20.54 32.29
N GLY B 283 18.52 -20.93 31.19
CA GLY B 283 18.96 -22.30 31.00
C GLY B 283 18.00 -23.10 30.14
N ASP B 284 18.42 -24.32 29.84
CA ASP B 284 17.67 -25.23 28.99
C ASP B 284 16.76 -26.17 29.76
N GLN B 285 16.77 -26.09 31.10
CA GLN B 285 15.80 -26.86 31.88
C GLN B 285 14.38 -26.42 31.59
N TYR B 286 14.19 -25.14 31.25
CA TYR B 286 12.88 -24.58 31.01
C TYR B 286 12.38 -24.81 29.59
N ALA B 287 13.23 -25.31 28.70
CA ALA B 287 12.81 -25.63 27.33
C ALA B 287 11.59 -26.53 27.33
N ASP B 288 11.70 -27.68 28.00
CA ASP B 288 10.59 -28.63 28.07
C ASP B 288 9.32 -27.97 28.59
N LEU B 289 9.46 -26.90 29.38
CA LEU B 289 8.28 -26.15 29.81
C LEU B 289 7.74 -25.31 28.66
N PHE B 290 8.60 -24.44 28.09
CA PHE B 290 8.16 -23.53 27.04
C PHE B 290 7.73 -24.26 25.77
N LEU B 291 8.20 -25.49 25.58
CA LEU B 291 7.68 -26.28 24.46
C LEU B 291 6.33 -26.89 24.80
N ALA B 292 6.16 -27.36 26.04
CA ALA B 292 4.89 -27.93 26.45
C ALA B 292 3.75 -26.96 26.20
N ALA B 293 3.89 -25.73 26.71
CA ALA B 293 2.89 -24.70 26.47
C ALA B 293 2.60 -24.54 24.98
N LYS B 294 3.65 -24.56 24.15
CA LYS B 294 3.46 -24.47 22.71
C LYS B 294 2.44 -25.48 22.22
N ASN B 295 2.61 -26.74 22.63
CA ASN B 295 1.66 -27.79 22.23
C ASN B 295 0.24 -27.39 22.61
N LEU B 296 0.07 -26.92 23.86
CA LEU B 296 -1.25 -26.48 24.32
C LEU B 296 -1.87 -25.51 23.33
N SER B 297 -1.09 -24.53 22.89
CA SER B 297 -1.58 -23.55 21.93
C SER B 297 -2.21 -24.24 20.73
N ASP B 298 -1.46 -25.16 20.11
CA ASP B 298 -1.98 -25.90 18.97
C ASP B 298 -3.36 -26.49 19.30
N ALA B 299 -3.45 -27.22 20.40
CA ALA B 299 -4.72 -27.79 20.83
C ALA B 299 -5.81 -26.74 20.83
N ILE B 300 -5.56 -25.63 21.55
CA ILE B 300 -6.58 -24.60 21.68
C ILE B 300 -7.00 -24.11 20.30
N LEU B 301 -6.02 -23.88 19.42
CA LEU B 301 -6.35 -23.43 18.07
C LEU B 301 -7.28 -24.43 17.39
N LEU B 302 -6.94 -25.72 17.45
CA LEU B 302 -7.80 -26.72 16.82
C LEU B 302 -9.15 -26.79 17.51
N SER B 303 -9.20 -26.52 18.82
CA SER B 303 -10.49 -26.54 19.50
C SER B 303 -11.40 -25.42 19.04
N ASP B 304 -10.86 -24.39 18.39
CA ASP B 304 -11.72 -23.40 17.77
C ASP B 304 -12.47 -23.99 16.58
N ILE B 305 -11.82 -24.87 15.84
CA ILE B 305 -12.40 -25.41 14.61
C ILE B 305 -13.21 -26.68 14.89
N LEU B 306 -12.65 -27.60 15.68
CA LEU B 306 -13.30 -28.87 16.00
C LEU B 306 -13.97 -28.73 17.36
N ARG B 307 -15.29 -28.61 17.36
CA ARG B 307 -16.07 -28.45 18.58
C ARG B 307 -16.84 -29.73 18.92
N VAL B 308 -16.18 -30.88 18.75
CA VAL B 308 -16.80 -32.18 18.97
C VAL B 308 -15.73 -33.13 19.48
N ASN B 309 -16.15 -34.10 20.29
CA ASN B 309 -15.23 -35.10 20.80
C ASN B 309 -14.68 -35.93 19.64
N THR B 310 -13.35 -36.05 19.58
CA THR B 310 -12.68 -36.73 18.48
C THR B 310 -12.62 -38.24 18.66
N GLU B 311 -13.24 -38.80 19.69
CA GLU B 311 -13.20 -40.23 19.95
C GLU B 311 -14.46 -40.95 19.51
N ILE B 312 -15.47 -40.23 19.01
CA ILE B 312 -16.65 -40.86 18.44
C ILE B 312 -16.62 -40.88 16.92
N THR B 313 -15.68 -40.17 16.29
CA THR B 313 -15.65 -40.08 14.84
C THR B 313 -14.25 -39.68 14.40
N LYS B 314 -13.88 -40.13 13.19
CA LYS B 314 -12.67 -39.67 12.53
C LYS B 314 -12.92 -38.49 11.60
N ALA B 315 -14.10 -37.88 11.69
CA ALA B 315 -14.43 -36.68 10.90
C ALA B 315 -14.92 -35.58 11.82
N PRO B 316 -14.07 -35.09 12.73
CA PRO B 316 -14.54 -34.08 13.69
C PRO B 316 -14.98 -32.77 13.03
N LEU B 317 -14.41 -32.41 11.88
CA LEU B 317 -14.84 -31.19 11.20
C LEU B 317 -16.25 -31.35 10.65
N SER B 318 -16.48 -32.38 9.86
CA SER B 318 -17.82 -32.67 9.37
C SER B 318 -18.80 -32.86 10.51
N ALA B 319 -18.35 -33.47 11.61
CA ALA B 319 -19.22 -33.62 12.77
C ALA B 319 -19.59 -32.26 13.36
N SER B 320 -18.63 -31.33 13.41
CA SER B 320 -18.93 -29.99 13.93
C SER B 320 -19.88 -29.24 13.01
N MET B 321 -19.74 -29.44 11.70
CA MET B 321 -20.70 -28.87 10.75
C MET B 321 -22.10 -29.44 10.97
N ILE B 322 -22.19 -30.76 11.17
CA ILE B 322 -23.48 -31.38 11.46
C ILE B 322 -24.03 -30.87 12.78
N LYS B 323 -23.16 -30.57 13.74
CA LYS B 323 -23.59 -29.95 14.99
C LYS B 323 -24.21 -28.58 14.74
N ARG B 324 -23.54 -27.77 13.90
CA ARG B 324 -24.13 -26.52 13.45
C ARG B 324 -25.53 -26.74 12.89
N TYR B 325 -25.65 -27.72 11.99
CA TYR B 325 -26.93 -27.99 11.34
C TYR B 325 -28.00 -28.39 12.35
N ASP B 326 -27.66 -29.27 13.29
CA ASP B 326 -28.64 -29.76 14.26
C ASP B 326 -29.08 -28.66 15.21
N GLU B 327 -28.13 -27.86 15.72
CA GLU B 327 -28.50 -26.77 16.60
C GLU B 327 -29.30 -25.71 15.84
N HIS B 328 -28.95 -25.48 14.57
CA HIS B 328 -29.74 -24.61 13.71
C HIS B 328 -31.18 -25.11 13.63
N HIS B 329 -31.37 -26.40 13.39
CA HIS B 329 -32.71 -26.96 13.27
C HIS B 329 -33.49 -26.83 14.57
N GLN B 330 -32.89 -27.25 15.69
CA GLN B 330 -33.56 -27.20 16.98
C GLN B 330 -33.93 -25.76 17.33
N ASP B 331 -32.98 -24.83 17.21
CA ASP B 331 -33.24 -23.44 17.55
C ASP B 331 -34.24 -22.80 16.60
N LEU B 332 -34.27 -23.22 15.33
CA LEU B 332 -35.26 -22.67 14.42
C LEU B 332 -36.67 -23.14 14.78
N THR B 333 -36.82 -24.42 15.11
CA THR B 333 -38.11 -24.90 15.59
C THR B 333 -38.54 -24.13 16.83
N LEU B 334 -37.61 -23.95 17.78
CA LEU B 334 -37.94 -23.24 19.02
C LEU B 334 -38.33 -21.80 18.74
N LEU B 335 -37.56 -21.11 17.89
CA LEU B 335 -37.84 -19.71 17.60
C LEU B 335 -39.17 -19.55 16.87
N LYS B 336 -39.47 -20.44 15.92
CA LYS B 336 -40.76 -20.41 15.26
C LYS B 336 -41.89 -20.56 16.27
N ALA B 337 -41.77 -21.54 17.18
CA ALA B 337 -42.82 -21.74 18.18
C ALA B 337 -42.95 -20.53 19.08
N LEU B 338 -41.83 -19.97 19.53
CA LEU B 338 -41.86 -18.81 20.41
C LEU B 338 -42.55 -17.64 19.75
N VAL B 339 -42.18 -17.34 18.50
CA VAL B 339 -42.78 -16.21 17.80
C VAL B 339 -44.25 -16.46 17.52
N ARG B 340 -44.61 -17.71 17.19
CA ARG B 340 -46.03 -18.05 17.03
C ARG B 340 -46.81 -17.74 18.28
N GLN B 341 -46.28 -18.10 19.45
CA GLN B 341 -47.03 -17.92 20.69
C GLN B 341 -47.08 -16.45 21.10
N GLN B 342 -45.95 -15.76 21.08
CA GLN B 342 -45.83 -14.45 21.71
C GLN B 342 -46.03 -13.28 20.76
N LEU B 343 -45.44 -13.32 19.56
CA LEU B 343 -45.56 -12.22 18.59
C LEU B 343 -46.06 -12.78 17.26
N PRO B 344 -47.34 -13.15 17.18
CA PRO B 344 -47.84 -13.78 15.96
C PRO B 344 -47.92 -12.83 14.77
N GLU B 345 -48.00 -11.52 15.00
CA GLU B 345 -48.11 -10.57 13.89
C GLU B 345 -46.79 -10.43 13.14
N LYS B 346 -45.65 -10.58 13.84
CA LYS B 346 -44.35 -10.40 13.21
C LYS B 346 -43.90 -11.61 12.40
N TYR B 347 -44.51 -12.78 12.63
CA TYR B 347 -44.01 -14.03 12.05
C TYR B 347 -43.74 -13.90 10.57
N LYS B 348 -44.73 -13.46 9.79
CA LYS B 348 -44.55 -13.29 8.36
C LYS B 348 -43.31 -12.49 8.05
N GLU B 349 -43.22 -11.28 8.62
CA GLU B 349 -42.07 -10.41 8.37
C GLU B 349 -40.75 -11.12 8.66
N ILE B 350 -40.73 -11.97 9.69
CA ILE B 350 -39.49 -12.65 10.05
C ILE B 350 -39.20 -13.78 9.09
N PHE B 351 -40.22 -14.49 8.62
CA PHE B 351 -40.00 -15.76 7.95
C PHE B 351 -40.43 -15.78 6.49
N PHE B 352 -40.94 -14.69 5.95
CA PHE B 352 -41.38 -14.64 4.58
C PHE B 352 -40.85 -13.47 3.78
N ASP B 353 -40.34 -12.41 4.42
CA ASP B 353 -39.95 -11.18 3.72
C ASP B 353 -38.45 -11.19 3.50
N GLN B 354 -38.03 -11.51 2.28
CA GLN B 354 -36.61 -11.47 1.95
C GLN B 354 -36.04 -10.07 2.06
N SER B 355 -36.87 -9.05 1.85
CA SER B 355 -36.39 -7.67 1.92
C SER B 355 -35.99 -7.30 3.35
N LYS B 356 -36.65 -7.86 4.34
CA LYS B 356 -36.28 -7.62 5.73
C LYS B 356 -35.15 -8.56 6.13
N ASN B 357 -34.38 -8.12 7.14
CA ASN B 357 -33.22 -8.86 7.62
C ASN B 357 -33.56 -9.95 8.62
N GLY B 358 -34.77 -10.51 8.53
CA GLY B 358 -35.15 -11.64 9.37
C GLY B 358 -34.58 -12.94 8.84
N TYR B 359 -35.19 -14.05 9.27
CA TYR B 359 -34.73 -15.35 8.81
C TYR B 359 -34.92 -15.51 7.31
N ALA B 360 -36.00 -14.96 6.77
CA ALA B 360 -36.26 -15.05 5.33
C ALA B 360 -35.17 -14.32 4.55
N GLY B 361 -34.81 -13.11 4.98
CA GLY B 361 -33.72 -12.40 4.33
C GLY B 361 -32.37 -13.04 4.59
N TYR B 362 -32.23 -13.75 5.71
CA TYR B 362 -30.98 -14.41 6.04
C TYR B 362 -30.74 -15.62 5.15
N ILE B 363 -31.80 -16.38 4.84
CA ILE B 363 -31.65 -17.59 4.05
C ILE B 363 -31.85 -17.35 2.55
N ASP B 364 -32.72 -16.42 2.18
CA ASP B 364 -33.07 -16.19 0.78
C ASP B 364 -32.67 -14.82 0.25
N GLY B 365 -32.60 -13.80 1.11
CA GLY B 365 -32.22 -12.46 0.71
C GLY B 365 -30.73 -12.22 0.84
N GLY B 366 -30.38 -10.96 1.00
CA GLY B 366 -28.98 -10.58 1.09
C GLY B 366 -28.49 -10.29 2.49
N ALA B 367 -29.26 -10.74 3.50
CA ALA B 367 -28.88 -10.50 4.89
C ALA B 367 -27.75 -11.42 5.30
N SER B 368 -26.73 -10.85 5.92
CA SER B 368 -25.61 -11.61 6.44
C SER B 368 -25.94 -12.13 7.85
N GLN B 369 -25.05 -12.98 8.37
CA GLN B 369 -25.22 -13.45 9.74
C GLN B 369 -25.22 -12.27 10.72
N GLU B 370 -24.34 -11.29 10.49
CA GLU B 370 -24.25 -10.12 11.36
C GLU B 370 -25.54 -9.29 11.28
N GLU B 371 -26.02 -9.03 10.07
CA GLU B 371 -27.25 -8.27 9.90
C GLU B 371 -28.42 -9.00 10.52
N PHE B 372 -28.47 -10.33 10.38
CA PHE B 372 -29.57 -11.10 10.96
C PHE B 372 -29.54 -11.05 12.48
N TYR B 373 -28.33 -11.16 13.07
CA TYR B 373 -28.23 -11.02 14.52
C TYR B 373 -28.68 -9.65 14.98
N LYS B 374 -28.28 -8.60 14.26
CA LYS B 374 -28.72 -7.25 14.63
C LYS B 374 -30.23 -7.11 14.52
N PHE B 375 -30.84 -7.75 13.52
CA PHE B 375 -32.28 -7.63 13.33
C PHE B 375 -33.04 -8.39 14.41
N ILE B 376 -32.53 -9.53 14.85
CA ILE B 376 -33.32 -10.40 15.73
C ILE B 376 -32.98 -10.27 17.22
N LYS B 377 -31.84 -9.67 17.57
CA LYS B 377 -31.51 -9.47 18.98
C LYS B 377 -32.60 -8.74 19.76
N PRO B 378 -33.16 -7.62 19.29
CA PRO B 378 -34.26 -7.01 20.05
C PRO B 378 -35.50 -7.88 20.10
N ILE B 379 -35.76 -8.68 19.07
CA ILE B 379 -36.92 -9.55 19.10
C ILE B 379 -36.75 -10.66 20.13
N LEU B 380 -35.53 -11.17 20.29
CA LEU B 380 -35.30 -12.17 21.32
C LEU B 380 -35.32 -11.57 22.71
N GLU B 381 -34.69 -10.40 22.89
CA GLU B 381 -34.73 -9.72 24.18
C GLU B 381 -36.16 -9.35 24.58
N LYS B 382 -37.01 -9.06 23.60
CA LYS B 382 -38.37 -8.64 23.88
C LYS B 382 -39.24 -9.80 24.34
N MET B 383 -38.91 -11.02 23.92
CA MET B 383 -39.73 -12.19 24.18
C MET B 383 -39.21 -12.95 25.40
N ASP B 384 -39.96 -13.98 25.79
CA ASP B 384 -39.64 -14.81 26.93
C ASP B 384 -39.31 -16.23 26.47
N GLY B 385 -38.28 -16.82 27.07
CA GLY B 385 -37.77 -18.10 26.64
C GLY B 385 -36.62 -18.05 25.66
N THR B 386 -36.07 -16.87 25.41
CA THR B 386 -35.02 -16.66 24.42
C THR B 386 -33.64 -16.54 25.04
N GLU B 387 -33.50 -16.87 26.32
CA GLU B 387 -32.24 -16.62 27.03
C GLU B 387 -31.10 -17.47 26.46
N GLU B 388 -31.36 -18.75 26.21
CA GLU B 388 -30.33 -19.60 25.62
C GLU B 388 -30.01 -19.16 24.19
N LEU B 389 -31.05 -18.78 23.42
CA LEU B 389 -30.83 -18.28 22.08
C LEU B 389 -30.02 -16.99 22.10
N LEU B 390 -30.27 -16.12 23.09
CA LEU B 390 -29.48 -14.90 23.23
C LEU B 390 -28.04 -15.21 23.59
N VAL B 391 -27.83 -16.19 24.47
CA VAL B 391 -26.47 -16.64 24.78
C VAL B 391 -25.75 -17.05 23.50
N LYS B 392 -26.43 -17.86 22.68
CA LYS B 392 -25.83 -18.30 21.42
C LYS B 392 -25.56 -17.12 20.49
N LEU B 393 -26.48 -16.15 20.45
CA LEU B 393 -26.32 -15.00 19.57
C LEU B 393 -25.10 -14.18 19.96
N ASN B 394 -24.89 -13.94 21.25
CA ASN B 394 -23.75 -13.16 21.69
C ASN B 394 -22.45 -13.92 21.54
N ARG B 395 -22.49 -15.25 21.49
CA ARG B 395 -21.34 -16.07 21.13
C ARG B 395 -21.16 -16.19 19.62
N GLU B 396 -22.00 -15.54 18.83
CA GLU B 396 -21.99 -15.65 17.37
C GLU B 396 -22.13 -17.11 16.94
N ASP B 397 -23.06 -17.82 17.60
CA ASP B 397 -23.21 -19.26 17.42
C ASP B 397 -24.68 -19.64 17.30
N LEU B 398 -25.51 -18.76 16.74
CA LEU B 398 -26.94 -18.97 16.62
C LEU B 398 -27.31 -19.14 15.15
N LEU B 399 -28.08 -20.20 14.86
CA LEU B 399 -28.65 -20.42 13.52
C LEU B 399 -27.59 -20.37 12.43
N ARG B 400 -26.44 -20.98 12.72
CA ARG B 400 -25.30 -20.89 11.81
C ARG B 400 -25.51 -21.71 10.56
N LYS B 401 -25.00 -21.21 9.44
CA LYS B 401 -24.86 -22.01 8.23
C LYS B 401 -23.53 -22.77 8.29
N GLN B 402 -23.32 -23.65 7.32
CA GLN B 402 -22.09 -24.43 7.28
C GLN B 402 -21.02 -23.74 6.44
N ARG B 403 -21.42 -23.04 5.39
CA ARG B 403 -20.50 -22.27 4.55
C ARG B 403 -20.52 -20.83 5.06
N THR B 404 -19.42 -20.41 5.67
CA THR B 404 -19.41 -19.15 6.38
C THR B 404 -18.06 -18.45 6.21
N PHE B 405 -18.07 -17.14 6.48
CA PHE B 405 -16.88 -16.31 6.32
C PHE B 405 -15.72 -16.76 7.21
N ASP B 406 -16.02 -17.42 8.34
CA ASP B 406 -14.98 -17.77 9.30
C ASP B 406 -14.39 -19.15 9.09
N ASN B 407 -14.74 -19.84 8.01
CA ASN B 407 -14.14 -21.13 7.71
C ASN B 407 -12.71 -21.01 7.19
N GLY B 408 -12.16 -19.81 7.07
CA GLY B 408 -10.76 -19.64 6.75
C GLY B 408 -9.81 -20.18 7.80
N SER B 409 -10.33 -20.54 8.98
CA SER B 409 -9.49 -21.13 10.03
C SER B 409 -9.05 -22.54 9.66
N ILE B 410 -9.86 -23.25 8.88
CA ILE B 410 -9.69 -24.70 8.68
C ILE B 410 -8.43 -25.00 7.87
N PRO B 411 -7.43 -25.63 8.48
CA PRO B 411 -6.24 -26.02 7.71
C PRO B 411 -6.53 -27.18 6.79
N HIS B 412 -5.76 -27.26 5.70
CA HIS B 412 -5.98 -28.32 4.72
C HIS B 412 -5.75 -29.70 5.32
N GLN B 413 -4.96 -29.80 6.39
CA GLN B 413 -4.67 -31.11 6.96
C GLN B 413 -5.94 -31.81 7.46
N ILE B 414 -6.97 -31.05 7.83
CA ILE B 414 -8.18 -31.66 8.37
C ILE B 414 -9.04 -32.24 7.23
N HIS B 415 -9.27 -31.44 6.18
CA HIS B 415 -9.88 -31.98 4.97
C HIS B 415 -9.09 -33.19 4.47
N LEU B 416 -7.77 -33.12 4.57
CA LEU B 416 -6.93 -34.23 4.12
C LEU B 416 -7.15 -35.47 4.98
N GLY B 417 -7.29 -35.29 6.29
CA GLY B 417 -7.61 -36.43 7.15
C GLY B 417 -8.90 -37.10 6.75
N GLU B 418 -9.94 -36.31 6.48
CA GLU B 418 -11.22 -36.91 6.07
C GLU B 418 -11.09 -37.58 4.70
N LEU B 419 -10.40 -36.94 3.76
CA LEU B 419 -10.19 -37.52 2.43
C LEU B 419 -9.45 -38.85 2.52
N HIS B 420 -8.37 -38.88 3.30
CA HIS B 420 -7.59 -40.10 3.47
C HIS B 420 -8.42 -41.19 4.12
N ALA B 421 -9.25 -40.84 5.10
CA ALA B 421 -10.09 -41.84 5.76
C ALA B 421 -11.10 -42.43 4.79
N ILE B 422 -11.73 -41.59 3.96
CA ILE B 422 -12.69 -42.10 2.98
C ILE B 422 -11.99 -43.02 1.98
N LEU B 423 -10.81 -42.60 1.52
CA LEU B 423 -10.04 -43.46 0.62
C LEU B 423 -9.73 -44.81 1.25
N ARG B 424 -9.32 -44.79 2.53
CA ARG B 424 -9.01 -46.05 3.21
C ARG B 424 -10.25 -46.93 3.32
N ARG B 425 -11.40 -46.33 3.59
CA ARG B 425 -12.64 -47.10 3.68
C ARG B 425 -12.99 -47.75 2.35
N GLN B 426 -13.04 -46.97 1.28
CA GLN B 426 -13.59 -47.46 0.02
C GLN B 426 -12.57 -48.12 -0.90
N GLU B 427 -11.27 -47.98 -0.63
CA GLU B 427 -10.28 -48.71 -1.42
C GLU B 427 -10.39 -50.21 -1.22
N ASP B 428 -11.06 -50.65 -0.15
CA ASP B 428 -11.32 -52.07 0.05
C ASP B 428 -12.31 -52.63 -0.97
N PHE B 429 -13.13 -51.78 -1.58
CA PHE B 429 -14.13 -52.22 -2.54
C PHE B 429 -13.83 -51.80 -3.97
N TYR B 430 -13.00 -50.77 -4.17
CA TYR B 430 -12.69 -50.26 -5.50
C TYR B 430 -11.18 -50.26 -5.70
N PRO B 431 -10.65 -51.15 -6.55
CA PRO B 431 -9.18 -51.24 -6.68
C PRO B 431 -8.52 -49.97 -7.19
N PHE B 432 -9.20 -49.20 -8.05
CA PHE B 432 -8.58 -47.99 -8.57
C PHE B 432 -8.42 -46.92 -7.49
N LEU B 433 -9.23 -46.97 -6.43
CA LEU B 433 -9.03 -46.05 -5.32
C LEU B 433 -7.78 -46.40 -4.54
N LYS B 434 -7.52 -47.70 -4.35
CA LYS B 434 -6.27 -48.11 -3.71
C LYS B 434 -5.07 -47.72 -4.55
N ASP B 435 -5.13 -47.99 -5.86
CA ASP B 435 -4.00 -47.66 -6.73
C ASP B 435 -3.80 -46.15 -6.83
N ASN B 436 -4.86 -45.35 -6.71
CA ASN B 436 -4.79 -43.91 -6.90
C ASN B 436 -4.97 -43.12 -5.60
N ARG B 437 -4.82 -43.77 -4.45
CA ARG B 437 -5.07 -43.08 -3.18
C ARG B 437 -4.09 -41.92 -2.99
N GLU B 438 -2.78 -42.21 -3.09
CA GLU B 438 -1.78 -41.16 -2.90
C GLU B 438 -1.87 -40.10 -3.97
N LYS B 439 -2.30 -40.47 -5.19
CA LYS B 439 -2.50 -39.49 -6.25
C LYS B 439 -3.58 -38.47 -5.85
N ILE B 440 -4.71 -38.96 -5.36
CA ILE B 440 -5.81 -38.07 -4.96
C ILE B 440 -5.37 -37.19 -3.79
N GLU B 441 -4.72 -37.82 -2.80
CA GLU B 441 -4.15 -37.05 -1.70
C GLU B 441 -3.23 -35.95 -2.20
N LYS B 442 -2.40 -36.26 -3.20
CA LYS B 442 -1.49 -35.27 -3.77
C LYS B 442 -2.25 -34.14 -4.44
N ILE B 443 -3.34 -34.47 -5.13
CA ILE B 443 -4.19 -33.43 -5.73
C ILE B 443 -4.61 -32.43 -4.65
N LEU B 444 -5.03 -32.94 -3.49
CA LEU B 444 -5.42 -32.01 -2.43
C LEU B 444 -4.22 -31.25 -1.85
N THR B 445 -3.10 -31.94 -1.62
CA THR B 445 -2.02 -31.33 -0.85
C THR B 445 -1.12 -30.42 -1.68
N PHE B 446 -0.98 -30.67 -2.98
CA PHE B 446 0.04 -30.00 -3.76
C PHE B 446 -0.26 -28.52 -3.94
N ARG B 447 0.78 -27.70 -3.75
CA ARG B 447 0.78 -26.28 -4.09
C ARG B 447 1.96 -25.97 -4.98
N ILE B 448 1.74 -25.14 -5.99
CA ILE B 448 2.87 -24.56 -6.72
C ILE B 448 3.61 -23.66 -5.74
N PRO B 449 4.90 -23.86 -5.54
CA PRO B 449 5.64 -23.01 -4.59
C PRO B 449 5.70 -21.59 -5.09
N TYR B 450 5.69 -20.64 -4.14
CA TYR B 450 5.76 -19.23 -4.51
C TYR B 450 7.04 -18.91 -5.27
N TYR B 451 8.11 -19.69 -5.04
CA TYR B 451 9.38 -19.45 -5.70
C TYR B 451 9.48 -20.11 -7.07
N VAL B 452 8.43 -20.82 -7.51
CA VAL B 452 8.40 -21.44 -8.83
C VAL B 452 7.62 -20.58 -9.82
N GLY B 453 6.50 -20.00 -9.40
CA GLY B 453 5.72 -19.14 -10.25
C GLY B 453 4.95 -19.92 -11.31
N PRO B 454 4.33 -19.20 -12.24
CA PRO B 454 3.52 -19.85 -13.27
C PRO B 454 4.32 -20.90 -14.04
N LEU B 455 3.64 -22.00 -14.35
CA LEU B 455 4.25 -23.13 -15.04
C LEU B 455 4.17 -22.93 -16.56
N ALA B 456 4.76 -21.83 -17.01
CA ALA B 456 4.61 -21.40 -18.38
C ALA B 456 5.56 -22.14 -19.31
N ARG B 457 5.35 -21.95 -20.61
CA ARG B 457 6.22 -22.51 -21.65
C ARG B 457 6.54 -21.41 -22.66
N GLY B 458 7.15 -20.33 -22.16
CA GLY B 458 7.69 -19.28 -23.02
C GLY B 458 6.71 -18.23 -23.48
N ASN B 459 5.51 -18.16 -22.89
CA ASN B 459 4.51 -17.18 -23.32
C ASN B 459 3.95 -16.40 -22.14
N SER B 460 4.71 -16.29 -21.05
CA SER B 460 4.31 -15.54 -19.87
C SER B 460 5.45 -14.61 -19.48
N ARG B 461 5.20 -13.30 -19.53
CA ARG B 461 6.21 -12.34 -19.10
C ARG B 461 6.43 -12.36 -17.60
N PHE B 462 5.60 -13.08 -16.85
CA PHE B 462 5.75 -13.19 -15.40
C PHE B 462 6.52 -14.42 -14.96
N ALA B 463 6.69 -15.41 -15.83
CA ALA B 463 7.24 -16.69 -15.43
C ALA B 463 8.76 -16.68 -15.46
N TRP B 464 9.34 -17.56 -14.63
CA TRP B 464 10.78 -17.78 -14.60
C TRP B 464 11.14 -19.25 -14.43
N MET B 465 10.15 -20.13 -14.31
CA MET B 465 10.38 -21.53 -14.01
C MET B 465 11.10 -22.23 -15.16
N THR B 466 12.03 -23.12 -14.80
CA THR B 466 12.71 -23.97 -15.77
C THR B 466 12.38 -25.43 -15.47
N ARG B 467 12.26 -26.22 -16.54
CA ARG B 467 11.86 -27.61 -16.42
C ARG B 467 13.08 -28.52 -16.55
N LYS B 468 13.04 -29.66 -15.84
CA LYS B 468 14.05 -30.69 -16.02
C LYS B 468 13.80 -31.51 -17.27
N SER B 469 12.55 -31.64 -17.68
CA SER B 469 12.20 -32.35 -18.90
C SER B 469 10.99 -31.67 -19.54
N GLU B 470 10.89 -31.78 -20.86
CA GLU B 470 9.83 -31.12 -21.62
C GLU B 470 8.62 -32.05 -21.68
N GLU B 471 7.77 -31.95 -20.67
CA GLU B 471 6.51 -32.68 -20.64
C GLU B 471 5.54 -31.93 -19.75
N THR B 472 4.25 -32.28 -19.88
CA THR B 472 3.22 -31.58 -19.13
C THR B 472 3.40 -31.81 -17.63
N ILE B 473 3.35 -30.72 -16.87
CA ILE B 473 3.51 -30.77 -15.42
C ILE B 473 2.17 -31.13 -14.78
N THR B 474 2.22 -32.05 -13.82
CA THR B 474 1.07 -32.48 -13.04
C THR B 474 1.48 -32.44 -11.57
N PRO B 475 0.51 -32.50 -10.64
CA PRO B 475 0.89 -32.53 -9.22
C PRO B 475 1.73 -33.74 -8.83
N TRP B 476 1.67 -34.82 -9.61
CA TRP B 476 2.38 -36.05 -9.27
C TRP B 476 3.79 -36.11 -9.84
N ASN B 477 4.07 -35.38 -10.93
CA ASN B 477 5.39 -35.39 -11.55
C ASN B 477 6.13 -34.07 -11.37
N PHE B 478 5.67 -33.24 -10.43
CA PHE B 478 6.22 -31.89 -10.29
C PHE B 478 7.70 -31.93 -9.96
N GLU B 479 8.08 -32.76 -8.97
CA GLU B 479 9.48 -32.82 -8.55
C GLU B 479 10.40 -33.28 -9.68
N GLU B 480 9.91 -34.15 -10.56
CA GLU B 480 10.75 -34.68 -11.63
C GLU B 480 10.81 -33.74 -12.82
N VAL B 481 9.71 -33.08 -13.15
CA VAL B 481 9.68 -32.23 -14.34
C VAL B 481 10.20 -30.84 -14.06
N VAL B 482 9.85 -30.26 -12.91
CA VAL B 482 10.27 -28.89 -12.57
C VAL B 482 11.62 -28.94 -11.87
N ASP B 483 12.56 -28.12 -12.36
CA ASP B 483 13.83 -27.92 -11.67
C ASP B 483 13.59 -26.92 -10.55
N LYS B 484 13.22 -27.44 -9.37
CA LYS B 484 12.89 -26.57 -8.24
C LYS B 484 14.09 -25.74 -7.82
N GLY B 485 15.28 -26.33 -7.85
CA GLY B 485 16.47 -25.59 -7.44
C GLY B 485 16.76 -24.40 -8.33
N ALA B 486 16.85 -24.65 -9.64
CA ALA B 486 17.09 -23.56 -10.59
C ALA B 486 15.98 -22.52 -10.53
N SER B 487 14.73 -22.97 -10.34
CA SER B 487 13.60 -22.04 -10.32
C SER B 487 13.65 -21.16 -9.08
N ALA B 488 13.92 -21.75 -7.92
CA ALA B 488 14.05 -20.98 -6.69
C ALA B 488 15.23 -20.03 -6.75
N GLN B 489 16.31 -20.42 -7.43
CA GLN B 489 17.44 -19.53 -7.57
C GLN B 489 17.12 -18.36 -8.49
N SER B 490 16.46 -18.63 -9.62
CA SER B 490 16.04 -17.57 -10.53
C SER B 490 15.09 -16.60 -9.86
N PHE B 491 14.16 -17.13 -9.04
CA PHE B 491 13.20 -16.28 -8.34
C PHE B 491 13.88 -15.15 -7.59
N ILE B 492 15.04 -15.43 -6.98
CA ILE B 492 15.76 -14.39 -6.27
C ILE B 492 16.65 -13.60 -7.21
N GLU B 493 17.42 -14.30 -8.05
CA GLU B 493 18.45 -13.62 -8.85
C GLU B 493 17.88 -12.71 -9.93
N ARG B 494 16.63 -12.91 -10.33
CA ARG B 494 15.99 -11.98 -11.26
C ARG B 494 15.60 -10.68 -10.59
N MET B 495 15.66 -10.61 -9.25
CA MET B 495 15.26 -9.43 -8.50
C MET B 495 16.40 -8.73 -7.79
N THR B 496 17.52 -9.41 -7.55
CA THR B 496 18.58 -8.85 -6.73
C THR B 496 19.57 -8.05 -7.57
N ASN B 497 20.16 -7.05 -6.92
CA ASN B 497 21.13 -6.18 -7.58
C ASN B 497 22.47 -6.90 -7.75
N PHE B 498 23.17 -6.52 -8.82
CA PHE B 498 24.58 -6.84 -8.94
C PHE B 498 25.41 -5.77 -8.25
N ASP B 499 26.66 -6.10 -7.98
CA ASP B 499 27.60 -5.12 -7.43
C ASP B 499 27.78 -3.98 -8.43
N LYS B 500 27.51 -2.75 -7.98
CA LYS B 500 27.66 -1.61 -8.88
C LYS B 500 29.12 -1.44 -9.29
N ASN B 501 30.06 -1.70 -8.38
CA ASN B 501 31.48 -1.56 -8.69
C ASN B 501 31.94 -2.61 -9.69
N LEU B 502 31.45 -3.85 -9.53
CA LEU B 502 31.74 -4.95 -10.44
C LEU B 502 30.40 -5.46 -10.97
N PRO B 503 29.91 -4.90 -12.07
CA PRO B 503 28.51 -5.18 -12.48
C PRO B 503 28.24 -6.62 -12.84
N ASN B 504 29.26 -7.43 -13.11
CA ASN B 504 29.06 -8.82 -13.46
C ASN B 504 29.10 -9.75 -12.25
N GLU B 505 29.28 -9.22 -11.05
CA GLU B 505 29.47 -10.02 -9.85
C GLU B 505 28.21 -9.99 -8.99
N LYS B 506 27.78 -11.17 -8.54
CA LYS B 506 26.62 -11.26 -7.66
C LYS B 506 26.94 -10.69 -6.29
N VAL B 507 25.95 -10.01 -5.70
CA VAL B 507 26.10 -9.43 -4.38
C VAL B 507 26.11 -10.51 -3.32
N LEU B 508 26.83 -10.27 -2.22
CA LEU B 508 26.94 -11.25 -1.15
C LEU B 508 25.67 -11.29 -0.31
N PRO B 509 25.38 -12.43 0.32
CA PRO B 509 24.29 -12.46 1.29
C PRO B 509 24.55 -11.50 2.44
N LYS B 510 23.49 -10.85 2.91
CA LYS B 510 23.63 -9.84 3.97
C LYS B 510 24.24 -10.44 5.23
N HIS B 511 23.88 -11.68 5.56
CA HIS B 511 24.36 -12.34 6.76
C HIS B 511 25.58 -13.23 6.50
N SER B 512 26.23 -13.07 5.35
CA SER B 512 27.47 -13.79 5.09
C SER B 512 28.53 -13.41 6.12
N LEU B 513 29.39 -14.38 6.46
CA LEU B 513 30.46 -14.12 7.41
C LEU B 513 31.44 -13.10 6.86
N LEU B 514 31.88 -13.28 5.62
CA LEU B 514 32.82 -12.35 5.00
C LEU B 514 32.25 -10.94 4.97
N TYR B 515 30.95 -10.81 4.69
CA TYR B 515 30.33 -9.48 4.63
C TYR B 515 30.35 -8.79 5.98
N GLU B 516 30.09 -9.55 7.06
CA GLU B 516 30.09 -8.94 8.38
C GLU B 516 31.50 -8.63 8.86
N TYR B 517 32.48 -9.46 8.46
CA TYR B 517 33.88 -9.10 8.68
C TYR B 517 34.20 -7.77 8.01
N PHE B 518 33.79 -7.62 6.75
CA PHE B 518 34.04 -6.39 6.02
C PHE B 518 33.42 -5.20 6.74
N THR B 519 32.17 -5.32 7.17
CA THR B 519 31.50 -4.20 7.82
C THR B 519 32.17 -3.85 9.15
N VAL B 520 32.48 -4.86 9.97
CA VAL B 520 33.10 -4.61 11.27
C VAL B 520 34.46 -3.95 11.10
N TYR B 521 35.29 -4.47 10.18
CA TYR B 521 36.61 -3.89 9.99
C TYR B 521 36.54 -2.50 9.38
N ASN B 522 35.58 -2.27 8.48
CA ASN B 522 35.43 -0.95 7.87
C ASN B 522 35.05 0.08 8.91
N GLU B 523 34.20 -0.29 9.86
CA GLU B 523 33.90 0.64 10.95
C GLU B 523 35.09 0.77 11.90
N LEU B 524 35.85 -0.31 12.09
CA LEU B 524 36.87 -0.34 13.14
C LEU B 524 38.13 0.42 12.76
N THR B 525 38.45 0.52 11.46
CA THR B 525 39.68 1.22 11.09
C THR B 525 39.59 2.72 11.34
N LYS B 526 38.40 3.29 11.32
CA LYS B 526 38.25 4.71 11.55
C LYS B 526 38.03 5.06 13.02
N VAL B 527 38.25 4.12 13.92
CA VAL B 527 38.27 4.39 15.35
C VAL B 527 39.61 5.03 15.69
N LYS B 528 39.58 6.02 16.58
CA LYS B 528 40.81 6.65 17.07
C LYS B 528 40.72 6.78 18.59
N TYR B 529 41.88 6.87 19.23
CA TYR B 529 41.91 6.89 20.69
C TYR B 529 43.07 7.75 21.17
N VAL B 530 42.89 8.33 22.35
CA VAL B 530 43.93 9.12 23.02
C VAL B 530 44.03 8.69 24.48
N THR B 531 45.25 8.67 25.01
CA THR B 531 45.48 8.61 26.44
C THR B 531 46.34 9.79 26.88
N GLU B 532 46.92 9.71 28.07
CA GLU B 532 47.65 10.85 28.63
C GLU B 532 48.93 11.13 27.87
N GLY B 533 49.83 10.15 27.80
CA GLY B 533 51.13 10.37 27.21
C GLY B 533 51.12 10.64 25.73
N MET B 534 50.01 10.32 25.05
CA MET B 534 49.96 10.46 23.60
C MET B 534 49.83 11.91 23.18
N ARG B 535 50.61 12.29 22.17
CA ARG B 535 50.60 13.64 21.63
C ARG B 535 49.40 13.88 20.73
N LYS B 536 48.91 12.84 20.05
CA LYS B 536 47.91 12.95 19.01
C LYS B 536 47.10 11.66 19.00
N PRO B 537 45.79 11.73 18.75
CA PRO B 537 45.00 10.50 18.62
C PRO B 537 45.58 9.58 17.55
N ALA B 538 45.54 8.28 17.83
CA ALA B 538 46.11 7.28 16.95
C ALA B 538 45.04 6.32 16.45
N PHE B 539 45.26 5.83 15.24
CA PHE B 539 44.49 4.72 14.72
C PHE B 539 44.80 3.44 15.48
N LEU B 540 43.97 2.43 15.27
CA LEU B 540 44.27 1.09 15.75
C LEU B 540 45.14 0.38 14.72
N SER B 541 46.23 -0.21 15.17
CA SER B 541 47.08 -0.99 14.29
C SER B 541 46.35 -2.27 13.86
N GLY B 542 46.93 -2.96 12.89
CA GLY B 542 46.38 -4.25 12.49
C GLY B 542 46.28 -5.23 13.64
N GLU B 543 47.34 -5.32 14.44
CA GLU B 543 47.34 -6.23 15.58
C GLU B 543 46.30 -5.82 16.61
N GLN B 544 46.16 -4.52 16.86
CA GLN B 544 45.14 -4.04 17.79
C GLN B 544 43.74 -4.38 17.29
N LYS B 545 43.47 -4.18 16.00
CA LYS B 545 42.15 -4.48 15.46
C LYS B 545 41.85 -5.97 15.51
N LYS B 546 42.85 -6.80 15.20
CA LYS B 546 42.65 -8.25 15.30
C LYS B 546 42.40 -8.67 16.74
N ALA B 547 43.12 -8.06 17.70
CA ALA B 547 42.88 -8.40 19.10
C ALA B 547 41.50 -7.95 19.55
N ILE B 548 41.03 -6.81 19.06
CA ILE B 548 39.69 -6.34 19.42
C ILE B 548 38.63 -7.26 18.82
N VAL B 549 38.86 -7.73 17.59
CA VAL B 549 37.90 -8.64 16.96
C VAL B 549 37.86 -9.97 17.71
N ASP B 550 39.04 -10.54 18.01
CA ASP B 550 39.07 -11.84 18.66
C ASP B 550 38.55 -11.78 20.09
N LEU B 551 38.84 -10.71 20.82
CA LEU B 551 38.50 -10.62 22.23
C LEU B 551 37.07 -10.13 22.47
N LEU B 552 36.55 -9.23 21.63
CA LEU B 552 35.25 -8.64 21.85
C LEU B 552 34.22 -9.04 20.81
N PHE B 553 34.51 -8.83 19.52
CA PHE B 553 33.52 -9.09 18.49
C PHE B 553 33.23 -10.58 18.34
N LYS B 554 34.19 -11.43 18.70
CA LYS B 554 34.00 -12.88 18.61
C LYS B 554 33.57 -13.51 19.92
N THR B 555 33.34 -12.70 20.97
CA THR B 555 32.79 -13.20 22.22
C THR B 555 31.52 -12.49 22.63
N ASN B 556 31.18 -11.37 22.00
CA ASN B 556 29.95 -10.63 22.29
C ASN B 556 29.22 -10.36 20.99
N ARG B 557 27.90 -10.52 21.00
CA ARG B 557 27.10 -10.18 19.83
C ARG B 557 27.23 -8.70 19.50
N LYS B 558 27.20 -7.84 20.51
CA LYS B 558 27.39 -6.41 20.35
C LYS B 558 28.55 -5.94 21.21
N VAL B 559 29.35 -5.02 20.68
CA VAL B 559 30.51 -4.47 21.37
C VAL B 559 30.22 -3.01 21.67
N THR B 560 30.09 -2.67 22.95
CA THR B 560 29.88 -1.29 23.34
C THR B 560 31.22 -0.57 23.49
N VAL B 561 31.14 0.76 23.60
CA VAL B 561 32.34 1.56 23.83
C VAL B 561 32.92 1.25 25.21
N LYS B 562 32.04 1.02 26.21
CA LYS B 562 32.53 0.67 27.53
C LYS B 562 33.33 -0.63 27.50
N GLN B 563 32.86 -1.62 26.73
CA GLN B 563 33.60 -2.86 26.59
C GLN B 563 34.94 -2.63 25.90
N LEU B 564 34.96 -1.75 24.91
CA LEU B 564 36.23 -1.41 24.28
C LEU B 564 37.20 -0.80 25.28
N LYS B 565 36.71 0.11 26.11
CA LYS B 565 37.58 0.80 27.07
C LYS B 565 38.09 -0.14 28.14
N GLU B 566 37.22 -1.01 28.67
CA GLU B 566 37.58 -1.83 29.83
C GLU B 566 38.17 -3.18 29.42
N ASP B 567 37.47 -3.91 28.56
CA ASP B 567 37.88 -5.26 28.19
C ASP B 567 39.04 -5.30 27.21
N TYR B 568 39.36 -4.19 26.54
CA TYR B 568 40.57 -4.12 25.73
C TYR B 568 41.58 -3.12 26.28
N PHE B 569 41.25 -1.82 26.31
CA PHE B 569 42.27 -0.82 26.59
C PHE B 569 42.78 -0.92 28.03
N LYS B 570 41.93 -1.32 28.98
CA LYS B 570 42.41 -1.56 30.34
C LYS B 570 43.04 -2.93 30.47
N LYS B 571 42.41 -3.96 29.90
CA LYS B 571 42.88 -5.33 30.11
C LYS B 571 44.17 -5.62 29.36
N ILE B 572 44.34 -5.06 28.17
CA ILE B 572 45.50 -5.33 27.33
C ILE B 572 46.52 -4.20 27.40
N GLU B 573 46.10 -2.96 27.11
CA GLU B 573 47.00 -1.82 27.04
C GLU B 573 47.24 -1.17 28.40
N CYS B 574 46.56 -1.64 29.46
CA CYS B 574 46.70 -1.10 30.81
C CYS B 574 46.46 0.40 30.86
N PHE B 575 45.40 0.85 30.18
CA PHE B 575 44.96 2.23 30.23
C PHE B 575 43.83 2.36 31.24
N ASP B 576 43.96 3.30 32.17
CA ASP B 576 42.88 3.60 33.10
C ASP B 576 41.91 4.64 32.55
N SER B 577 42.32 5.40 31.54
CA SER B 577 41.47 6.38 30.91
C SER B 577 41.84 6.48 29.43
N VAL B 578 40.82 6.51 28.57
CA VAL B 578 41.04 6.58 27.14
C VAL B 578 39.86 7.28 26.49
N GLU B 579 40.14 8.12 25.49
CA GLU B 579 39.11 8.84 24.77
C GLU B 579 38.98 8.25 23.37
N ILE B 580 37.76 7.85 23.02
CA ILE B 580 37.49 7.11 21.78
C ILE B 580 36.71 8.02 20.83
N SER B 581 37.01 7.92 19.55
CA SER B 581 36.27 8.61 18.50
C SER B 581 36.04 7.64 17.34
N GLY B 582 35.03 7.94 16.54
CA GLY B 582 34.65 7.11 15.41
C GLY B 582 33.53 6.13 15.70
N VAL B 583 33.13 6.01 16.95
CA VAL B 583 32.04 5.13 17.36
C VAL B 583 31.35 5.77 18.56
N GLU B 584 30.03 5.62 18.64
CA GLU B 584 29.27 6.20 19.74
C GLU B 584 28.41 5.12 20.39
N ASP B 585 28.51 5.02 21.72
CA ASP B 585 27.78 4.06 22.54
C ASP B 585 28.18 2.61 22.25
N ARG B 586 28.03 2.17 21.02
CA ARG B 586 28.42 0.81 20.67
C ARG B 586 28.63 0.73 19.16
N PHE B 587 29.37 -0.28 18.74
CA PHE B 587 29.66 -0.46 17.32
C PHE B 587 28.39 -0.83 16.57
N ASN B 588 28.21 -0.20 15.41
CA ASN B 588 27.03 -0.47 14.59
C ASN B 588 27.11 -1.85 13.95
N ALA B 589 28.28 -2.22 13.46
CA ALA B 589 28.47 -3.52 12.83
C ALA B 589 28.71 -4.58 13.90
N SER B 590 28.46 -5.84 13.52
CA SER B 590 28.61 -6.94 14.46
C SER B 590 28.72 -8.24 13.68
N LEU B 591 29.29 -9.24 14.34
CA LEU B 591 29.45 -10.57 13.76
C LEU B 591 28.33 -11.49 14.25
N GLY B 592 27.11 -11.19 13.77
CA GLY B 592 25.95 -11.93 14.24
C GLY B 592 25.90 -13.35 13.72
N THR B 593 26.19 -13.55 12.44
CA THR B 593 26.21 -14.90 11.88
C THR B 593 27.27 -15.76 12.57
N TYR B 594 28.42 -15.17 12.89
CA TYR B 594 29.45 -15.90 13.62
C TYR B 594 28.89 -16.48 14.91
N HIS B 595 28.09 -15.70 15.64
CA HIS B 595 27.55 -16.17 16.91
C HIS B 595 26.40 -17.16 16.72
N ASP B 596 25.56 -16.94 15.70
CA ASP B 596 24.55 -17.95 15.35
C ASP B 596 25.20 -19.30 15.09
N LEU B 597 26.21 -19.32 14.23
CA LEU B 597 26.87 -20.56 13.86
C LEU B 597 27.68 -21.14 15.01
N LEU B 598 28.22 -20.29 15.88
CA LEU B 598 28.91 -20.79 17.07
C LEU B 598 27.95 -21.50 18.00
N LYS B 599 26.72 -20.97 18.13
CA LYS B 599 25.73 -21.66 18.93
C LYS B 599 25.29 -22.96 18.28
N ILE B 600 25.18 -22.98 16.95
CA ILE B 600 24.66 -24.18 16.29
C ILE B 600 25.71 -25.29 16.23
N ILE B 601 26.93 -24.97 15.79
CA ILE B 601 27.94 -25.99 15.55
C ILE B 601 28.91 -26.18 16.72
N LYS B 602 29.06 -25.17 17.58
CA LYS B 602 29.84 -25.30 18.82
C LYS B 602 31.29 -25.69 18.57
N ASP B 603 31.89 -25.14 17.52
CA ASP B 603 33.29 -25.42 17.18
C ASP B 603 33.92 -24.08 16.77
N LYS B 604 34.39 -23.34 17.78
CA LYS B 604 34.97 -22.02 17.51
C LYS B 604 36.19 -22.12 16.61
N ASP B 605 36.98 -23.19 16.77
CA ASP B 605 38.15 -23.38 15.92
C ASP B 605 37.73 -23.63 14.47
N PHE B 606 36.63 -24.35 14.26
CA PHE B 606 36.11 -24.51 12.90
C PHE B 606 35.76 -23.17 12.28
N LEU B 607 35.12 -22.29 13.06
CA LEU B 607 34.73 -20.99 12.53
C LEU B 607 35.93 -20.09 12.28
N ASP B 608 36.98 -20.23 13.09
CA ASP B 608 38.15 -19.36 12.93
C ASP B 608 39.14 -19.86 11.89
N ASN B 609 39.04 -21.12 11.47
CA ASN B 609 39.96 -21.66 10.49
C ASN B 609 39.59 -21.16 9.10
N GLU B 610 40.55 -20.54 8.42
CA GLU B 610 40.28 -19.94 7.11
C GLU B 610 39.96 -21.01 6.07
N GLU B 611 40.44 -22.24 6.26
CA GLU B 611 40.21 -23.30 5.28
C GLU B 611 38.73 -23.58 5.08
N ASN B 612 37.92 -23.37 6.11
CA ASN B 612 36.48 -23.60 6.04
C ASN B 612 35.72 -22.41 5.48
N GLU B 613 36.41 -21.29 5.20
CA GLU B 613 35.75 -20.06 4.76
C GLU B 613 34.73 -20.34 3.66
N ASP B 614 35.21 -20.85 2.52
CA ASP B 614 34.32 -21.24 1.41
C ASP B 614 33.09 -21.98 1.92
N ILE B 615 33.31 -23.09 2.63
CA ILE B 615 32.20 -23.91 3.10
C ILE B 615 31.20 -23.04 3.85
N LEU B 616 31.68 -22.26 4.82
CA LEU B 616 30.76 -21.45 5.62
C LEU B 616 30.00 -20.48 4.74
N GLU B 617 30.69 -19.79 3.84
CA GLU B 617 30.00 -18.91 2.89
C GLU B 617 28.89 -19.67 2.19
N ASP B 618 29.21 -20.83 1.62
CA ASP B 618 28.22 -21.61 0.90
C ASP B 618 27.01 -21.89 1.80
N ILE B 619 27.27 -22.29 3.05
CA ILE B 619 26.16 -22.61 3.95
C ILE B 619 25.25 -21.41 4.09
N VAL B 620 25.82 -20.24 4.38
CA VAL B 620 24.99 -19.05 4.55
C VAL B 620 24.25 -18.75 3.25
N LEU B 621 24.92 -18.91 2.11
CA LEU B 621 24.24 -18.72 0.83
C LEU B 621 23.00 -19.59 0.76
N THR B 622 23.14 -20.88 1.08
CA THR B 622 21.99 -21.78 1.05
C THR B 622 20.92 -21.33 2.04
N LEU B 623 21.35 -20.88 3.23
CA LEU B 623 20.35 -20.44 4.19
C LEU B 623 19.65 -19.17 3.74
N THR B 624 20.29 -18.38 2.87
CA THR B 624 19.72 -17.13 2.39
C THR B 624 18.94 -17.33 1.09
N LEU B 625 19.55 -18.03 0.13
CA LEU B 625 18.95 -18.19 -1.19
C LEU B 625 17.65 -18.97 -1.14
N PHE B 626 17.53 -19.92 -0.22
CA PHE B 626 16.38 -20.81 -0.19
C PHE B 626 15.63 -20.65 1.13
N GLU B 627 14.32 -20.88 1.06
CA GLU B 627 13.44 -20.82 2.22
C GLU B 627 12.72 -22.14 2.49
N ASP B 628 12.82 -23.11 1.58
CA ASP B 628 12.18 -24.41 1.74
C ASP B 628 13.12 -25.35 2.50
N ARG B 629 12.64 -25.90 3.62
CA ARG B 629 13.51 -26.67 4.50
C ARG B 629 14.00 -27.95 3.84
N GLU B 630 13.22 -28.54 2.94
CA GLU B 630 13.69 -29.73 2.23
C GLU B 630 14.80 -29.37 1.24
N MET B 631 14.65 -28.25 0.52
CA MET B 631 15.71 -27.84 -0.40
C MET B 631 16.96 -27.42 0.37
N ILE B 632 16.78 -26.70 1.47
CA ILE B 632 17.91 -26.36 2.33
C ILE B 632 18.61 -27.62 2.80
N GLU B 633 17.84 -28.65 3.19
CA GLU B 633 18.43 -29.90 3.64
C GLU B 633 19.20 -30.59 2.51
N GLU B 634 18.63 -30.60 1.30
CA GLU B 634 19.29 -31.24 0.17
C GLU B 634 20.61 -30.55 -0.16
N ARG B 635 20.65 -29.22 -0.05
CA ARG B 635 21.86 -28.49 -0.40
C ARG B 635 22.96 -28.60 0.67
N LEU B 636 22.58 -28.72 1.94
CA LEU B 636 23.56 -28.89 3.01
C LEU B 636 24.04 -30.32 3.14
N LYS B 637 23.61 -31.23 2.26
CA LYS B 637 23.96 -32.63 2.38
C LYS B 637 25.43 -32.89 2.08
N THR B 638 26.04 -32.06 1.22
CA THR B 638 27.46 -32.21 0.92
C THR B 638 28.32 -32.06 2.16
N TYR B 639 27.83 -31.32 3.16
CA TYR B 639 28.55 -31.10 4.41
C TYR B 639 28.04 -31.97 5.54
N ALA B 640 27.31 -33.04 5.22
CA ALA B 640 26.76 -33.91 6.26
C ALA B 640 27.87 -34.56 7.07
N HIS B 641 28.99 -34.90 6.42
CA HIS B 641 30.09 -35.56 7.11
C HIS B 641 30.78 -34.65 8.11
N LEU B 642 30.67 -33.32 7.96
CA LEU B 642 31.40 -32.41 8.83
C LEU B 642 30.71 -32.18 10.17
N PHE B 643 29.39 -32.36 10.25
CA PHE B 643 28.64 -32.02 11.44
C PHE B 643 27.84 -33.23 11.93
N ASP B 644 27.46 -33.19 13.19
CA ASP B 644 26.55 -34.18 13.73
C ASP B 644 25.17 -34.02 13.12
N ASP B 645 24.37 -35.09 13.18
CA ASP B 645 23.00 -35.02 12.69
C ASP B 645 22.20 -33.98 13.46
N LYS B 646 22.45 -33.86 14.76
CA LYS B 646 21.80 -32.83 15.56
C LYS B 646 22.17 -31.43 15.08
N VAL B 647 23.47 -31.20 14.85
CA VAL B 647 23.92 -29.91 14.32
C VAL B 647 23.34 -29.68 12.93
N MET B 648 23.21 -30.74 12.13
CA MET B 648 22.62 -30.59 10.80
C MET B 648 21.16 -30.16 10.88
N LYS B 649 20.41 -30.72 11.83
CA LYS B 649 19.02 -30.33 12.01
C LYS B 649 18.91 -28.87 12.45
N GLN B 650 19.68 -28.50 13.48
CA GLN B 650 19.68 -27.12 13.93
C GLN B 650 20.11 -26.15 12.83
N LEU B 651 21.03 -26.58 11.96
CA LEU B 651 21.45 -25.77 10.82
C LEU B 651 20.31 -25.61 9.83
N LYS B 652 19.63 -26.72 9.51
CA LYS B 652 18.44 -26.66 8.66
C LYS B 652 17.47 -25.59 9.13
N ARG B 653 17.20 -25.55 10.44
CA ARG B 653 16.19 -24.62 10.92
C ARG B 653 16.60 -23.15 10.80
N ARG B 654 17.90 -22.85 10.82
CA ARG B 654 18.36 -21.47 10.77
C ARG B 654 18.25 -20.93 9.35
N ARG B 655 17.62 -19.76 9.21
CA ARG B 655 17.45 -19.16 7.89
C ARG B 655 17.65 -17.65 7.97
N TYR B 656 18.07 -17.08 6.85
CA TYR B 656 18.38 -15.67 6.73
C TYR B 656 17.69 -15.07 5.51
N THR B 657 17.44 -13.77 5.57
CA THR B 657 16.87 -13.03 4.44
C THR B 657 17.72 -11.81 4.18
N GLY B 658 17.77 -11.39 2.94
CA GLY B 658 18.43 -10.14 2.64
C GLY B 658 19.78 -10.33 1.98
N TRP B 659 20.19 -9.30 1.23
CA TRP B 659 21.43 -9.34 0.47
C TRP B 659 22.21 -8.07 0.75
N GLY B 660 23.53 -8.19 0.63
CA GLY B 660 24.40 -7.04 0.80
C GLY B 660 24.33 -6.13 -0.39
N ARG B 661 25.32 -5.24 -0.49
CA ARG B 661 25.43 -4.34 -1.62
C ARG B 661 26.77 -4.46 -2.33
N LEU B 662 27.68 -5.28 -1.82
CA LEU B 662 28.96 -5.51 -2.46
C LEU B 662 29.15 -7.00 -2.72
N SER B 663 29.95 -7.33 -3.73
CA SER B 663 30.21 -8.71 -4.07
C SER B 663 31.42 -9.24 -3.30
N ARG B 664 31.54 -10.57 -3.29
CA ARG B 664 32.70 -11.18 -2.65
C ARG B 664 33.98 -10.84 -3.38
N LYS B 665 33.93 -10.72 -4.71
CA LYS B 665 35.14 -10.38 -5.47
C LYS B 665 35.64 -9.00 -5.09
N LEU B 666 34.74 -8.06 -4.84
CA LEU B 666 35.16 -6.72 -4.42
C LEU B 666 35.74 -6.75 -3.01
N ILE B 667 35.11 -7.51 -2.11
CA ILE B 667 35.50 -7.46 -0.70
C ILE B 667 36.83 -8.16 -0.48
N ASN B 668 37.02 -9.31 -1.14
CA ASN B 668 38.14 -10.18 -0.80
C ASN B 668 38.64 -10.95 -2.03
N GLY B 669 38.43 -10.41 -3.23
CA GLY B 669 38.85 -11.09 -4.44
C GLY B 669 39.93 -10.36 -5.19
N ILE B 670 39.60 -9.21 -5.80
CA ILE B 670 40.59 -8.43 -6.51
C ILE B 670 41.69 -8.00 -5.55
N ARG B 671 42.90 -7.87 -6.08
CA ARG B 671 44.06 -7.50 -5.27
C ARG B 671 44.77 -6.31 -5.93
N ASP B 672 45.19 -5.37 -5.12
CA ASP B 672 46.04 -4.29 -5.60
C ASP B 672 47.33 -4.86 -6.16
N LYS B 673 47.76 -4.35 -7.30
CA LYS B 673 48.83 -4.99 -8.06
C LYS B 673 50.12 -5.06 -7.27
N GLN B 674 50.56 -3.92 -6.72
CA GLN B 674 51.85 -3.90 -6.03
C GLN B 674 51.74 -4.51 -4.63
N SER B 675 50.68 -4.21 -3.89
CA SER B 675 50.57 -4.72 -2.53
C SER B 675 50.19 -6.20 -2.50
N GLY B 676 49.44 -6.65 -3.50
CA GLY B 676 48.94 -8.02 -3.48
C GLY B 676 47.84 -8.27 -2.48
N LYS B 677 47.19 -7.21 -2.01
CA LYS B 677 46.23 -7.29 -0.91
C LYS B 677 44.83 -6.98 -1.41
N THR B 678 43.86 -7.67 -0.82
CA THR B 678 42.46 -7.41 -1.12
C THR B 678 41.97 -6.18 -0.34
N ILE B 679 40.75 -5.76 -0.66
CA ILE B 679 40.11 -4.69 0.11
C ILE B 679 40.05 -5.05 1.59
N LEU B 680 39.59 -6.26 1.90
CA LEU B 680 39.51 -6.70 3.29
C LEU B 680 40.91 -6.77 3.92
N ASP B 681 41.92 -7.13 3.13
CA ASP B 681 43.29 -7.11 3.64
C ASP B 681 43.68 -5.71 4.11
N PHE B 682 43.35 -4.69 3.32
CA PHE B 682 43.66 -3.32 3.72
C PHE B 682 42.84 -2.90 4.93
N LEU B 683 41.58 -3.33 5.00
CA LEU B 683 40.77 -3.03 6.18
C LEU B 683 41.35 -3.66 7.43
N LYS B 684 41.96 -4.84 7.31
CA LYS B 684 42.57 -5.46 8.47
C LYS B 684 43.87 -4.75 8.86
N SER B 685 44.63 -4.29 7.87
CA SER B 685 45.93 -3.69 8.16
C SER B 685 46.35 -2.81 6.98
N ASP B 686 46.57 -1.52 7.25
CA ASP B 686 46.99 -0.55 6.24
C ASP B 686 47.90 0.48 6.92
N GLY B 687 49.07 -0.01 7.36
CA GLY B 687 50.08 0.85 7.98
C GLY B 687 49.53 1.79 9.04
N PHE B 688 49.71 3.09 8.82
CA PHE B 688 49.14 4.11 9.69
C PHE B 688 48.14 5.01 8.98
N ALA B 689 47.70 4.63 7.77
CA ALA B 689 46.66 5.36 7.08
C ALA B 689 45.27 4.83 7.43
N ASN B 690 45.13 3.51 7.57
CA ASN B 690 43.86 2.87 7.92
C ASN B 690 42.75 3.27 6.95
N ARG B 691 43.06 3.21 5.66
CA ARG B 691 42.09 3.58 4.64
C ARG B 691 40.87 2.65 4.70
N ASN B 692 39.68 3.25 4.58
CA ASN B 692 38.45 2.48 4.55
C ASN B 692 38.05 2.22 3.10
N PHE B 693 36.86 1.66 2.92
CA PHE B 693 36.42 1.18 1.60
C PHE B 693 36.42 2.29 0.56
N MET B 694 35.84 3.44 0.90
CA MET B 694 35.77 4.56 -0.05
C MET B 694 37.17 5.03 -0.44
N GLN B 695 38.03 5.28 0.54
CA GLN B 695 39.39 5.70 0.26
C GLN B 695 40.12 4.65 -0.57
N LEU B 696 39.94 3.37 -0.24
CA LEU B 696 40.60 2.30 -0.97
C LEU B 696 40.23 2.34 -2.45
N ILE B 697 38.92 2.41 -2.75
CA ILE B 697 38.52 2.35 -4.16
C ILE B 697 38.64 3.69 -4.87
N HIS B 698 38.98 4.77 -4.17
CA HIS B 698 39.19 6.07 -4.81
C HIS B 698 40.65 6.50 -4.83
N ASP B 699 41.59 5.64 -4.43
CA ASP B 699 42.98 6.04 -4.26
C ASP B 699 43.77 5.77 -5.54
N ASP B 700 44.31 6.85 -6.13
CA ASP B 700 45.03 6.73 -7.39
C ASP B 700 46.34 5.96 -7.27
N SER B 701 46.84 5.75 -6.05
CA SER B 701 48.05 4.97 -5.85
C SER B 701 47.76 3.48 -5.70
N LEU B 702 46.52 3.05 -5.93
CA LEU B 702 46.15 1.65 -5.82
C LEU B 702 45.45 1.21 -7.10
N THR B 703 45.40 -0.11 -7.29
CA THR B 703 44.83 -0.71 -8.51
C THR B 703 43.33 -0.86 -8.44
N PHE B 704 42.71 -0.68 -7.27
CA PHE B 704 41.28 -0.94 -7.13
C PHE B 704 40.46 -0.03 -8.03
N LYS B 705 40.72 1.28 -7.99
CA LYS B 705 39.96 2.24 -8.79
C LYS B 705 40.06 1.91 -10.28
N GLU B 706 41.27 1.63 -10.76
CA GLU B 706 41.48 1.30 -12.17
C GLU B 706 40.64 0.09 -12.57
N ASP B 707 40.69 -0.97 -11.75
CA ASP B 707 39.95 -2.19 -12.07
C ASP B 707 38.45 -1.98 -12.00
N ILE B 708 37.98 -1.13 -11.07
CA ILE B 708 36.55 -0.83 -11.00
C ILE B 708 36.10 -0.12 -12.28
N GLN B 709 36.86 0.90 -12.69
CA GLN B 709 36.52 1.60 -13.94
C GLN B 709 36.53 0.63 -15.12
N LYS B 710 37.51 -0.27 -15.16
CA LYS B 710 37.59 -1.24 -16.25
C LYS B 710 36.41 -2.19 -16.26
N ALA B 711 35.96 -2.61 -15.08
CA ALA B 711 34.89 -3.61 -14.99
C ALA B 711 33.53 -3.08 -15.40
N GLN B 712 33.36 -1.77 -15.54
CA GLN B 712 32.07 -1.19 -15.85
C GLN B 712 31.62 -1.56 -17.26
N VAL B 713 30.33 -1.81 -17.40
CA VAL B 713 29.67 -1.94 -18.70
C VAL B 713 28.50 -0.96 -18.74
N SER B 714 27.96 -0.78 -19.93
CA SER B 714 26.70 -0.09 -20.12
C SER B 714 25.87 -0.88 -21.10
N GLY B 715 24.64 -1.18 -20.71
CA GLY B 715 23.72 -1.95 -21.54
C GLY B 715 23.01 -1.06 -22.54
N GLN B 716 21.93 -1.61 -23.10
CA GLN B 716 21.11 -0.86 -24.02
C GLN B 716 20.44 0.30 -23.30
N GLY B 717 20.46 1.47 -23.94
CA GLY B 717 19.87 2.65 -23.34
C GLY B 717 18.35 2.54 -23.28
N ASP B 718 17.80 2.94 -22.14
CA ASP B 718 16.35 3.00 -22.00
C ASP B 718 15.77 4.09 -22.89
N SER B 719 14.50 3.91 -23.26
CA SER B 719 13.75 5.02 -23.83
C SER B 719 13.32 5.96 -22.71
N LEU B 720 12.84 7.15 -23.10
CA LEU B 720 12.30 8.09 -22.14
C LEU B 720 11.25 7.42 -21.26
N HIS B 721 10.27 6.76 -21.88
CA HIS B 721 9.21 6.12 -21.12
C HIS B 721 9.75 4.98 -20.26
N GLU B 722 10.63 4.14 -20.82
CA GLU B 722 11.26 3.09 -20.02
C GLU B 722 11.98 3.68 -18.83
N HIS B 723 12.82 4.70 -19.06
CA HIS B 723 13.56 5.32 -17.98
C HIS B 723 12.62 5.84 -16.89
N ILE B 724 11.52 6.48 -17.28
CA ILE B 724 10.59 7.01 -16.30
C ILE B 724 9.89 5.88 -15.54
N ALA B 725 9.60 4.77 -16.24
CA ALA B 725 8.92 3.66 -15.59
C ALA B 725 9.80 3.01 -14.51
N ASN B 726 11.10 2.96 -14.74
CA ASN B 726 12.03 2.36 -13.79
C ASN B 726 12.37 3.27 -12.63
N LEU B 727 11.89 4.51 -12.61
CA LEU B 727 12.12 5.37 -11.46
C LEU B 727 11.35 4.85 -10.25
N ALA B 728 11.92 5.07 -9.07
CA ALA B 728 11.25 4.71 -7.82
C ALA B 728 10.31 5.84 -7.45
N GLY B 729 9.02 5.58 -7.48
CA GLY B 729 8.02 6.58 -7.17
C GLY B 729 6.64 6.04 -7.49
N SER B 730 5.64 6.88 -7.19
CA SER B 730 4.26 6.47 -7.45
C SER B 730 3.97 6.53 -8.95
N PRO B 731 3.31 5.52 -9.50
CA PRO B 731 2.96 5.57 -10.93
C PRO B 731 2.19 6.82 -11.33
N ALA B 732 1.43 7.41 -10.40
CA ALA B 732 0.73 8.66 -10.70
C ALA B 732 1.71 9.79 -10.99
N ILE B 733 2.67 10.01 -10.10
CA ILE B 733 3.63 11.09 -10.33
C ILE B 733 4.48 10.78 -11.56
N LYS B 734 4.70 9.50 -11.87
CA LYS B 734 5.46 9.17 -13.07
C LYS B 734 4.69 9.55 -14.34
N LYS B 735 3.38 9.30 -14.34
CA LYS B 735 2.54 9.82 -15.41
C LYS B 735 2.74 11.33 -15.56
N GLY B 736 2.69 12.04 -14.43
CA GLY B 736 2.94 13.48 -14.47
C GLY B 736 4.29 13.84 -15.07
N ILE B 737 5.33 13.06 -14.76
CA ILE B 737 6.69 13.37 -15.21
C ILE B 737 6.79 13.22 -16.72
N LEU B 738 6.27 12.11 -17.26
CA LEU B 738 6.30 11.93 -18.70
C LEU B 738 5.52 13.03 -19.41
N GLN B 739 4.34 13.38 -18.87
CA GLN B 739 3.56 14.46 -19.48
C GLN B 739 4.33 15.78 -19.46
N THR B 740 5.07 16.04 -18.38
CA THR B 740 5.89 17.25 -18.30
C THR B 740 6.93 17.29 -19.41
N VAL B 741 7.61 16.17 -19.64
CA VAL B 741 8.62 16.15 -20.70
C VAL B 741 7.99 16.41 -22.06
N LYS B 742 6.82 15.80 -22.31
CA LYS B 742 6.16 16.05 -23.60
C LYS B 742 5.74 17.51 -23.74
N VAL B 743 5.26 18.12 -22.66
CA VAL B 743 4.90 19.54 -22.69
C VAL B 743 6.11 20.39 -23.04
N VAL B 744 7.26 20.10 -22.42
CA VAL B 744 8.46 20.90 -22.67
C VAL B 744 8.89 20.76 -24.12
N ASP B 745 8.81 19.54 -24.67
CA ASP B 745 9.16 19.37 -26.08
C ASP B 745 8.26 20.22 -26.97
N GLU B 746 6.95 20.20 -26.73
CA GLU B 746 6.06 21.00 -27.57
C GLU B 746 6.33 22.49 -27.39
N LEU B 747 6.60 22.94 -26.16
CA LEU B 747 6.87 24.36 -25.94
C LEU B 747 8.13 24.79 -26.67
N VAL B 748 9.17 23.97 -26.67
CA VAL B 748 10.38 24.30 -27.40
C VAL B 748 10.08 24.39 -28.90
N LYS B 749 9.28 23.45 -29.42
CA LYS B 749 8.89 23.54 -30.82
C LYS B 749 8.10 24.81 -31.11
N VAL B 750 7.30 25.27 -30.15
CA VAL B 750 6.53 26.50 -30.34
C VAL B 750 7.46 27.69 -30.49
N MET B 751 8.55 27.71 -29.73
CA MET B 751 9.50 28.83 -29.77
C MET B 751 10.54 28.62 -30.86
N GLY B 752 10.17 27.96 -31.94
CA GLY B 752 11.05 27.76 -33.07
C GLY B 752 12.33 27.01 -32.75
N ARG B 753 12.26 25.98 -31.93
CA ARG B 753 13.41 25.14 -31.55
C ARG B 753 14.50 25.91 -30.83
N HIS B 754 14.16 27.09 -30.28
CA HIS B 754 15.06 27.82 -29.40
C HIS B 754 14.89 27.29 -27.98
N LYS B 755 16.00 27.00 -27.34
CA LYS B 755 15.95 26.42 -26.01
C LYS B 755 15.79 27.52 -24.95
N PRO B 756 15.01 27.27 -23.90
CA PRO B 756 14.83 28.30 -22.88
C PRO B 756 16.12 28.59 -22.13
N GLU B 757 16.14 29.76 -21.50
CA GLU B 757 17.25 30.10 -20.61
C GLU B 757 17.21 29.23 -19.35
N ASN B 758 16.07 29.23 -18.67
CA ASN B 758 15.89 28.42 -17.48
C ASN B 758 14.62 27.57 -17.63
N ILE B 759 14.56 26.53 -16.83
CA ILE B 759 13.36 25.72 -16.65
C ILE B 759 13.16 25.53 -15.15
N VAL B 760 12.10 26.12 -14.60
CA VAL B 760 11.84 26.05 -13.17
C VAL B 760 10.73 25.03 -12.94
N ILE B 761 11.05 24.01 -12.15
CA ILE B 761 10.13 22.90 -11.89
C ILE B 761 9.81 22.86 -10.40
N GLU B 762 8.54 22.63 -10.09
CA GLU B 762 8.07 22.42 -8.73
C GLU B 762 7.17 21.20 -8.73
N MET B 763 7.42 20.29 -7.81
CA MET B 763 6.67 19.03 -7.73
C MET B 763 5.83 19.01 -6.47
N ALA B 764 4.56 18.61 -6.62
CA ALA B 764 3.62 18.64 -5.51
C ALA B 764 4.01 17.62 -4.45
N ARG B 765 3.55 17.88 -3.23
CA ARG B 765 3.74 16.98 -2.09
C ARG B 765 3.15 15.60 -2.39
N LYS B 775 -9.80 0.60 4.77
CA LYS B 775 -8.66 0.70 3.88
C LYS B 775 -7.44 1.23 4.63
N ASN B 776 -7.23 2.56 4.63
CA ASN B 776 -6.24 3.13 5.52
C ASN B 776 -6.67 3.00 6.97
N SER B 777 -7.98 3.15 7.22
CA SER B 777 -8.53 2.89 8.54
C SER B 777 -8.28 1.45 8.98
N ARG B 778 -8.22 0.52 8.03
CA ARG B 778 -7.87 -0.86 8.37
C ARG B 778 -6.45 -0.93 8.93
N GLU B 779 -5.51 -0.23 8.30
CA GLU B 779 -4.14 -0.19 8.81
C GLU B 779 -4.08 0.48 10.18
N ARG B 780 -4.87 1.54 10.39
CA ARG B 780 -4.89 2.19 11.69
C ARG B 780 -5.40 1.26 12.78
N MET B 781 -6.51 0.57 12.52
CA MET B 781 -7.02 -0.40 13.49
C MET B 781 -6.02 -1.52 13.75
N LYS B 782 -5.33 -1.98 12.70
CA LYS B 782 -4.34 -3.02 12.88
C LYS B 782 -3.19 -2.54 13.76
N ARG B 783 -2.71 -1.32 13.51
CA ARG B 783 -1.64 -0.75 14.33
C ARG B 783 -2.07 -0.66 15.79
N ILE B 784 -3.30 -0.20 16.04
CA ILE B 784 -3.73 -0.02 17.42
C ILE B 784 -3.98 -1.37 18.11
N GLU B 785 -4.55 -2.33 17.39
CA GLU B 785 -4.73 -3.67 17.95
C GLU B 785 -3.39 -4.28 18.34
N GLU B 786 -2.44 -4.28 17.40
CA GLU B 786 -1.11 -4.81 17.68
C GLU B 786 -0.47 -4.10 18.87
N GLY B 787 -0.54 -2.76 18.88
CA GLY B 787 0.12 -2.02 19.94
C GLY B 787 -0.50 -2.23 21.30
N ILE B 788 -1.82 -2.38 21.35
CA ILE B 788 -2.49 -2.55 22.63
C ILE B 788 -2.31 -3.96 23.16
N LYS B 789 -2.37 -4.96 22.28
CA LYS B 789 -2.18 -6.34 22.74
C LYS B 789 -0.72 -6.61 23.09
N GLU B 790 0.21 -5.99 22.35
CA GLU B 790 1.61 -6.02 22.73
C GLU B 790 1.86 -5.25 24.01
N LEU B 791 1.07 -4.19 24.24
CA LEU B 791 1.19 -3.41 25.46
C LEU B 791 0.57 -4.12 26.65
N GLY B 792 -0.38 -5.03 26.40
CA GLY B 792 -1.11 -5.68 27.47
C GLY B 792 -2.24 -4.86 28.04
N SER B 793 -2.60 -3.75 27.40
CA SER B 793 -3.62 -2.85 27.91
C SER B 793 -5.01 -3.38 27.59
N GLN B 794 -5.98 -2.90 28.38
CA GLN B 794 -7.38 -3.27 28.21
C GLN B 794 -8.21 -2.10 27.68
N ILE B 795 -7.59 -1.14 27.01
CA ILE B 795 -8.30 0.06 26.58
C ILE B 795 -9.31 -0.27 25.49
N LEU B 796 -9.06 -1.29 24.68
CA LEU B 796 -10.02 -1.68 23.65
C LEU B 796 -11.22 -2.39 24.25
N LYS B 797 -11.02 -3.09 25.37
CA LYS B 797 -12.16 -3.68 26.09
C LYS B 797 -13.09 -2.60 26.60
N GLU B 798 -12.54 -1.55 27.20
CA GLU B 798 -13.35 -0.52 27.82
C GLU B 798 -13.86 0.52 26.82
N HIS B 799 -13.22 0.64 25.66
CA HIS B 799 -13.59 1.66 24.68
C HIS B 799 -13.50 1.08 23.27
N PRO B 800 -14.58 0.44 22.80
CA PRO B 800 -14.55 -0.14 21.44
C PRO B 800 -14.63 0.93 20.37
N VAL B 801 -13.99 0.66 19.24
CA VAL B 801 -13.86 1.65 18.18
C VAL B 801 -13.90 0.92 16.83
N GLU B 802 -14.48 1.58 15.83
CA GLU B 802 -14.42 1.13 14.45
C GLU B 802 -13.25 1.77 13.73
N ASN B 803 -12.80 1.12 12.65
CA ASN B 803 -11.69 1.64 11.86
C ASN B 803 -11.98 3.06 11.37
N THR B 804 -13.19 3.29 10.86
CA THR B 804 -13.53 4.61 10.34
C THR B 804 -13.35 5.70 11.40
N GLN B 805 -13.73 5.39 12.65
CA GLN B 805 -13.58 6.38 13.72
C GLN B 805 -12.14 6.82 13.89
N LEU B 806 -11.18 5.93 13.60
CA LEU B 806 -9.78 6.29 13.76
C LEU B 806 -9.32 7.33 12.75
N GLN B 807 -10.17 7.71 11.79
CA GLN B 807 -9.82 8.81 10.90
C GLN B 807 -9.85 10.15 11.62
N ASN B 808 -10.48 10.23 12.78
CA ASN B 808 -10.34 11.41 13.62
C ASN B 808 -8.94 11.41 14.24
N GLU B 809 -8.23 12.52 14.08
CA GLU B 809 -6.84 12.59 14.50
C GLU B 809 -6.69 12.45 16.01
N LYS B 810 -7.56 13.12 16.77
CA LYS B 810 -7.41 13.12 18.23
C LYS B 810 -7.70 11.75 18.82
N LEU B 811 -8.69 11.03 18.29
CA LEU B 811 -9.00 9.71 18.83
C LEU B 811 -7.93 8.69 18.45
N TYR B 812 -7.41 8.78 17.22
CA TYR B 812 -6.30 7.92 16.81
C TYR B 812 -5.09 8.16 17.70
N LEU B 813 -4.78 9.44 17.99
CA LEU B 813 -3.69 9.74 18.90
C LEU B 813 -3.99 9.21 20.31
N TYR B 814 -5.24 9.33 20.75
CA TYR B 814 -5.63 8.82 22.06
C TYR B 814 -5.33 7.33 22.19
N TYR B 815 -5.69 6.56 21.17
CA TYR B 815 -5.45 5.12 21.24
C TYR B 815 -3.99 4.77 21.04
N LEU B 816 -3.27 5.54 20.21
CA LEU B 816 -1.84 5.32 20.08
C LEU B 816 -1.08 5.67 21.36
N GLN B 817 -1.66 6.52 22.21
CA GLN B 817 -1.06 6.88 23.48
C GLN B 817 -1.67 6.11 24.66
N ASN B 818 -2.47 5.07 24.37
CA ASN B 818 -3.09 4.24 25.41
C ASN B 818 -3.93 5.08 26.37
N GLY B 819 -4.57 6.12 25.84
CA GLY B 819 -5.42 6.95 26.65
C GLY B 819 -4.71 7.82 27.65
N ARG B 820 -3.44 8.15 27.40
CA ARG B 820 -2.63 8.90 28.36
C ARG B 820 -2.12 10.18 27.72
N ASP B 821 -1.95 11.21 28.55
CA ASP B 821 -1.22 12.38 28.11
C ASP B 821 0.22 11.98 27.79
N MET B 822 0.74 12.53 26.70
CA MET B 822 2.08 12.20 26.27
C MET B 822 3.14 12.97 27.03
N TYR B 823 2.80 14.14 27.57
CA TYR B 823 3.73 14.95 28.34
C TYR B 823 3.54 14.82 29.85
N VAL B 824 2.37 14.33 30.29
CA VAL B 824 2.06 14.16 31.70
C VAL B 824 1.63 12.71 31.92
N ASP B 825 2.18 12.09 32.97
CA ASP B 825 1.88 10.68 33.25
C ASP B 825 0.51 10.59 33.92
N GLN B 826 -0.53 10.81 33.10
CA GLN B 826 -1.90 10.84 33.55
C GLN B 826 -2.79 10.21 32.51
N GLU B 827 -3.99 9.82 32.93
CA GLU B 827 -4.99 9.33 31.99
C GLU B 827 -5.67 10.50 31.29
N LEU B 828 -6.12 10.26 30.07
CA LEU B 828 -6.93 11.21 29.33
C LEU B 828 -8.36 10.67 29.21
N ASP B 829 -9.29 11.58 28.95
CA ASP B 829 -10.70 11.25 28.83
C ASP B 829 -11.10 11.33 27.36
N ILE B 830 -11.71 10.24 26.87
CA ILE B 830 -12.22 10.25 25.49
C ILE B 830 -13.22 11.39 25.31
N ASN B 831 -14.23 11.45 26.17
CA ASN B 831 -15.34 12.38 26.04
C ASN B 831 -14.89 13.84 26.13
N ARG B 832 -13.61 14.08 26.41
CA ARG B 832 -13.09 15.42 26.53
C ARG B 832 -12.03 15.74 25.48
N LEU B 833 -11.95 14.95 24.41
CA LEU B 833 -10.89 15.15 23.42
C LEU B 833 -10.94 16.55 22.80
N SER B 834 -12.14 17.13 22.66
CA SER B 834 -12.25 18.47 22.09
C SER B 834 -11.56 19.52 22.94
N ASP B 835 -11.40 19.29 24.25
CA ASP B 835 -10.71 20.25 25.10
C ASP B 835 -9.20 20.09 25.05
N TYR B 836 -8.69 18.98 24.53
CA TYR B 836 -7.27 18.70 24.56
C TYR B 836 -6.56 19.38 23.39
N ASP B 837 -5.25 19.18 23.32
CA ASP B 837 -4.39 19.80 22.32
C ASP B 837 -3.64 18.74 21.53
N VAL B 838 -3.47 19.00 20.23
CA VAL B 838 -2.57 18.26 19.38
C VAL B 838 -1.35 19.15 19.14
N ASP B 839 -0.18 18.67 19.52
CA ASP B 839 1.03 19.48 19.55
C ASP B 839 2.11 18.81 18.71
N ALA B 840 2.88 19.63 18.00
CA ALA B 840 3.99 19.14 17.21
C ALA B 840 5.23 18.97 18.08
N ILE B 841 5.83 17.78 18.02
CA ILE B 841 7.00 17.48 18.86
C ILE B 841 8.11 18.47 18.57
N VAL B 842 8.55 18.54 17.31
CA VAL B 842 9.40 19.64 16.89
C VAL B 842 8.47 20.69 16.29
N PRO B 843 8.59 21.95 16.69
CA PRO B 843 7.59 22.96 16.28
C PRO B 843 7.53 23.13 14.78
N GLN B 844 6.31 23.40 14.28
CA GLN B 844 6.07 23.55 12.86
C GLN B 844 6.65 24.83 12.28
N SER B 845 7.06 25.78 13.14
CA SER B 845 7.85 26.90 12.64
C SER B 845 9.16 26.42 12.05
N PHE B 846 9.70 25.31 12.57
CA PHE B 846 10.93 24.71 12.10
C PHE B 846 10.70 23.57 11.13
N LEU B 847 9.89 22.58 11.51
CA LEU B 847 9.60 21.43 10.67
C LEU B 847 8.12 21.43 10.32
N LYS B 848 7.80 21.72 9.05
CA LYS B 848 6.42 21.67 8.57
C LYS B 848 6.00 20.22 8.39
N ASP B 849 5.72 19.57 9.53
CA ASP B 849 5.29 18.18 9.57
C ASP B 849 4.02 18.09 10.39
N ASP B 850 2.95 17.62 9.77
CA ASP B 850 1.66 17.46 10.44
C ASP B 850 1.23 16.00 10.54
N SER B 851 2.13 15.07 10.31
CA SER B 851 1.78 13.66 10.41
C SER B 851 1.61 13.27 11.87
N ILE B 852 0.98 12.11 12.10
CA ILE B 852 0.95 11.51 13.42
C ILE B 852 2.38 11.29 13.94
N ASP B 853 3.36 11.22 13.04
CA ASP B 853 4.74 10.96 13.44
C ASP B 853 5.36 12.13 14.19
N ASN B 854 4.94 13.36 13.88
CA ASN B 854 5.41 14.54 14.60
C ASN B 854 4.29 15.18 15.42
N LYS B 855 3.28 14.42 15.80
CA LYS B 855 2.17 14.97 16.55
C LYS B 855 1.91 14.16 17.81
N VAL B 856 1.32 14.82 18.79
CA VAL B 856 1.15 14.25 20.13
C VAL B 856 -0.11 14.83 20.73
N LEU B 857 -0.89 13.98 21.40
CA LEU B 857 -2.11 14.42 22.09
C LEU B 857 -1.78 14.66 23.56
N THR B 858 -2.06 15.88 24.04
CA THR B 858 -1.79 16.24 25.42
C THR B 858 -2.97 17.03 25.96
N ARG B 859 -3.06 17.10 27.29
CA ARG B 859 -4.11 17.92 27.91
C ARG B 859 -3.92 19.39 27.54
N SER B 860 -2.70 19.89 27.71
CA SER B 860 -2.38 21.29 27.43
C SER B 860 -1.00 21.37 26.82
N ASP B 861 -0.88 22.04 25.68
CA ASP B 861 0.42 22.18 25.03
C ASP B 861 1.39 22.96 25.90
N LYS B 862 0.88 23.79 26.82
CA LYS B 862 1.73 24.48 27.79
C LYS B 862 2.66 23.51 28.50
N ASN B 863 2.16 22.32 28.81
CA ASN B 863 2.93 21.33 29.55
C ASN B 863 4.08 20.74 28.75
N ARG B 864 4.22 21.08 27.46
CA ARG B 864 5.39 20.62 26.71
C ARG B 864 6.65 21.34 27.19
N GLY B 865 6.51 22.55 27.72
CA GLY B 865 7.64 23.38 28.09
C GLY B 865 7.64 24.69 27.31
N LYS B 866 8.83 25.11 26.87
CA LYS B 866 8.96 26.27 26.02
C LYS B 866 8.56 25.92 24.60
N SER B 867 7.91 26.86 23.92
CA SER B 867 7.37 26.61 22.59
C SER B 867 8.40 26.80 21.48
N ASP B 868 9.58 27.33 21.78
CA ASP B 868 10.61 27.61 20.78
C ASP B 868 11.54 26.43 20.56
N ASN B 869 11.21 25.24 21.05
CA ASN B 869 12.16 24.15 20.96
C ASN B 869 11.42 22.82 21.09
N VAL B 870 12.16 21.77 21.39
CA VAL B 870 11.68 20.40 21.53
C VAL B 870 11.19 20.25 22.96
N PRO B 871 10.34 19.26 23.29
CA PRO B 871 9.88 19.11 24.68
C PRO B 871 11.04 19.15 25.68
N SER B 872 10.78 19.80 26.82
CA SER B 872 11.84 20.14 27.76
C SER B 872 12.45 18.90 28.40
N GLU B 873 13.59 19.10 29.06
CA GLU B 873 14.29 17.99 29.71
C GLU B 873 13.46 17.37 30.81
N GLU B 874 12.74 18.19 31.57
CA GLU B 874 11.92 17.69 32.67
C GLU B 874 10.85 16.72 32.16
N VAL B 875 10.21 17.06 31.04
CA VAL B 875 9.20 16.18 30.46
C VAL B 875 9.83 14.88 29.98
N VAL B 876 11.04 14.96 29.41
CA VAL B 876 11.72 13.74 28.94
C VAL B 876 12.03 12.83 30.12
N LYS B 877 12.59 13.41 31.19
CA LYS B 877 12.86 12.63 32.40
C LYS B 877 11.58 11.98 32.93
N LYS B 878 10.46 12.70 32.89
CA LYS B 878 9.22 12.14 33.37
C LYS B 878 8.73 10.98 32.50
N MET B 879 8.82 11.13 31.18
CA MET B 879 8.03 10.29 30.28
C MET B 879 8.83 9.34 29.38
N LYS B 880 10.15 9.26 29.52
CA LYS B 880 10.93 8.43 28.60
C LYS B 880 10.56 6.95 28.69
N ASN B 881 10.24 6.45 29.89
CA ASN B 881 9.90 5.04 30.02
C ASN B 881 8.58 4.70 29.34
N TYR B 882 7.57 5.56 29.54
CA TYR B 882 6.29 5.40 28.85
C TYR B 882 6.48 5.50 27.34
N TRP B 883 7.34 6.41 26.89
CA TRP B 883 7.62 6.52 25.45
C TRP B 883 8.32 5.26 24.93
N ARG B 884 9.20 4.66 25.74
CA ARG B 884 9.89 3.45 25.33
C ARG B 884 8.92 2.28 25.21
N GLN B 885 7.95 2.21 26.12
CA GLN B 885 6.89 1.22 25.97
C GLN B 885 6.10 1.44 24.69
N LEU B 886 5.75 2.69 24.41
CA LEU B 886 5.01 2.96 23.16
C LEU B 886 5.85 2.61 21.93
N LEU B 887 7.17 2.81 22.02
CA LEU B 887 8.05 2.45 20.92
C LEU B 887 8.08 0.94 20.71
N ASN B 888 8.22 0.18 21.81
CA ASN B 888 8.25 -1.27 21.70
C ASN B 888 6.90 -1.83 21.25
N ALA B 889 5.81 -1.17 21.57
CA ALA B 889 4.50 -1.56 21.07
C ALA B 889 4.23 -1.04 19.67
N LYS B 890 5.19 -0.34 19.05
CA LYS B 890 5.05 0.22 17.71
C LYS B 890 3.87 1.19 17.63
N LEU B 891 3.48 1.77 18.76
CA LEU B 891 2.47 2.82 18.75
C LEU B 891 3.07 4.17 18.43
N ILE B 892 4.36 4.36 18.69
CA ILE B 892 5.13 5.49 18.17
C ILE B 892 6.36 4.92 17.49
N THR B 893 6.91 5.71 16.56
CA THR B 893 8.06 5.27 15.78
C THR B 893 9.36 5.65 16.48
N GLN B 894 10.46 5.12 15.94
CA GLN B 894 11.78 5.47 16.45
C GLN B 894 12.08 6.95 16.24
N ARG B 895 11.69 7.49 15.08
CA ARG B 895 11.90 8.92 14.83
C ARG B 895 11.07 9.77 15.79
N LYS B 896 9.83 9.37 16.03
CA LYS B 896 8.98 10.08 16.99
C LYS B 896 9.59 10.04 18.38
N PHE B 897 10.10 8.87 18.79
CA PHE B 897 10.74 8.74 20.11
C PHE B 897 11.98 9.61 20.20
N ASP B 898 12.79 9.64 19.13
CA ASP B 898 14.02 10.42 19.16
C ASP B 898 13.73 11.91 19.21
N ASN B 899 12.75 12.38 18.44
CA ASN B 899 12.37 13.78 18.51
C ASN B 899 11.78 14.12 19.87
N LEU B 900 11.04 13.19 20.47
CA LEU B 900 10.49 13.43 21.81
C LEU B 900 11.60 13.54 22.86
N THR B 901 12.71 12.83 22.67
CA THR B 901 13.75 12.75 23.68
C THR B 901 14.98 13.60 23.34
N LYS B 902 14.88 14.48 22.35
CA LYS B 902 16.08 15.18 21.89
C LYS B 902 16.63 16.16 22.92
N ALA B 903 15.82 16.61 23.88
CA ALA B 903 16.29 17.58 24.86
C ALA B 903 17.40 17.01 25.73
N GLU B 904 17.35 15.72 26.04
CA GLU B 904 18.43 15.09 26.79
C GLU B 904 19.72 14.99 25.97
N ARG B 905 19.64 15.19 24.66
CA ARG B 905 20.80 15.21 23.78
C ARG B 905 21.19 16.63 23.37
N GLY B 906 20.79 17.62 24.15
CA GLY B 906 21.04 19.01 23.81
C GLY B 906 19.88 19.71 23.13
N GLY B 907 18.82 18.98 22.78
CA GLY B 907 17.66 19.62 22.16
C GLY B 907 17.95 20.02 20.73
N LEU B 908 17.35 21.13 20.32
CA LEU B 908 17.57 21.68 18.98
C LEU B 908 18.75 22.65 19.03
N SER B 909 19.81 22.32 18.29
CA SER B 909 20.91 23.26 18.14
C SER B 909 20.56 24.32 17.11
N GLU B 910 21.39 25.36 17.04
CA GLU B 910 21.18 26.41 16.05
C GLU B 910 21.37 25.85 14.63
N LEU B 911 22.34 24.94 14.48
CA LEU B 911 22.53 24.28 13.19
C LEU B 911 21.28 23.53 12.77
N ASP B 912 20.59 22.90 13.73
CA ASP B 912 19.36 22.18 13.39
C ASP B 912 18.28 23.11 12.86
N LYS B 913 18.12 24.29 13.46
CA LYS B 913 17.10 25.23 13.00
C LYS B 913 17.46 25.80 11.63
N ALA B 914 18.72 26.17 11.44
CA ALA B 914 19.17 26.60 10.12
C ALA B 914 18.90 25.53 9.08
N GLY B 915 19.23 24.28 9.42
CA GLY B 915 18.92 23.17 8.53
C GLY B 915 17.45 23.12 8.18
N PHE B 916 16.58 23.20 9.19
CA PHE B 916 15.14 23.09 8.95
C PHE B 916 14.64 24.18 8.00
N ILE B 917 15.10 25.41 8.19
CA ILE B 917 14.71 26.49 7.27
C ILE B 917 15.17 26.16 5.84
N LYS B 918 16.45 25.76 5.71
CA LYS B 918 16.96 25.40 4.39
C LYS B 918 16.12 24.29 3.75
N ARG B 919 15.75 23.28 4.54
CA ARG B 919 14.89 22.21 4.03
C ARG B 919 13.57 22.76 3.54
N GLN B 920 13.01 23.73 4.27
CA GLN B 920 11.80 24.38 3.79
C GLN B 920 12.01 25.05 2.44
N LEU B 921 13.23 25.46 2.14
CA LEU B 921 13.43 26.17 0.87
C LEU B 921 14.05 25.33 -0.23
N VAL B 922 14.98 24.43 0.07
CA VAL B 922 15.74 23.70 -0.94
C VAL B 922 15.20 22.29 -1.06
N GLU B 923 14.83 21.89 -2.29
CA GLU B 923 14.25 20.59 -2.55
C GLU B 923 15.31 19.50 -2.56
N THR B 924 15.05 18.38 -1.88
CA THR B 924 16.00 17.28 -1.80
C THR B 924 15.41 15.91 -2.13
N ARG B 925 14.14 15.83 -2.50
CA ARG B 925 13.56 14.54 -2.85
C ARG B 925 14.21 13.99 -4.11
N GLN B 926 14.43 12.66 -4.11
CA GLN B 926 15.19 12.05 -5.20
C GLN B 926 14.41 12.10 -6.51
N ILE B 927 13.08 11.95 -6.45
CA ILE B 927 12.29 11.90 -7.68
C ILE B 927 12.35 13.24 -8.41
N THR B 928 12.36 14.35 -7.65
CA THR B 928 12.47 15.66 -8.29
C THR B 928 13.84 15.83 -8.94
N LYS B 929 14.89 15.31 -8.30
CA LYS B 929 16.21 15.34 -8.92
C LYS B 929 16.24 14.51 -10.18
N HIS B 930 15.48 13.40 -10.21
CA HIS B 930 15.43 12.59 -11.43
C HIS B 930 14.73 13.34 -12.56
N VAL B 931 13.64 14.04 -12.26
CA VAL B 931 12.99 14.87 -13.28
C VAL B 931 13.93 15.95 -13.78
N ALA B 932 14.66 16.61 -12.86
CA ALA B 932 15.60 17.63 -13.25
C ALA B 932 16.71 17.05 -14.12
N GLN B 933 17.20 15.86 -13.80
CA GLN B 933 18.22 15.22 -14.60
C GLN B 933 17.70 14.90 -15.99
N ILE B 934 16.45 14.43 -16.09
CA ILE B 934 15.87 14.13 -17.40
C ILE B 934 15.84 15.39 -18.27
N LEU B 935 15.28 16.46 -17.72
CA LEU B 935 15.19 17.70 -18.50
C LEU B 935 16.57 18.24 -18.85
N ASP B 936 17.51 18.16 -17.91
CA ASP B 936 18.85 18.71 -18.15
C ASP B 936 19.59 17.93 -19.22
N SER B 937 19.50 16.59 -19.18
CA SER B 937 20.15 15.78 -20.20
C SER B 937 19.45 15.89 -21.55
N ARG B 938 18.17 16.23 -21.58
CA ARG B 938 17.53 16.47 -22.87
C ARG B 938 17.89 17.83 -23.44
N MET B 939 18.11 18.84 -22.59
CA MET B 939 18.39 20.18 -23.09
C MET B 939 19.88 20.41 -23.37
N ASN B 940 20.76 19.95 -22.49
CA ASN B 940 22.19 20.26 -22.56
C ASN B 940 22.94 19.05 -23.09
N THR B 941 23.35 19.10 -24.36
CA THR B 941 23.94 17.96 -25.03
C THR B 941 25.35 18.20 -25.58
N LYS B 942 25.84 19.43 -25.57
CA LYS B 942 27.14 19.73 -26.16
C LYS B 942 28.20 19.89 -25.09
N TYR B 943 29.45 19.62 -25.48
CA TYR B 943 30.60 19.69 -24.59
C TYR B 943 31.58 20.73 -25.09
N ASP B 944 32.37 21.29 -24.17
CA ASP B 944 33.28 22.37 -24.48
C ASP B 944 34.69 21.82 -24.73
N GLU B 945 35.67 22.73 -24.74
CA GLU B 945 37.04 22.36 -25.10
C GLU B 945 37.64 21.39 -24.08
N ASN B 946 37.27 21.51 -22.81
CA ASN B 946 37.71 20.59 -21.78
C ASN B 946 36.79 19.37 -21.68
N ASP B 947 35.93 19.15 -22.69
CA ASP B 947 35.00 18.03 -22.74
C ASP B 947 34.09 17.99 -21.51
N LYS B 948 33.75 19.17 -20.98
CA LYS B 948 32.79 19.29 -19.90
C LYS B 948 31.48 19.83 -20.45
N LEU B 949 30.37 19.42 -19.82
CA LEU B 949 29.06 19.70 -20.37
C LEU B 949 28.78 21.19 -20.41
N ILE B 950 28.16 21.64 -21.51
CA ILE B 950 27.78 23.04 -21.70
C ILE B 950 26.33 23.19 -21.25
N ARG B 951 26.12 23.90 -20.15
CA ARG B 951 24.79 24.04 -19.55
C ARG B 951 24.14 25.30 -20.10
N GLU B 952 23.56 25.18 -21.29
CA GLU B 952 22.80 26.30 -21.86
C GLU B 952 21.52 26.53 -21.08
N VAL B 953 20.86 25.45 -20.65
CA VAL B 953 19.58 25.50 -19.96
C VAL B 953 19.82 25.14 -18.51
N LYS B 954 19.48 26.05 -17.61
CA LYS B 954 19.57 25.80 -16.18
C LYS B 954 18.24 25.26 -15.68
N VAL B 955 18.26 24.04 -15.14
CA VAL B 955 17.08 23.42 -14.55
C VAL B 955 17.08 23.73 -13.07
N ILE B 956 16.16 24.59 -12.65
CA ILE B 956 15.99 24.99 -11.26
C ILE B 956 14.82 24.21 -10.70
N THR B 957 14.94 23.73 -9.46
CA THR B 957 13.84 23.10 -8.76
C THR B 957 13.52 23.93 -7.52
N LEU B 958 12.24 24.23 -7.33
CA LEU B 958 11.77 25.00 -6.17
C LEU B 958 10.78 24.16 -5.37
N LYS B 959 10.73 24.43 -4.07
CA LYS B 959 9.68 23.87 -3.24
C LYS B 959 8.46 24.79 -3.27
N SER B 960 7.30 24.20 -2.98
CA SER B 960 6.04 24.94 -3.12
C SER B 960 5.93 26.10 -2.15
N LYS B 961 6.62 26.03 -1.01
CA LYS B 961 6.51 27.08 -0.01
C LYS B 961 7.00 28.42 -0.54
N LEU B 962 7.99 28.42 -1.43
CA LEU B 962 8.50 29.67 -1.97
C LEU B 962 7.38 30.46 -2.66
N VAL B 963 6.74 29.85 -3.65
CA VAL B 963 5.68 30.54 -4.38
C VAL B 963 4.44 30.74 -3.52
N SER B 964 4.17 29.82 -2.58
CA SER B 964 3.01 30.02 -1.71
C SER B 964 3.18 31.24 -0.82
N ASP B 965 4.36 31.38 -0.19
CA ASP B 965 4.66 32.57 0.59
C ASP B 965 4.67 33.81 -0.29
N PHE B 966 5.18 33.69 -1.52
CA PHE B 966 5.14 34.81 -2.45
C PHE B 966 3.70 35.25 -2.71
N ARG B 967 2.79 34.30 -2.90
CA ARG B 967 1.40 34.63 -3.16
C ARG B 967 0.75 35.29 -1.95
N LYS B 968 1.04 34.78 -0.74
CA LYS B 968 0.43 35.36 0.45
C LYS B 968 1.03 36.72 0.80
N ASP B 969 2.31 36.94 0.45
CA ASP B 969 3.00 38.17 0.81
C ASP B 969 2.65 39.34 -0.10
N PHE B 970 2.28 39.06 -1.35
CA PHE B 970 2.00 40.10 -2.33
C PHE B 970 0.57 40.02 -2.83
N GLN B 971 -0.28 39.27 -2.14
CA GLN B 971 -1.72 39.23 -2.39
C GLN B 971 -2.03 38.76 -3.81
N PHE B 972 -1.33 37.72 -4.25
CA PHE B 972 -1.68 36.98 -5.45
C PHE B 972 -2.32 35.66 -5.05
N TYR B 973 -3.46 35.72 -4.38
CA TYR B 973 -4.02 34.55 -3.73
C TYR B 973 -4.56 33.55 -4.75
N LYS B 974 -4.66 32.30 -4.31
CA LYS B 974 -5.22 31.24 -5.12
C LYS B 974 -6.43 30.65 -4.39
N VAL B 975 -7.49 30.36 -5.15
CA VAL B 975 -8.62 29.60 -4.68
C VAL B 975 -8.79 28.44 -5.65
N ARG B 976 -8.44 27.24 -5.20
CA ARG B 976 -8.44 26.07 -6.08
C ARG B 976 -9.82 25.77 -6.65
N GLU B 977 -10.87 26.04 -5.88
CA GLU B 977 -12.21 25.63 -6.29
C GLU B 977 -12.78 26.47 -7.43
N ILE B 978 -12.20 27.64 -7.70
CA ILE B 978 -12.81 28.54 -8.67
C ILE B 978 -12.70 27.99 -10.09
N ASN B 979 -11.52 27.47 -10.46
CA ASN B 979 -11.30 26.85 -11.76
C ASN B 979 -9.94 26.16 -11.71
N ASN B 980 -9.45 25.77 -12.89
CA ASN B 980 -8.17 25.07 -13.01
C ASN B 980 -7.02 26.01 -13.36
N TYR B 981 -7.25 27.32 -13.37
CA TYR B 981 -6.19 28.25 -13.76
C TYR B 981 -5.02 28.24 -12.79
N HIS B 982 -5.26 27.84 -11.53
CA HIS B 982 -4.23 27.99 -10.51
C HIS B 982 -3.02 27.10 -10.78
N HIS B 983 -3.19 25.97 -11.47
CA HIS B 983 -2.03 25.18 -11.88
C HIS B 983 -1.13 25.98 -12.81
N ALA B 984 -1.71 26.60 -13.83
CA ALA B 984 -0.94 27.43 -14.77
C ALA B 984 -0.34 28.63 -14.07
N HIS B 985 -1.09 29.27 -13.17
CA HIS B 985 -0.58 30.41 -12.43
C HIS B 985 0.59 30.01 -11.54
N ASP B 986 0.50 28.83 -10.91
CA ASP B 986 1.62 28.29 -10.14
C ASP B 986 2.85 28.14 -11.01
N ALA B 987 2.68 27.58 -12.20
CA ALA B 987 3.82 27.42 -13.11
C ALA B 987 4.45 28.77 -13.45
N TYR B 988 3.61 29.75 -13.78
CA TYR B 988 4.11 31.09 -14.08
C TYR B 988 4.90 31.66 -12.92
N LEU B 989 4.32 31.63 -11.72
CA LEU B 989 4.97 32.18 -10.54
C LEU B 989 6.26 31.44 -10.23
N ASN B 990 6.32 30.13 -10.51
CA ASN B 990 7.55 29.39 -10.33
C ASN B 990 8.64 29.91 -11.25
N ALA B 991 8.31 30.09 -12.53
CA ALA B 991 9.29 30.63 -13.46
C ALA B 991 9.79 31.99 -12.99
N VAL B 992 8.86 32.88 -12.61
CA VAL B 992 9.24 34.23 -12.18
C VAL B 992 10.15 34.18 -10.96
N VAL B 993 9.69 33.51 -9.91
CA VAL B 993 10.43 33.49 -8.65
C VAL B 993 11.79 32.82 -8.83
N GLY B 994 11.84 31.70 -9.55
CA GLY B 994 13.10 31.00 -9.70
C GLY B 994 14.12 31.80 -10.51
N THR B 995 13.69 32.34 -11.65
CA THR B 995 14.60 33.15 -12.45
C THR B 995 15.10 34.36 -11.67
N ALA B 996 14.19 35.07 -10.99
CA ALA B 996 14.61 36.24 -10.23
C ALA B 996 15.53 35.86 -9.07
N LEU B 997 15.26 34.72 -8.43
CA LEU B 997 16.04 34.31 -7.27
C LEU B 997 17.47 33.95 -7.66
N ILE B 998 17.65 33.26 -8.78
CA ILE B 998 19.02 32.96 -9.18
C ILE B 998 19.68 34.14 -9.87
N LYS B 999 18.91 35.10 -10.41
CA LYS B 999 19.52 36.31 -10.95
C LYS B 999 20.06 37.19 -9.81
N LYS B 1000 19.32 37.28 -8.71
CA LYS B 1000 19.77 38.11 -7.59
C LYS B 1000 20.98 37.51 -6.91
N TYR B 1001 20.98 36.20 -6.70
CA TYR B 1001 22.06 35.50 -6.00
C TYR B 1001 22.56 34.36 -6.87
N PRO B 1002 23.50 34.62 -7.78
CA PRO B 1002 24.03 33.53 -8.62
C PRO B 1002 24.73 32.44 -7.82
N LYS B 1003 25.33 32.79 -6.68
CA LYS B 1003 25.97 31.78 -5.84
C LYS B 1003 25.01 30.68 -5.41
N LEU B 1004 23.70 30.92 -5.49
CA LEU B 1004 22.71 29.92 -5.13
C LEU B 1004 22.62 28.79 -6.14
N GLU B 1005 23.29 28.90 -7.28
CA GLU B 1005 23.08 27.92 -8.34
C GLU B 1005 23.36 26.50 -7.86
N SER B 1006 24.47 26.30 -7.12
CA SER B 1006 24.78 24.99 -6.56
C SER B 1006 23.57 24.39 -5.83
N GLU B 1007 22.87 25.21 -5.05
CA GLU B 1007 21.71 24.73 -4.32
C GLU B 1007 20.54 24.44 -5.25
N PHE B 1008 20.30 25.31 -6.24
CA PHE B 1008 19.02 25.31 -6.94
C PHE B 1008 19.08 24.83 -8.38
N VAL B 1009 20.26 24.70 -8.97
CA VAL B 1009 20.38 24.35 -10.39
C VAL B 1009 21.00 22.96 -10.49
N TYR B 1010 20.38 22.09 -11.28
CA TYR B 1010 20.92 20.76 -11.46
C TYR B 1010 22.27 20.82 -12.14
N GLY B 1011 23.20 19.97 -11.69
CA GLY B 1011 24.53 19.89 -12.25
C GLY B 1011 25.59 19.99 -11.17
N ASP B 1012 26.81 19.69 -11.59
CA ASP B 1012 27.96 19.73 -10.69
C ASP B 1012 28.90 20.90 -11.00
N LYS B 1031 28.23 30.55 12.70
CA LYS B 1031 27.92 30.37 11.29
C LYS B 1031 26.52 29.78 11.10
N ALA B 1032 26.08 29.00 12.08
CA ALA B 1032 24.72 28.46 12.03
C ALA B 1032 23.69 29.57 12.10
N THR B 1033 23.92 30.56 12.97
CA THR B 1033 23.06 31.74 13.00
C THR B 1033 23.10 32.49 11.69
N ALA B 1034 24.27 32.54 11.05
CA ALA B 1034 24.40 33.26 9.78
C ALA B 1034 23.54 32.62 8.70
N LYS B 1035 23.61 31.30 8.56
CA LYS B 1035 22.80 30.62 7.54
C LYS B 1035 21.32 30.66 7.92
N TYR B 1036 21.00 30.55 9.21
CA TYR B 1036 19.61 30.68 9.64
C TYR B 1036 19.03 32.02 9.21
N PHE B 1037 19.71 33.11 9.57
CA PHE B 1037 19.31 34.44 9.15
C PHE B 1037 19.19 34.53 7.62
N PHE B 1038 20.26 34.16 6.92
CA PHE B 1038 20.31 34.27 5.46
C PHE B 1038 19.13 33.57 4.80
N TYR B 1039 18.98 32.27 5.06
CA TYR B 1039 17.92 31.50 4.41
C TYR B 1039 16.54 31.94 4.88
N SER B 1040 16.41 32.45 6.11
CA SER B 1040 15.13 33.00 6.53
C SER B 1040 14.81 34.30 5.81
N ASN B 1041 15.85 35.02 5.35
CA ASN B 1041 15.68 36.32 4.73
C ASN B 1041 16.06 36.31 3.24
N ILE B 1042 16.06 35.13 2.62
CA ILE B 1042 16.48 35.01 1.23
C ILE B 1042 15.51 35.73 0.30
N MET B 1043 14.23 35.75 0.65
CA MET B 1043 13.19 36.28 -0.21
C MET B 1043 12.81 37.72 0.13
N ASN B 1044 13.58 38.38 1.00
CA ASN B 1044 13.24 39.74 1.38
C ASN B 1044 13.48 40.74 0.26
N PHE B 1045 14.35 40.42 -0.71
CA PHE B 1045 14.66 41.39 -1.76
C PHE B 1045 13.46 41.73 -2.61
N PHE B 1046 12.40 40.91 -2.57
CA PHE B 1046 11.15 41.31 -3.23
C PHE B 1046 10.43 42.41 -2.47
N LYS B 1047 10.58 42.44 -1.15
CA LYS B 1047 9.83 43.35 -0.30
C LYS B 1047 10.42 44.76 -0.34
N THR B 1048 9.55 45.75 -0.16
CA THR B 1048 9.98 47.14 -0.09
C THR B 1048 10.37 47.54 1.33
N GLU B 1049 9.65 47.05 2.33
CA GLU B 1049 10.03 47.21 3.74
C GLU B 1049 10.05 45.85 4.41
N ILE B 1050 10.98 45.67 5.33
CA ILE B 1050 11.22 44.39 6.00
C ILE B 1050 10.99 44.55 7.48
N THR B 1051 10.33 43.56 8.09
CA THR B 1051 10.10 43.54 9.54
C THR B 1051 9.33 44.78 10.01
N ILE B 1057 12.77 47.04 11.11
CA ILE B 1057 11.88 47.71 10.17
C ILE B 1057 12.71 48.35 9.07
N ARG B 1058 13.67 47.56 8.56
CA ARG B 1058 14.57 48.06 7.53
C ARG B 1058 13.82 48.26 6.22
N LYS B 1059 14.33 49.15 5.37
CA LYS B 1059 13.76 49.44 4.06
C LYS B 1059 14.75 49.06 2.98
N ARG B 1060 14.24 48.82 1.78
CA ARG B 1060 15.01 48.34 0.64
C ARG B 1060 14.69 49.17 -0.59
N PRO B 1061 15.59 49.20 -1.57
CA PRO B 1061 15.38 50.05 -2.75
C PRO B 1061 14.17 49.60 -3.56
N LEU B 1062 13.67 50.54 -4.37
CA LEU B 1062 12.59 50.20 -5.32
C LEU B 1062 13.09 49.22 -6.37
N ILE B 1063 14.29 49.42 -6.88
CA ILE B 1063 14.88 48.57 -7.91
C ILE B 1063 15.95 47.69 -7.26
N GLU B 1064 15.89 46.40 -7.55
CA GLU B 1064 16.78 45.39 -7.00
C GLU B 1064 17.63 44.82 -8.13
N THR B 1065 18.95 44.91 -7.96
CA THR B 1065 19.92 44.55 -8.98
C THR B 1065 20.87 43.49 -8.45
N ASN B 1066 21.58 42.84 -9.36
CA ASN B 1066 22.67 41.97 -8.98
C ASN B 1066 23.88 42.81 -8.58
N GLY B 1067 24.55 42.39 -7.50
CA GLY B 1067 25.63 43.20 -6.95
C GLY B 1067 26.84 43.27 -7.86
N GLU B 1068 27.21 42.15 -8.49
CA GLU B 1068 28.42 42.12 -9.31
C GLU B 1068 28.13 42.62 -10.73
N THR B 1069 27.15 42.01 -11.40
CA THR B 1069 26.86 42.36 -12.78
C THR B 1069 26.28 43.76 -12.91
N GLY B 1070 25.55 44.21 -11.89
CA GLY B 1070 24.77 45.42 -12.02
C GLY B 1070 23.48 45.25 -12.80
N GLU B 1071 23.14 44.02 -13.16
CA GLU B 1071 21.93 43.77 -13.93
C GLU B 1071 20.70 43.83 -13.02
N ILE B 1072 19.61 44.34 -13.57
CA ILE B 1072 18.36 44.49 -12.82
C ILE B 1072 17.66 43.15 -12.73
N VAL B 1073 17.25 42.76 -11.52
CA VAL B 1073 16.50 41.54 -11.34
C VAL B 1073 15.05 41.79 -10.96
N TRP B 1074 14.73 42.89 -10.26
CA TRP B 1074 13.35 43.09 -9.85
C TRP B 1074 13.02 44.57 -9.71
N ASP B 1075 12.00 45.01 -10.41
CA ASP B 1075 11.49 46.37 -10.33
C ASP B 1075 10.17 46.32 -9.58
N LYS B 1076 10.20 46.70 -8.30
CA LYS B 1076 8.99 46.67 -7.50
C LYS B 1076 7.93 47.68 -7.95
N GLY B 1077 8.29 48.58 -8.86
CA GLY B 1077 7.33 49.50 -9.43
C GLY B 1077 6.54 48.93 -10.59
N ARG B 1078 7.21 48.14 -11.44
CA ARG B 1078 6.60 47.66 -12.67
C ARG B 1078 6.40 46.15 -12.75
N ASP B 1079 7.27 45.36 -12.11
CA ASP B 1079 7.21 43.91 -12.31
C ASP B 1079 6.01 43.27 -11.61
N PHE B 1080 5.69 43.73 -10.39
CA PHE B 1080 4.49 43.25 -9.72
C PHE B 1080 3.24 43.50 -10.56
N ALA B 1081 3.18 44.65 -11.24
CA ALA B 1081 2.08 44.93 -12.15
C ALA B 1081 2.03 43.90 -13.27
N THR B 1082 3.19 43.46 -13.75
CA THR B 1082 3.24 42.44 -14.79
C THR B 1082 2.67 41.12 -14.28
N VAL B 1083 3.10 40.71 -13.09
CA VAL B 1083 2.56 39.47 -12.49
C VAL B 1083 1.04 39.57 -12.35
N ARG B 1084 0.54 40.73 -11.91
CA ARG B 1084 -0.90 40.88 -11.71
C ARG B 1084 -1.65 40.80 -13.04
N LYS B 1085 -1.10 41.44 -14.07
CA LYS B 1085 -1.73 41.36 -15.39
C LYS B 1085 -1.75 39.93 -15.90
N VAL B 1086 -0.67 39.17 -15.66
CA VAL B 1086 -0.62 37.78 -16.11
C VAL B 1086 -1.68 36.95 -15.40
N LEU B 1087 -1.78 37.09 -14.08
CA LEU B 1087 -2.79 36.34 -13.36
C LEU B 1087 -4.21 36.80 -13.69
N SER B 1088 -4.38 38.01 -14.23
CA SER B 1088 -5.71 38.47 -14.60
C SER B 1088 -6.17 37.96 -15.97
N MET B 1089 -5.26 37.47 -16.81
CA MET B 1089 -5.60 37.08 -18.17
C MET B 1089 -6.68 36.00 -18.20
N PRO B 1090 -7.80 36.22 -18.90
CA PRO B 1090 -8.88 35.22 -18.92
C PRO B 1090 -8.58 34.00 -19.77
N GLN B 1091 -7.83 34.16 -20.86
CA GLN B 1091 -7.57 33.07 -21.79
C GLN B 1091 -6.37 32.26 -21.30
N VAL B 1092 -6.64 31.10 -20.71
CA VAL B 1092 -5.62 30.17 -20.24
C VAL B 1092 -5.91 28.80 -20.84
N ASN B 1093 -4.87 28.13 -21.35
CA ASN B 1093 -5.02 26.89 -22.11
C ASN B 1093 -5.12 25.69 -21.16
N ILE B 1094 -6.33 25.44 -20.70
CA ILE B 1094 -6.61 24.28 -19.87
C ILE B 1094 -7.05 23.14 -20.79
N VAL B 1095 -6.26 22.06 -20.81
CA VAL B 1095 -6.49 20.93 -21.71
C VAL B 1095 -6.65 19.67 -20.86
N LYS B 1096 -7.79 19.01 -21.01
CA LYS B 1096 -8.07 17.74 -20.34
C LYS B 1096 -7.69 16.60 -21.27
N LYS B 1097 -6.69 15.83 -20.87
CA LYS B 1097 -6.14 14.75 -21.69
C LYS B 1097 -7.22 13.73 -22.06
N THR B 1098 -7.50 13.61 -23.35
CA THR B 1098 -8.44 12.60 -23.82
C THR B 1098 -7.77 11.23 -23.73
N GLU B 1099 -8.49 10.26 -23.15
CA GLU B 1099 -7.93 8.94 -22.92
C GLU B 1099 -8.94 7.85 -23.24
N VAL B 1100 -8.47 6.83 -23.96
CA VAL B 1100 -9.27 5.62 -24.11
C VAL B 1100 -9.42 4.95 -22.76
N GLN B 1101 -10.63 4.47 -22.47
CA GLN B 1101 -10.89 3.81 -21.20
C GLN B 1101 -10.48 2.35 -21.26
N THR B 1102 -9.81 1.89 -20.20
CA THR B 1102 -9.31 0.52 -20.11
C THR B 1102 -9.79 -0.12 -18.81
N GLY B 1103 -9.55 -1.44 -18.70
CA GLY B 1103 -9.83 -2.13 -17.45
C GLY B 1103 -10.94 -3.16 -17.50
N GLY B 1104 -11.74 -3.20 -16.45
CA GLY B 1104 -12.81 -4.17 -16.37
C GLY B 1104 -13.84 -3.92 -17.46
N PHE B 1105 -14.40 -5.02 -17.99
CA PHE B 1105 -15.41 -4.91 -19.02
C PHE B 1105 -16.64 -4.14 -18.53
N SER B 1106 -17.05 -4.40 -17.30
CA SER B 1106 -18.30 -3.86 -16.77
C SER B 1106 -18.27 -3.99 -15.27
N LYS B 1107 -19.37 -3.58 -14.63
CA LYS B 1107 -19.58 -3.93 -13.24
C LYS B 1107 -19.49 -5.44 -13.08
N GLU B 1108 -18.86 -5.87 -11.98
CA GLU B 1108 -18.63 -7.30 -11.76
C GLU B 1108 -19.88 -8.04 -11.30
N SER B 1109 -20.87 -7.32 -10.79
CA SER B 1109 -22.01 -7.96 -10.15
C SER B 1109 -22.75 -8.88 -11.12
N ILE B 1110 -22.98 -10.11 -10.70
CA ILE B 1110 -23.70 -11.10 -11.49
C ILE B 1110 -25.18 -10.94 -11.18
N LEU B 1111 -25.90 -10.26 -12.07
CA LEU B 1111 -27.29 -9.89 -11.83
C LEU B 1111 -28.22 -11.05 -12.16
N PRO B 1112 -29.39 -11.11 -11.51
CA PRO B 1112 -30.37 -12.15 -11.83
C PRO B 1112 -31.03 -11.87 -13.17
N LYS B 1113 -31.62 -12.93 -13.73
CA LYS B 1113 -32.21 -12.86 -15.06
C LYS B 1113 -33.26 -11.76 -15.14
N ARG B 1114 -33.38 -11.15 -16.31
CA ARG B 1114 -34.24 -10.01 -16.53
C ARG B 1114 -34.44 -9.85 -18.02
N ASN B 1115 -35.63 -9.38 -18.40
CA ASN B 1115 -35.91 -9.05 -19.79
C ASN B 1115 -35.36 -7.65 -20.05
N SER B 1116 -34.12 -7.60 -20.53
CA SER B 1116 -33.46 -6.34 -20.79
C SER B 1116 -32.30 -6.58 -21.75
N ASP B 1117 -32.22 -5.80 -22.82
CA ASP B 1117 -31.08 -5.92 -23.71
C ASP B 1117 -29.82 -5.32 -23.11
N LYS B 1118 -29.87 -4.77 -21.90
CA LYS B 1118 -28.67 -4.30 -21.23
C LYS B 1118 -27.85 -5.42 -20.63
N LEU B 1119 -28.46 -6.57 -20.36
CA LEU B 1119 -27.73 -7.69 -19.77
C LEU B 1119 -26.76 -8.29 -20.78
N ILE B 1120 -25.63 -8.77 -20.27
CA ILE B 1120 -24.54 -9.32 -21.08
C ILE B 1120 -24.25 -10.73 -20.59
N ALA B 1121 -24.11 -11.66 -21.53
CA ALA B 1121 -23.91 -13.06 -21.18
C ALA B 1121 -22.57 -13.28 -20.49
N ARG B 1122 -22.58 -14.04 -19.40
CA ARG B 1122 -21.36 -14.42 -18.72
C ARG B 1122 -20.63 -15.56 -19.40
N LYS B 1123 -21.32 -16.30 -20.27
CA LYS B 1123 -20.74 -17.31 -21.11
C LYS B 1123 -21.50 -17.29 -22.42
N LYS B 1124 -20.84 -17.77 -23.49
CA LYS B 1124 -21.35 -17.56 -24.85
C LYS B 1124 -22.80 -18.02 -25.00
N ASP B 1125 -23.16 -19.16 -24.42
CA ASP B 1125 -24.48 -19.75 -24.59
C ASP B 1125 -25.41 -19.50 -23.41
N TRP B 1126 -25.04 -18.62 -22.48
CA TRP B 1126 -25.88 -18.33 -21.32
C TRP B 1126 -26.69 -17.07 -21.59
N ASP B 1127 -27.79 -17.25 -22.33
CA ASP B 1127 -28.76 -16.21 -22.61
C ASP B 1127 -29.17 -15.51 -21.32
N PRO B 1128 -28.85 -14.22 -21.16
CA PRO B 1128 -29.12 -13.54 -19.88
C PRO B 1128 -30.58 -13.56 -19.48
N LYS B 1129 -31.50 -13.64 -20.43
CA LYS B 1129 -32.92 -13.74 -20.08
C LYS B 1129 -33.22 -15.01 -19.30
N LYS B 1130 -32.41 -16.06 -19.46
CA LYS B 1130 -32.56 -17.28 -18.69
C LYS B 1130 -31.59 -17.38 -17.52
N TYR B 1131 -30.43 -16.72 -17.59
CA TYR B 1131 -29.35 -16.97 -16.64
C TYR B 1131 -28.85 -15.73 -15.92
N GLY B 1132 -29.36 -14.55 -16.24
CA GLY B 1132 -28.78 -13.34 -15.69
C GLY B 1132 -27.44 -13.05 -16.35
N GLY B 1133 -26.73 -12.10 -15.77
CA GLY B 1133 -25.42 -11.73 -16.30
C GLY B 1133 -25.01 -10.35 -15.81
N PHE B 1134 -24.23 -9.68 -16.64
CA PHE B 1134 -23.67 -8.37 -16.34
C PHE B 1134 -24.48 -7.27 -17.02
N ASP B 1135 -24.35 -6.05 -16.48
CA ASP B 1135 -24.69 -4.84 -17.22
C ASP B 1135 -23.66 -3.78 -16.89
N SER B 1136 -23.94 -2.55 -17.27
CA SER B 1136 -23.05 -1.41 -17.05
C SER B 1136 -21.64 -1.64 -17.59
N PRO B 1137 -21.48 -1.83 -18.90
CA PRO B 1137 -20.14 -1.92 -19.47
C PRO B 1137 -19.51 -0.54 -19.61
N THR B 1138 -18.19 -0.53 -19.63
CA THR B 1138 -17.44 0.70 -19.83
C THR B 1138 -17.14 0.90 -21.31
N VAL B 1139 -17.36 2.11 -21.79
CA VAL B 1139 -17.05 2.47 -23.17
C VAL B 1139 -15.56 2.80 -23.28
N ALA B 1140 -14.82 2.00 -24.05
CA ALA B 1140 -13.42 2.29 -24.29
C ALA B 1140 -13.24 3.61 -25.02
N TYR B 1141 -14.04 3.83 -26.06
CA TYR B 1141 -14.14 5.11 -26.77
C TYR B 1141 -15.38 5.03 -27.65
N SER B 1142 -15.93 6.20 -27.97
CA SER B 1142 -17.06 6.26 -28.88
C SER B 1142 -16.56 6.43 -30.32
N VAL B 1143 -17.49 6.27 -31.25
CA VAL B 1143 -17.18 6.36 -32.67
C VAL B 1143 -18.33 7.08 -33.36
N LEU B 1144 -18.02 8.12 -34.12
CA LEU B 1144 -19.03 8.80 -34.92
C LEU B 1144 -19.33 7.95 -36.15
N VAL B 1145 -20.58 7.52 -36.30
CA VAL B 1145 -20.99 6.69 -37.43
C VAL B 1145 -21.94 7.50 -38.31
N VAL B 1146 -21.63 7.55 -39.59
CA VAL B 1146 -22.51 8.13 -40.60
C VAL B 1146 -22.84 7.00 -41.57
N ALA B 1147 -24.11 6.59 -41.59
CA ALA B 1147 -24.54 5.43 -42.34
C ALA B 1147 -26.05 5.46 -42.45
N LYS B 1148 -26.63 4.35 -42.85
CA LYS B 1148 -28.08 4.18 -42.92
C LYS B 1148 -28.49 2.97 -42.11
N VAL B 1149 -29.63 3.07 -41.43
CA VAL B 1149 -30.19 1.99 -40.66
C VAL B 1149 -31.57 1.65 -41.21
N GLU B 1150 -31.91 0.36 -41.18
CA GLU B 1150 -33.25 -0.05 -41.58
C GLU B 1150 -34.28 0.51 -40.61
N LYS B 1151 -35.45 0.86 -41.14
CA LYS B 1151 -36.49 1.50 -40.36
C LYS B 1151 -37.82 0.82 -40.59
N GLY B 1152 -38.52 0.50 -39.50
CA GLY B 1152 -39.85 -0.06 -39.59
C GLY B 1152 -39.87 -1.49 -40.09
N LYS B 1153 -41.09 -2.02 -40.19
CA LYS B 1153 -41.26 -3.39 -40.69
C LYS B 1153 -40.80 -3.52 -42.14
N SER B 1154 -40.86 -2.43 -42.90
CA SER B 1154 -40.44 -2.45 -44.31
C SER B 1154 -38.93 -2.44 -44.49
N LYS B 1155 -38.17 -2.14 -43.43
CA LYS B 1155 -36.71 -2.08 -43.50
C LYS B 1155 -36.23 -1.03 -44.49
N LYS B 1156 -36.93 0.10 -44.55
CA LYS B 1156 -36.51 1.19 -45.43
C LYS B 1156 -35.26 1.85 -44.88
N LEU B 1157 -34.28 2.07 -45.75
CA LEU B 1157 -33.01 2.66 -45.32
C LEU B 1157 -33.17 4.14 -45.03
N LYS B 1158 -32.74 4.54 -43.83
CA LYS B 1158 -32.83 5.93 -43.38
C LYS B 1158 -31.46 6.40 -42.95
N SER B 1159 -31.07 7.60 -43.38
CA SER B 1159 -29.75 8.13 -43.07
C SER B 1159 -29.67 8.59 -41.63
N VAL B 1160 -28.56 8.27 -40.97
CA VAL B 1160 -28.36 8.60 -39.57
C VAL B 1160 -26.93 9.07 -39.34
N LYS B 1161 -26.77 9.90 -38.33
CA LYS B 1161 -25.48 10.30 -37.81
C LYS B 1161 -25.57 10.18 -36.29
N GLU B 1162 -24.76 9.31 -35.70
CA GLU B 1162 -24.91 9.06 -34.27
C GLU B 1162 -23.61 8.57 -33.65
N LEU B 1163 -23.58 8.58 -32.33
CA LEU B 1163 -22.45 8.17 -31.53
C LEU B 1163 -22.65 6.74 -31.05
N LEU B 1164 -21.69 5.87 -31.35
CA LEU B 1164 -21.73 4.49 -30.91
C LEU B 1164 -20.59 4.25 -29.93
N GLY B 1165 -20.94 3.89 -28.70
CA GLY B 1165 -19.94 3.54 -27.72
C GLY B 1165 -19.41 2.13 -27.91
N ILE B 1166 -18.14 2.03 -28.30
CA ILE B 1166 -17.46 0.74 -28.37
C ILE B 1166 -17.02 0.37 -26.97
N THR B 1167 -17.54 -0.73 -26.43
CA THR B 1167 -17.16 -1.13 -25.09
C THR B 1167 -15.73 -1.69 -25.08
N ILE B 1168 -15.16 -1.77 -23.89
CA ILE B 1168 -13.83 -2.36 -23.75
C ILE B 1168 -13.84 -3.80 -24.26
N MET B 1169 -14.91 -4.53 -23.99
CA MET B 1169 -14.99 -5.91 -24.46
C MET B 1169 -15.14 -5.98 -25.97
N GLU B 1170 -15.80 -4.99 -26.58
CA GLU B 1170 -16.00 -4.98 -28.03
C GLU B 1170 -14.79 -4.46 -28.79
N ARG B 1171 -13.81 -3.87 -28.11
CA ARG B 1171 -12.83 -3.02 -28.79
C ARG B 1171 -11.98 -3.82 -29.79
N SER B 1172 -11.48 -4.99 -29.38
CA SER B 1172 -10.64 -5.77 -30.28
C SER B 1172 -11.41 -6.18 -31.54
N SER B 1173 -12.66 -6.62 -31.37
CA SER B 1173 -13.48 -7.00 -32.51
C SER B 1173 -13.71 -5.81 -33.44
N PHE B 1174 -14.07 -4.66 -32.87
CA PHE B 1174 -14.32 -3.48 -33.69
C PHE B 1174 -13.08 -3.06 -34.45
N GLU B 1175 -11.91 -3.15 -33.83
CA GLU B 1175 -10.71 -2.69 -34.50
C GLU B 1175 -10.21 -3.69 -35.53
N LYS B 1176 -10.50 -4.99 -35.35
CA LYS B 1176 -10.06 -5.97 -36.33
C LYS B 1176 -10.75 -5.77 -37.68
N ASN B 1177 -12.01 -5.35 -37.67
CA ASN B 1177 -12.72 -5.00 -38.89
C ASN B 1177 -13.86 -4.05 -38.56
N PRO B 1178 -13.64 -2.74 -38.64
CA PRO B 1178 -14.69 -1.78 -38.23
C PRO B 1178 -15.98 -1.89 -39.04
N ILE B 1179 -15.87 -2.14 -40.35
CA ILE B 1179 -17.05 -2.16 -41.20
C ILE B 1179 -17.92 -3.37 -40.87
N ASP B 1180 -17.31 -4.54 -40.67
CA ASP B 1180 -18.08 -5.73 -40.31
C ASP B 1180 -18.71 -5.57 -38.94
N PHE B 1181 -17.97 -5.02 -37.98
CA PHE B 1181 -18.52 -4.78 -36.65
C PHE B 1181 -19.73 -3.86 -36.72
N LEU B 1182 -19.61 -2.76 -37.46
CA LEU B 1182 -20.70 -1.79 -37.54
C LEU B 1182 -21.90 -2.36 -38.28
N GLU B 1183 -21.66 -3.14 -39.34
CA GLU B 1183 -22.78 -3.75 -40.05
C GLU B 1183 -23.48 -4.80 -39.20
N ALA B 1184 -22.74 -5.51 -38.33
CA ALA B 1184 -23.38 -6.43 -37.41
C ALA B 1184 -24.28 -5.71 -36.42
N LYS B 1185 -23.98 -4.45 -36.11
CA LYS B 1185 -24.80 -3.67 -35.19
C LYS B 1185 -26.05 -3.09 -35.84
N GLY B 1186 -26.14 -3.09 -37.16
CA GLY B 1186 -27.30 -2.60 -37.88
C GLY B 1186 -27.01 -1.53 -38.92
N TYR B 1187 -25.85 -0.89 -38.84
CA TYR B 1187 -25.55 0.19 -39.78
C TYR B 1187 -25.24 -0.35 -41.17
N LYS B 1188 -25.73 0.36 -42.19
CA LYS B 1188 -25.55 -0.02 -43.58
C LYS B 1188 -24.93 1.15 -44.33
N GLU B 1189 -24.14 0.82 -45.35
CA GLU B 1189 -23.45 1.81 -46.18
C GLU B 1189 -22.70 2.82 -45.33
N VAL B 1190 -21.84 2.30 -44.46
CA VAL B 1190 -21.12 3.15 -43.53
C VAL B 1190 -20.06 3.95 -44.26
N LYS B 1191 -20.11 5.27 -44.12
CA LYS B 1191 -19.08 6.13 -44.66
C LYS B 1191 -17.77 5.87 -43.90
N LYS B 1192 -16.93 4.98 -44.45
CA LYS B 1192 -15.77 4.50 -43.72
C LYS B 1192 -14.80 5.63 -43.38
N ASP B 1193 -14.63 6.59 -44.29
CA ASP B 1193 -13.68 7.66 -44.05
C ASP B 1193 -14.20 8.69 -43.05
N LEU B 1194 -15.49 8.71 -42.78
CA LEU B 1194 -16.07 9.65 -41.83
C LEU B 1194 -16.18 9.07 -40.41
N ILE B 1195 -15.58 7.91 -40.16
CA ILE B 1195 -15.54 7.35 -38.82
C ILE B 1195 -14.52 8.11 -38.00
N ILE B 1196 -14.99 8.81 -36.96
CA ILE B 1196 -14.14 9.56 -36.06
C ILE B 1196 -14.07 8.83 -34.72
N LYS B 1197 -12.84 8.56 -34.28
CA LYS B 1197 -12.61 7.97 -32.96
C LYS B 1197 -12.67 9.07 -31.91
N LEU B 1198 -13.52 8.87 -30.89
CA LEU B 1198 -13.81 9.90 -29.90
C LEU B 1198 -13.59 9.32 -28.50
N PRO B 1199 -12.39 9.46 -27.95
CA PRO B 1199 -12.14 8.96 -26.60
C PRO B 1199 -12.83 9.84 -25.56
N LYS B 1200 -12.80 9.38 -24.32
CA LYS B 1200 -13.40 10.15 -23.24
C LYS B 1200 -12.72 11.51 -23.12
N TYR B 1201 -13.54 12.54 -22.87
CA TYR B 1201 -13.14 13.94 -22.73
C TYR B 1201 -12.86 14.60 -24.08
N SER B 1202 -13.37 14.04 -25.18
CA SER B 1202 -13.31 14.73 -26.46
C SER B 1202 -14.08 16.04 -26.38
N LEU B 1203 -13.50 17.08 -26.96
CA LEU B 1203 -13.96 18.46 -26.77
C LEU B 1203 -14.84 18.90 -27.93
N PHE B 1204 -16.01 19.46 -27.61
CA PHE B 1204 -16.91 20.04 -28.58
C PHE B 1204 -17.28 21.46 -28.15
N GLU B 1205 -17.32 22.37 -29.12
CA GLU B 1205 -17.81 23.72 -28.93
C GLU B 1205 -19.11 23.90 -29.69
N LEU B 1206 -20.09 24.51 -29.03
CA LEU B 1206 -21.39 24.78 -29.62
C LEU B 1206 -21.58 26.29 -29.77
N GLU B 1207 -22.73 26.82 -29.37
CA GLU B 1207 -23.01 28.24 -29.55
C GLU B 1207 -22.54 29.03 -28.33
N ASN B 1208 -22.20 30.30 -28.57
CA ASN B 1208 -21.84 31.25 -27.51
C ASN B 1208 -20.64 30.76 -26.70
N GLY B 1209 -19.72 30.07 -27.36
CA GLY B 1209 -18.57 29.54 -26.66
C GLY B 1209 -18.86 28.40 -25.71
N ARG B 1210 -20.08 27.86 -25.75
CA ARG B 1210 -20.46 26.78 -24.86
C ARG B 1210 -19.75 25.50 -25.26
N LYS B 1211 -19.12 24.84 -24.29
CA LYS B 1211 -18.30 23.67 -24.55
C LYS B 1211 -18.79 22.47 -23.75
N ARG B 1212 -18.63 21.30 -24.36
CA ARG B 1212 -18.99 20.01 -23.79
C ARG B 1212 -17.84 19.04 -23.97
N MET B 1213 -17.66 18.15 -23.00
CA MET B 1213 -16.71 17.06 -23.13
C MET B 1213 -17.45 15.73 -23.18
N LEU B 1214 -16.91 14.79 -23.93
CA LEU B 1214 -17.52 13.46 -24.01
C LEU B 1214 -17.28 12.72 -22.69
N ALA B 1215 -18.35 12.54 -21.92
CA ALA B 1215 -18.25 11.67 -20.75
C ALA B 1215 -18.36 10.21 -21.11
N SER B 1216 -18.92 9.92 -22.28
CA SER B 1216 -19.38 8.60 -22.68
C SER B 1216 -20.05 8.73 -24.03
N ALA B 1217 -20.68 7.66 -24.51
CA ALA B 1217 -21.43 7.77 -25.76
C ALA B 1217 -22.78 8.46 -25.55
N GLY B 1218 -23.31 8.42 -24.32
CA GLY B 1218 -24.61 9.00 -24.05
C GLY B 1218 -24.65 10.03 -22.93
N GLU B 1219 -23.49 10.60 -22.57
CA GLU B 1219 -23.46 11.63 -21.54
C GLU B 1219 -22.33 12.60 -21.83
N LEU B 1220 -22.49 13.83 -21.34
CA LEU B 1220 -21.53 14.90 -21.54
C LEU B 1220 -21.11 15.50 -20.19
N GLN B 1221 -19.95 16.14 -20.20
CA GLN B 1221 -19.42 16.89 -19.08
C GLN B 1221 -19.31 18.36 -19.45
N LYS B 1222 -19.30 19.21 -18.43
CA LYS B 1222 -19.08 20.64 -18.66
C LYS B 1222 -17.70 20.85 -19.26
N GLY B 1223 -17.63 21.70 -20.29
CA GLY B 1223 -16.41 21.91 -21.04
C GLY B 1223 -15.79 23.29 -20.95
N ASN B 1224 -16.28 24.16 -20.08
CA ASN B 1224 -15.81 25.53 -20.00
C ASN B 1224 -15.15 25.79 -18.64
N GLU B 1225 -14.36 26.86 -18.60
CA GLU B 1225 -13.77 27.36 -17.36
C GLU B 1225 -14.36 28.73 -17.07
N LEU B 1226 -14.66 28.99 -15.80
CA LEU B 1226 -15.16 30.29 -15.37
C LEU B 1226 -13.98 31.16 -14.98
N ALA B 1227 -13.66 32.12 -15.85
CA ALA B 1227 -12.54 33.05 -15.61
C ALA B 1227 -13.02 34.18 -14.71
N LEU B 1228 -13.08 33.90 -13.41
CA LEU B 1228 -13.49 34.91 -12.46
C LEU B 1228 -12.38 35.95 -12.32
N PRO B 1229 -12.70 37.25 -12.41
CA PRO B 1229 -11.67 38.28 -12.33
C PRO B 1229 -10.88 38.22 -11.03
N SER B 1230 -9.67 38.79 -11.07
CA SER B 1230 -8.74 38.65 -9.97
C SER B 1230 -9.25 39.34 -8.70
N LYS B 1231 -9.92 40.48 -8.84
CA LYS B 1231 -10.42 41.18 -7.67
C LYS B 1231 -11.40 40.30 -6.89
N TYR B 1232 -12.26 39.58 -7.60
CA TYR B 1232 -13.21 38.69 -6.94
C TYR B 1232 -12.50 37.50 -6.30
N VAL B 1233 -11.46 36.98 -6.96
CA VAL B 1233 -10.73 35.84 -6.39
C VAL B 1233 -10.04 36.24 -5.09
N ASN B 1234 -9.35 37.38 -5.11
CA ASN B 1234 -8.66 37.85 -3.91
C ASN B 1234 -9.65 38.20 -2.81
N PHE B 1235 -10.78 38.83 -3.18
CA PHE B 1235 -11.80 39.13 -2.19
C PHE B 1235 -12.35 37.85 -1.56
N LEU B 1236 -12.57 36.82 -2.38
CA LEU B 1236 -13.06 35.56 -1.85
C LEU B 1236 -12.05 34.93 -0.91
N TYR B 1237 -10.77 34.94 -1.28
CA TYR B 1237 -9.73 34.41 -0.41
C TYR B 1237 -9.72 35.12 0.93
N LEU B 1238 -9.74 36.46 0.91
CA LEU B 1238 -9.64 37.21 2.16
C LEU B 1238 -10.91 37.09 2.99
N ALA B 1239 -12.07 37.14 2.35
CA ALA B 1239 -13.33 37.14 3.07
C ALA B 1239 -13.63 35.78 3.69
N SER B 1240 -13.26 34.70 3.00
CA SER B 1240 -13.49 33.36 3.52
C SER B 1240 -12.47 32.94 4.57
N HIS B 1241 -11.47 33.79 4.86
CA HIS B 1241 -10.33 33.41 5.70
C HIS B 1241 -9.68 32.13 5.18
N TYR B 1242 -9.60 32.03 3.85
CA TYR B 1242 -8.79 31.01 3.19
C TYR B 1242 -7.36 31.07 3.72
N GLU B 1243 -6.83 29.91 4.09
CA GLU B 1243 -5.50 29.79 4.73
C GLU B 1243 -5.55 30.61 6.02
N LYS B 1244 -4.57 31.46 6.30
CA LYS B 1244 -4.56 32.28 7.50
C LYS B 1244 -4.18 33.71 7.14
N LEU B 1245 -4.72 34.66 7.91
CA LEU B 1245 -4.45 36.06 7.66
C LEU B 1245 -3.05 36.43 8.14
N LYS B 1246 -2.63 35.88 9.29
CA LYS B 1246 -1.30 36.01 9.85
C LYS B 1246 -0.77 37.45 9.78
N GLY B 1247 0.48 37.60 9.37
CA GLY B 1247 1.06 38.92 9.20
C GLY B 1247 1.07 39.69 10.50
N SER B 1248 0.51 40.90 10.46
CA SER B 1248 0.42 41.84 11.56
C SER B 1248 -1.03 42.17 11.85
N PRO B 1249 -1.39 42.48 13.11
CA PRO B 1249 -2.78 42.86 13.39
C PRO B 1249 -3.24 44.09 12.64
N GLU B 1250 -2.34 45.03 12.36
CA GLU B 1250 -2.72 46.18 11.53
C GLU B 1250 -3.00 45.76 10.09
N ASP B 1251 -2.21 44.83 9.56
CA ASP B 1251 -2.48 44.31 8.22
C ASP B 1251 -3.75 43.47 8.21
N ASN B 1252 -3.99 42.70 9.27
CA ASN B 1252 -5.27 41.99 9.40
C ASN B 1252 -6.44 42.97 9.38
N GLU B 1253 -6.30 44.10 10.08
CA GLU B 1253 -7.36 45.09 10.09
C GLU B 1253 -7.55 45.72 8.71
N GLN B 1254 -6.45 45.97 8.00
CA GLN B 1254 -6.58 46.51 6.66
C GLN B 1254 -7.30 45.54 5.72
N LYS B 1255 -6.97 44.25 5.82
CA LYS B 1255 -7.66 43.26 4.98
C LYS B 1255 -9.14 43.14 5.37
N GLN B 1256 -9.45 43.17 6.66
CA GLN B 1256 -10.84 43.13 7.09
C GLN B 1256 -11.60 44.36 6.62
N LEU B 1257 -10.98 45.54 6.70
CA LEU B 1257 -11.61 46.76 6.23
C LEU B 1257 -11.82 46.73 4.73
N PHE B 1258 -10.89 46.14 3.98
CA PHE B 1258 -11.10 45.99 2.55
C PHE B 1258 -12.27 45.06 2.26
N VAL B 1259 -12.35 43.95 2.99
CA VAL B 1259 -13.47 43.03 2.82
C VAL B 1259 -14.79 43.75 3.05
N GLU B 1260 -14.88 44.52 4.12
CA GLU B 1260 -16.13 45.20 4.44
C GLU B 1260 -16.42 46.36 3.50
N GLN B 1261 -15.38 47.01 2.98
CA GLN B 1261 -15.58 48.09 2.01
C GLN B 1261 -16.01 47.58 0.65
N HIS B 1262 -15.77 46.31 0.36
CA HIS B 1262 -16.09 45.71 -0.94
C HIS B 1262 -17.13 44.60 -0.80
N LYS B 1263 -18.06 44.75 0.15
CA LYS B 1263 -19.07 43.72 0.38
C LYS B 1263 -19.96 43.52 -0.84
N HIS B 1264 -20.20 44.59 -1.61
CA HIS B 1264 -21.03 44.49 -2.80
C HIS B 1264 -20.50 43.42 -3.75
N TYR B 1265 -19.18 43.17 -3.73
CA TYR B 1265 -18.58 42.11 -4.54
C TYR B 1265 -19.38 40.83 -4.48
N LEU B 1266 -19.91 40.48 -3.29
CA LEU B 1266 -20.72 39.28 -3.14
C LEU B 1266 -21.74 39.19 -4.26
N ASP B 1267 -22.66 40.15 -4.33
CA ASP B 1267 -23.65 40.15 -5.39
C ASP B 1267 -22.98 40.06 -6.76
N GLU B 1268 -21.97 40.91 -7.00
CA GLU B 1268 -21.28 40.87 -8.28
C GLU B 1268 -20.79 39.46 -8.59
N ILE B 1269 -20.17 38.80 -7.61
CA ILE B 1269 -19.70 37.43 -7.85
C ILE B 1269 -20.86 36.55 -8.29
N ILE B 1270 -21.96 36.56 -7.52
CA ILE B 1270 -23.14 35.81 -7.91
C ILE B 1270 -23.51 36.12 -9.35
N GLU B 1271 -23.57 37.42 -9.68
CA GLU B 1271 -23.94 37.83 -11.02
C GLU B 1271 -23.05 37.14 -12.05
N GLN B 1272 -21.73 37.20 -11.84
CA GLN B 1272 -20.82 36.52 -12.74
C GLN B 1272 -21.23 35.07 -12.92
N ILE B 1273 -21.33 34.34 -11.80
CA ILE B 1273 -21.73 32.94 -11.84
C ILE B 1273 -23.01 32.79 -12.67
N SER B 1274 -24.00 33.63 -12.36
CA SER B 1274 -25.28 33.54 -13.06
C SER B 1274 -25.08 33.72 -14.56
N GLU B 1275 -24.40 34.81 -14.95
CA GLU B 1275 -24.23 35.06 -16.38
C GLU B 1275 -23.44 33.93 -17.04
N PHE B 1276 -22.55 33.29 -16.28
CA PHE B 1276 -21.85 32.13 -16.81
C PHE B 1276 -22.79 30.95 -16.96
N SER B 1277 -23.57 30.66 -15.92
CA SER B 1277 -24.40 29.46 -15.93
C SER B 1277 -25.48 29.54 -17.00
N LYS B 1278 -26.05 30.73 -17.20
CA LYS B 1278 -27.05 30.90 -18.26
C LYS B 1278 -26.43 30.78 -19.63
N ARG B 1279 -25.15 31.10 -19.78
CA ARG B 1279 -24.52 31.00 -21.09
C ARG B 1279 -24.03 29.59 -21.41
N VAL B 1280 -23.55 28.86 -20.39
CA VAL B 1280 -22.72 27.70 -20.65
C VAL B 1280 -23.17 26.47 -19.87
N ILE B 1281 -23.67 26.65 -18.64
CA ILE B 1281 -24.04 25.50 -17.81
C ILE B 1281 -25.42 24.98 -18.19
N LEU B 1282 -26.42 25.86 -18.28
CA LEU B 1282 -27.78 25.51 -18.70
C LEU B 1282 -28.44 24.52 -17.74
N ALA B 1283 -28.52 24.92 -16.48
CA ALA B 1283 -29.24 24.19 -15.44
C ALA B 1283 -30.19 25.18 -14.77
N ASP B 1284 -31.34 25.41 -15.41
CA ASP B 1284 -32.29 26.42 -14.93
C ASP B 1284 -32.73 26.15 -13.50
N ALA B 1285 -33.13 24.90 -13.23
CA ALA B 1285 -33.61 24.55 -11.90
C ALA B 1285 -32.53 24.77 -10.84
N ASN B 1286 -31.32 24.27 -11.09
CA ASN B 1286 -30.26 24.41 -10.11
C ASN B 1286 -29.85 25.86 -9.92
N LEU B 1287 -29.78 26.63 -11.00
CA LEU B 1287 -29.42 28.04 -10.88
C LEU B 1287 -30.47 28.81 -10.09
N ASP B 1288 -31.75 28.52 -10.32
CA ASP B 1288 -32.79 29.20 -9.56
C ASP B 1288 -32.74 28.81 -8.08
N LYS B 1289 -32.53 27.53 -7.80
CA LYS B 1289 -32.40 27.09 -6.43
C LYS B 1289 -31.21 27.76 -5.75
N VAL B 1290 -30.12 27.95 -6.49
CA VAL B 1290 -28.93 28.58 -5.93
C VAL B 1290 -29.17 30.06 -5.66
N LEU B 1291 -29.84 30.75 -6.58
CA LEU B 1291 -30.16 32.15 -6.36
C LEU B 1291 -31.06 32.32 -5.14
N SER B 1292 -32.05 31.43 -4.99
CA SER B 1292 -32.90 31.47 -3.80
C SER B 1292 -32.09 31.22 -2.53
N ALA B 1293 -31.16 30.27 -2.57
CA ALA B 1293 -30.35 29.96 -1.40
C ALA B 1293 -29.45 31.14 -1.03
N TYR B 1294 -28.89 31.83 -2.03
CA TYR B 1294 -28.07 32.99 -1.74
C TYR B 1294 -28.89 34.13 -1.16
N ASN B 1295 -30.07 34.39 -1.75
CA ASN B 1295 -30.94 35.44 -1.21
C ASN B 1295 -31.53 35.06 0.14
N LYS B 1296 -31.49 33.79 0.52
CA LYS B 1296 -32.00 33.37 1.82
C LYS B 1296 -31.01 33.65 2.95
N HIS B 1297 -29.71 33.54 2.68
CA HIS B 1297 -28.67 33.67 3.70
C HIS B 1297 -27.90 34.98 3.61
N ARG B 1298 -28.57 36.05 3.18
CA ARG B 1298 -27.87 37.33 3.04
C ARG B 1298 -27.60 38.01 4.38
N ASP B 1299 -28.32 37.63 5.43
CA ASP B 1299 -28.03 38.14 6.77
C ASP B 1299 -26.95 37.32 7.49
N LYS B 1300 -26.45 36.26 6.86
CA LYS B 1300 -25.38 35.48 7.45
C LYS B 1300 -24.08 36.28 7.48
N PRO B 1301 -23.17 35.93 8.39
CA PRO B 1301 -21.87 36.62 8.42
C PRO B 1301 -21.17 36.54 7.07
N ILE B 1302 -20.34 37.55 6.79
CA ILE B 1302 -19.67 37.65 5.49
C ILE B 1302 -18.72 36.48 5.28
N ARG B 1303 -17.99 36.09 6.33
CA ARG B 1303 -17.06 34.97 6.20
C ARG B 1303 -17.78 33.70 5.76
N GLU B 1304 -18.93 33.41 6.37
CA GLU B 1304 -19.65 32.18 6.03
C GLU B 1304 -20.27 32.25 4.65
N GLN B 1305 -20.82 33.42 4.28
CA GLN B 1305 -21.35 33.59 2.94
C GLN B 1305 -20.26 33.37 1.89
N ALA B 1306 -19.04 33.86 2.15
CA ALA B 1306 -17.95 33.65 1.21
C ALA B 1306 -17.54 32.19 1.16
N GLU B 1307 -17.46 31.53 2.33
CA GLU B 1307 -17.12 30.11 2.38
C GLU B 1307 -18.10 29.29 1.53
N ASN B 1308 -19.38 29.66 1.55
CA ASN B 1308 -20.36 28.89 0.78
C ASN B 1308 -20.40 29.31 -0.70
N ILE B 1309 -20.10 30.58 -1.00
CA ILE B 1309 -19.89 30.96 -2.39
C ILE B 1309 -18.78 30.11 -3.01
N ILE B 1310 -17.76 29.76 -2.21
CA ILE B 1310 -16.73 28.84 -2.69
C ILE B 1310 -17.35 27.54 -3.16
N HIS B 1311 -18.30 27.00 -2.39
CA HIS B 1311 -18.99 25.78 -2.79
C HIS B 1311 -19.79 25.97 -4.07
N LEU B 1312 -20.31 27.17 -4.29
CA LEU B 1312 -21.13 27.42 -5.47
C LEU B 1312 -20.40 27.09 -6.78
N PHE B 1313 -19.07 27.17 -6.81
CA PHE B 1313 -18.35 27.00 -8.06
C PHE B 1313 -18.36 25.57 -8.58
N THR B 1314 -18.82 24.60 -7.78
CA THR B 1314 -19.01 23.26 -8.31
C THR B 1314 -20.03 23.25 -9.44
N LEU B 1315 -20.99 24.17 -9.40
CA LEU B 1315 -21.96 24.29 -10.48
C LEU B 1315 -21.28 24.61 -11.80
N THR B 1316 -20.22 25.41 -11.77
CA THR B 1316 -19.57 25.91 -12.96
C THR B 1316 -18.26 25.20 -13.29
N ASN B 1317 -17.75 24.38 -12.38
CA ASN B 1317 -16.44 23.75 -12.56
C ASN B 1317 -16.41 22.89 -13.82
N LEU B 1318 -15.24 22.83 -14.44
CA LEU B 1318 -15.03 21.97 -15.59
C LEU B 1318 -15.17 20.50 -15.18
N GLY B 1319 -15.71 19.70 -16.09
CA GLY B 1319 -15.76 18.26 -15.88
C GLY B 1319 -17.12 17.68 -15.57
N ALA B 1320 -17.13 16.54 -14.88
CA ALA B 1320 -18.38 15.88 -14.56
C ALA B 1320 -19.18 16.69 -13.55
N PRO B 1321 -20.50 16.82 -13.73
CA PRO B 1321 -21.31 17.52 -12.74
C PRO B 1321 -21.34 16.77 -11.42
N ALA B 1322 -21.42 17.54 -10.33
CA ALA B 1322 -21.41 16.97 -8.99
C ALA B 1322 -22.34 17.77 -8.10
N ALA B 1323 -22.77 17.16 -7.00
CA ALA B 1323 -23.65 17.82 -6.06
C ALA B 1323 -22.83 18.74 -5.14
N PHE B 1324 -23.51 19.74 -4.59
CA PHE B 1324 -22.83 20.67 -3.69
C PHE B 1324 -23.83 21.29 -2.74
N LYS B 1325 -23.35 21.71 -1.58
CA LYS B 1325 -24.19 22.32 -0.56
C LYS B 1325 -23.89 23.80 -0.42
N TYR B 1326 -24.92 24.63 -0.55
CA TYR B 1326 -24.86 26.04 -0.17
C TYR B 1326 -25.55 26.17 1.19
N PHE B 1327 -24.76 26.42 2.23
CA PHE B 1327 -25.21 26.40 3.62
C PHE B 1327 -25.83 25.03 3.87
N ASP B 1328 -27.10 24.93 4.28
CA ASP B 1328 -27.73 23.64 4.49
C ASP B 1328 -28.61 23.21 3.33
N THR B 1329 -28.62 23.96 2.23
CA THR B 1329 -29.38 23.57 1.05
C THR B 1329 -28.49 22.75 0.12
N THR B 1330 -29.02 21.61 -0.33
CA THR B 1330 -28.27 20.70 -1.19
C THR B 1330 -28.74 20.83 -2.63
N ILE B 1331 -27.79 20.99 -3.55
CA ILE B 1331 -28.04 21.09 -4.98
C ILE B 1331 -27.50 19.82 -5.62
N ASP B 1332 -28.40 19.00 -6.15
CA ASP B 1332 -28.02 17.80 -6.87
C ASP B 1332 -27.55 18.15 -8.27
N ARG B 1333 -26.66 17.31 -8.79
CA ARG B 1333 -26.03 17.59 -10.07
C ARG B 1333 -27.04 17.51 -11.21
N LYS B 1334 -26.94 18.48 -12.12
CA LYS B 1334 -27.66 18.44 -13.39
C LYS B 1334 -26.77 17.75 -14.41
N ARG B 1335 -27.24 16.63 -14.95
CA ARG B 1335 -26.47 15.81 -15.87
C ARG B 1335 -26.88 16.08 -17.32
N TYR B 1336 -25.95 15.83 -18.22
CA TYR B 1336 -26.15 16.00 -19.66
C TYR B 1336 -26.30 14.61 -20.27
N THR B 1337 -27.50 14.07 -20.16
CA THR B 1337 -27.79 12.68 -20.48
C THR B 1337 -27.99 12.43 -21.97
N SER B 1338 -27.68 13.40 -22.84
CA SER B 1338 -27.83 13.23 -24.27
C SER B 1338 -26.63 13.82 -24.99
N THR B 1339 -26.13 13.10 -26.00
CA THR B 1339 -24.98 13.54 -26.78
C THR B 1339 -25.36 13.93 -28.21
N LYS B 1340 -26.64 14.13 -28.49
CA LYS B 1340 -27.07 14.40 -29.86
C LYS B 1340 -26.45 15.69 -30.39
N GLU B 1341 -26.40 16.73 -29.56
CA GLU B 1341 -26.04 18.06 -30.05
C GLU B 1341 -24.62 18.10 -30.59
N VAL B 1342 -23.68 17.39 -29.94
CA VAL B 1342 -22.29 17.43 -30.43
C VAL B 1342 -22.18 16.83 -31.83
N LEU B 1343 -23.19 16.09 -32.29
CA LEU B 1343 -23.15 15.57 -33.65
C LEU B 1343 -23.23 16.67 -34.70
N ASP B 1344 -23.59 17.89 -34.31
CA ASP B 1344 -23.61 19.02 -35.24
C ASP B 1344 -22.74 20.18 -34.76
N ALA B 1345 -22.00 20.00 -33.68
CA ALA B 1345 -21.17 21.06 -33.11
C ALA B 1345 -19.80 21.04 -33.79
N THR B 1346 -18.84 21.75 -33.21
CA THR B 1346 -17.47 21.76 -33.70
C THR B 1346 -16.62 20.91 -32.78
N LEU B 1347 -15.97 19.89 -33.33
CA LEU B 1347 -15.06 19.05 -32.57
C LEU B 1347 -13.67 19.66 -32.58
N ILE B 1348 -13.03 19.74 -31.42
CA ILE B 1348 -11.73 20.38 -31.29
C ILE B 1348 -10.72 19.31 -30.87
N HIS B 1349 -9.75 19.03 -31.75
CA HIS B 1349 -8.57 18.27 -31.39
C HIS B 1349 -7.49 19.24 -30.92
N GLN B 1350 -6.92 18.98 -29.75
CA GLN B 1350 -5.90 19.84 -29.17
C GLN B 1350 -4.60 19.08 -29.00
N SER B 1351 -3.48 19.76 -29.25
CA SER B 1351 -2.18 19.24 -28.88
C SER B 1351 -2.05 19.23 -27.36
N ILE B 1352 -0.91 18.75 -26.87
CA ILE B 1352 -0.77 18.54 -25.42
C ILE B 1352 -0.85 19.87 -24.67
N THR B 1353 -0.34 20.95 -25.28
CA THR B 1353 -0.50 22.28 -24.69
C THR B 1353 -1.82 22.92 -25.04
N GLY B 1354 -2.50 22.43 -26.07
CA GLY B 1354 -3.69 23.07 -26.59
C GLY B 1354 -3.42 24.26 -27.49
N LEU B 1355 -2.14 24.57 -27.75
CA LEU B 1355 -1.82 25.69 -28.63
C LEU B 1355 -2.11 25.36 -30.08
N TYR B 1356 -1.99 24.10 -30.47
CA TYR B 1356 -2.30 23.65 -31.82
C TYR B 1356 -3.68 22.98 -31.81
N GLU B 1357 -4.58 23.47 -32.66
CA GLU B 1357 -5.95 22.98 -32.72
C GLU B 1357 -6.30 22.54 -34.13
N THR B 1358 -7.12 21.50 -34.23
CA THR B 1358 -7.83 21.13 -35.45
C THR B 1358 -9.31 21.12 -35.15
N ARG B 1359 -10.06 22.00 -35.81
CA ARG B 1359 -11.49 22.15 -35.55
C ARG B 1359 -12.28 21.59 -36.72
N ILE B 1360 -13.25 20.72 -36.42
CA ILE B 1360 -14.03 20.01 -37.42
C ILE B 1360 -15.50 20.35 -37.20
N ASP B 1361 -16.08 21.09 -38.14
CA ASP B 1361 -17.52 21.36 -38.12
C ASP B 1361 -18.25 20.07 -38.43
N LEU B 1362 -18.84 19.45 -37.41
CA LEU B 1362 -19.56 18.20 -37.63
C LEU B 1362 -20.91 18.41 -38.30
N SER B 1363 -21.41 19.65 -38.37
CA SER B 1363 -22.67 19.88 -39.06
C SER B 1363 -22.56 19.59 -40.55
N GLN B 1364 -21.36 19.72 -41.12
CA GLN B 1364 -21.11 19.42 -42.52
C GLN B 1364 -21.02 17.93 -42.81
N LEU B 1365 -21.43 17.08 -41.88
CA LEU B 1365 -21.42 15.64 -42.06
C LEU B 1365 -22.84 15.10 -41.99
N GLY B 1366 -23.14 14.16 -42.89
CA GLY B 1366 -24.46 13.55 -42.93
C GLY B 1366 -25.52 14.38 -43.62
N GLY B 1367 -25.13 15.32 -44.49
CA GLY B 1367 -26.07 16.19 -45.16
C GLY B 1367 -27.09 15.47 -46.02
MG MG E . -19.94 -20.81 -2.10
MG MG F . -11.96 -19.38 -17.18
K K G . -4.99 2.89 -19.33
K K H . -4.95 15.88 -26.73
K K I . -35.26 -25.31 -5.45
K K J . -8.18 4.46 -15.15
K K K . 16.23 -17.77 3.21
K K L . -28.50 -14.19 2.89
K K M . 27.90 -36.78 10.57
K K N . -6.41 -16.96 41.49
K K O . -34.29 -31.70 -20.99
K K P . 26.36 3.48 17.37
#